data_3F89
# 
_entry.id   3F89 
# 
_audit_conform.dict_name       mmcif_pdbx.dic 
_audit_conform.dict_version    5.383 
_audit_conform.dict_location   http://mmcif.pdb.org/dictionaries/ascii/mmcif_pdbx.dic 
# 
loop_
_database_2.database_id 
_database_2.database_code 
_database_2.pdbx_database_accession 
_database_2.pdbx_DOI 
PDB   3F89         pdb_00003f89 10.2210/pdb3f89/pdb 
RCSB  RCSB050270   ?            ?                   
WWPDB D_1000050270 ?            ?                   
# 
loop_
_pdbx_audit_revision_history.ordinal 
_pdbx_audit_revision_history.data_content_type 
_pdbx_audit_revision_history.major_revision 
_pdbx_audit_revision_history.minor_revision 
_pdbx_audit_revision_history.revision_date 
1 'Structure model' 1 0 2009-03-24 
2 'Structure model' 1 1 2011-07-13 
3 'Structure model' 1 2 2017-11-01 
4 'Structure model' 1 3 2021-11-10 
5 'Structure model' 1 4 2023-12-27 
# 
_pdbx_audit_revision_details.ordinal             1 
_pdbx_audit_revision_details.revision_ordinal    1 
_pdbx_audit_revision_details.data_content_type   'Structure model' 
_pdbx_audit_revision_details.provider            repository 
_pdbx_audit_revision_details.type                'Initial release' 
_pdbx_audit_revision_details.description         ? 
_pdbx_audit_revision_details.details             ? 
# 
loop_
_pdbx_audit_revision_group.ordinal 
_pdbx_audit_revision_group.revision_ordinal 
_pdbx_audit_revision_group.data_content_type 
_pdbx_audit_revision_group.group 
1 2 'Structure model' 'Version format compliance' 
2 3 'Structure model' 'Refinement description'    
3 4 'Structure model' 'Database references'       
4 5 'Structure model' 'Data collection'           
# 
loop_
_pdbx_audit_revision_category.ordinal 
_pdbx_audit_revision_category.revision_ordinal 
_pdbx_audit_revision_category.data_content_type 
_pdbx_audit_revision_category.category 
1 3 'Structure model' software           
2 4 'Structure model' database_2         
3 4 'Structure model' struct_ref_seq_dif 
4 5 'Structure model' chem_comp_atom     
5 5 'Structure model' chem_comp_bond     
# 
loop_
_pdbx_audit_revision_item.ordinal 
_pdbx_audit_revision_item.revision_ordinal 
_pdbx_audit_revision_item.data_content_type 
_pdbx_audit_revision_item.item 
1 4 'Structure model' '_database_2.pdbx_DOI'                
2 4 'Structure model' '_database_2.pdbx_database_accession' 
3 4 'Structure model' '_struct_ref_seq_dif.details'         
# 
_pdbx_database_status.entry_id                        3F89 
_pdbx_database_status.deposit_site                    RCSB 
_pdbx_database_status.process_site                    PDBJ 
_pdbx_database_status.recvd_initial_deposition_date   2008-11-11 
_pdbx_database_status.status_code                     REL 
_pdbx_database_status.status_code_sf                  REL 
_pdbx_database_status.status_code_mr                  ? 
_pdbx_database_status.SG_entry                        ? 
_pdbx_database_status.pdb_format_compatible           Y 
_pdbx_database_status.status_code_cs                  ? 
_pdbx_database_status.methods_development_category    ? 
_pdbx_database_status.status_code_nmr_data            ? 
# 
loop_
_pdbx_database_related.db_name 
_pdbx_database_related.db_id 
_pdbx_database_related.details 
_pdbx_database_related.content_type 
PDB 2ZVN . unspecified 
PDB 2ZVO . unspecified 
# 
loop_
_audit_author.name 
_audit_author.pdbx_ordinal 
'Rahighi, S.'   1  
'Ikeda, F.'     2  
'Kawasaki, M.'  3  
'Akutsu, M.'    4  
'Suzuki, N.'    5  
'Kato, R.'      6  
'Kensche, T.'   7  
'Uejima, T.'    8  
'Bloor, S.'     9  
'Komander, D.'  10 
'Randow, F.'    11 
'Wakatsuki, S.' 12 
'Dikic, I.'     13 
# 
_citation.id                        primary 
_citation.title                     'Specific recognition of linear ubiquitin chains by NEMO is important for NF-kappaB activation' 
_citation.journal_abbrev            'Cell(Cambridge,Mass.)' 
_citation.journal_volume            136 
_citation.page_first                1098 
_citation.page_last                 1109 
_citation.year                      2009 
_citation.journal_id_ASTM           CELLB5 
_citation.country                   US 
_citation.journal_id_ISSN           0092-8674 
_citation.journal_id_CSD            0998 
_citation.book_publisher            ? 
_citation.pdbx_database_id_PubMed   19303852 
_citation.pdbx_database_id_DOI      10.1016/j.cell.2009.03.007 
# 
loop_
_citation_author.citation_id 
_citation_author.name 
_citation_author.ordinal 
_citation_author.identifier_ORCID 
primary 'Rahighi, S.'   1  ? 
primary 'Ikeda, F.'     2  ? 
primary 'Kawasaki, M.'  3  ? 
primary 'Akutsu, M.'    4  ? 
primary 'Suzuki, N.'    5  ? 
primary 'Kato, R.'      6  ? 
primary 'Kensche, T.'   7  ? 
primary 'Uejima, T.'    8  ? 
primary 'Bloor, S.'     9  ? 
primary 'Komander, D.'  10 ? 
primary 'Randow, F.'    11 ? 
primary 'Wakatsuki, S.' 12 ? 
primary 'Dikic, I.'     13 ? 
# 
loop_
_entity.id 
_entity.type 
_entity.src_method 
_entity.pdbx_description 
_entity.formula_weight 
_entity.pdbx_number_of_molecules 
_entity.pdbx_ec 
_entity.pdbx_mutation 
_entity.pdbx_fragment 
_entity.details 
1 polymer man 'NF-kappa-B essential modulator' 10777.210 2  ? K285N 'CC2-LZ, CoZi domain' ? 
2 water   nat water                            18.015    69 ? ?     ?                     ? 
# 
_entity_name_com.entity_id   1 
_entity_name_com.name        
;NEMO, NF-kappa-B essential modifier, Inhibitor of nuclear factor kappa-B kinase subunit gamma, IkB kinase subunit gamma, I-kappa-B kinase gamma, IKK-gamma, IKKG, IkB kinase-associated protein 1, IKKAP1, mFIP-3
;
# 
_entity_poly.entity_id                      1 
_entity_poly.type                           'polypeptide(L)' 
_entity_poly.nstd_linkage                   no 
_entity_poly.nstd_monomer                   no 
_entity_poly.pdbx_seq_one_letter_code       
;GSGMQLEDLRQQLQQAEEALVAKQELIDKLKEEAEQHNIVMETVPVLKAQADIYKADFQAERHAREKLVEKKEYLQEQLE
QLQREFNKLKVG
;
_entity_poly.pdbx_seq_one_letter_code_can   
;GSGMQLEDLRQQLQQAEEALVAKQELIDKLKEEAEQHNIVMETVPVLKAQADIYKADFQAERHAREKLVEKKEYLQEQLE
QLQREFNKLKVG
;
_entity_poly.pdbx_strand_id                 A,B 
_entity_poly.pdbx_target_identifier         ? 
# 
_pdbx_entity_nonpoly.entity_id   2 
_pdbx_entity_nonpoly.name        water 
_pdbx_entity_nonpoly.comp_id     HOH 
# 
loop_
_entity_poly_seq.entity_id 
_entity_poly_seq.num 
_entity_poly_seq.mon_id 
_entity_poly_seq.hetero 
1 1  GLY n 
1 2  SER n 
1 3  GLY n 
1 4  MET n 
1 5  GLN n 
1 6  LEU n 
1 7  GLU n 
1 8  ASP n 
1 9  LEU n 
1 10 ARG n 
1 11 GLN n 
1 12 GLN n 
1 13 LEU n 
1 14 GLN n 
1 15 GLN n 
1 16 ALA n 
1 17 GLU n 
1 18 GLU n 
1 19 ALA n 
1 20 LEU n 
1 21 VAL n 
1 22 ALA n 
1 23 LYS n 
1 24 GLN n 
1 25 GLU n 
1 26 LEU n 
1 27 ILE n 
1 28 ASP n 
1 29 LYS n 
1 30 LEU n 
1 31 LYS n 
1 32 GLU n 
1 33 GLU n 
1 34 ALA n 
1 35 GLU n 
1 36 GLN n 
1 37 HIS n 
1 38 ASN n 
1 39 ILE n 
1 40 VAL n 
1 41 MET n 
1 42 GLU n 
1 43 THR n 
1 44 VAL n 
1 45 PRO n 
1 46 VAL n 
1 47 LEU n 
1 48 LYS n 
1 49 ALA n 
1 50 GLN n 
1 51 ALA n 
1 52 ASP n 
1 53 ILE n 
1 54 TYR n 
1 55 LYS n 
1 56 ALA n 
1 57 ASP n 
1 58 PHE n 
1 59 GLN n 
1 60 ALA n 
1 61 GLU n 
1 62 ARG n 
1 63 HIS n 
1 64 ALA n 
1 65 ARG n 
1 66 GLU n 
1 67 LYS n 
1 68 LEU n 
1 69 VAL n 
1 70 GLU n 
1 71 LYS n 
1 72 LYS n 
1 73 GLU n 
1 74 TYR n 
1 75 LEU n 
1 76 GLN n 
1 77 GLU n 
1 78 GLN n 
1 79 LEU n 
1 80 GLU n 
1 81 GLN n 
1 82 LEU n 
1 83 GLN n 
1 84 ARG n 
1 85 GLU n 
1 86 PHE n 
1 87 ASN n 
1 88 LYS n 
1 89 LEU n 
1 90 LYS n 
1 91 VAL n 
1 92 GLY n 
# 
_entity_src_gen.entity_id                          1 
_entity_src_gen.pdbx_src_id                        1 
_entity_src_gen.pdbx_alt_source_flag               sample 
_entity_src_gen.pdbx_seq_type                      ? 
_entity_src_gen.pdbx_beg_seq_num                   ? 
_entity_src_gen.pdbx_end_seq_num                   ? 
_entity_src_gen.gene_src_common_name               mouse 
_entity_src_gen.gene_src_genus                     ? 
_entity_src_gen.pdbx_gene_src_gene                 ? 
_entity_src_gen.gene_src_species                   ? 
_entity_src_gen.gene_src_strain                    ? 
_entity_src_gen.gene_src_tissue                    ? 
_entity_src_gen.gene_src_tissue_fraction           ? 
_entity_src_gen.gene_src_details                   ? 
_entity_src_gen.pdbx_gene_src_fragment             ? 
_entity_src_gen.pdbx_gene_src_scientific_name      'Mus musculus' 
_entity_src_gen.pdbx_gene_src_ncbi_taxonomy_id     10090 
_entity_src_gen.pdbx_gene_src_variant              ? 
_entity_src_gen.pdbx_gene_src_cell_line            ? 
_entity_src_gen.pdbx_gene_src_atcc                 ? 
_entity_src_gen.pdbx_gene_src_organ                ? 
_entity_src_gen.pdbx_gene_src_organelle            ? 
_entity_src_gen.pdbx_gene_src_cell                 ? 
_entity_src_gen.pdbx_gene_src_cellular_location    ? 
_entity_src_gen.host_org_common_name               ? 
_entity_src_gen.pdbx_host_org_scientific_name      'Escherichia coli' 
_entity_src_gen.pdbx_host_org_ncbi_taxonomy_id     562 
_entity_src_gen.host_org_genus                     ? 
_entity_src_gen.pdbx_host_org_gene                 ? 
_entity_src_gen.pdbx_host_org_organ                ? 
_entity_src_gen.host_org_species                   ? 
_entity_src_gen.pdbx_host_org_tissue               ? 
_entity_src_gen.pdbx_host_org_tissue_fraction      ? 
_entity_src_gen.pdbx_host_org_strain               DL41 
_entity_src_gen.pdbx_host_org_variant              ? 
_entity_src_gen.pdbx_host_org_cell_line            ? 
_entity_src_gen.pdbx_host_org_atcc                 ? 
_entity_src_gen.pdbx_host_org_culture_collection   ? 
_entity_src_gen.pdbx_host_org_cell                 ? 
_entity_src_gen.pdbx_host_org_organelle            ? 
_entity_src_gen.pdbx_host_org_cellular_location    ? 
_entity_src_gen.pdbx_host_org_vector_type          PLASMID 
_entity_src_gen.pdbx_host_org_vector               ? 
_entity_src_gen.host_org_details                   ? 
_entity_src_gen.expression_system_id               ? 
_entity_src_gen.plasmid_name                       pGEX4T1 
_entity_src_gen.plasmid_details                    ? 
_entity_src_gen.pdbx_description                   ? 
# 
loop_
_chem_comp.id 
_chem_comp.type 
_chem_comp.mon_nstd_flag 
_chem_comp.name 
_chem_comp.pdbx_synonyms 
_chem_comp.formula 
_chem_comp.formula_weight 
ALA 'L-peptide linking' y ALANINE         ? 'C3 H7 N O2'     89.093  
ARG 'L-peptide linking' y ARGININE        ? 'C6 H15 N4 O2 1' 175.209 
ASN 'L-peptide linking' y ASPARAGINE      ? 'C4 H8 N2 O3'    132.118 
ASP 'L-peptide linking' y 'ASPARTIC ACID' ? 'C4 H7 N O4'     133.103 
GLN 'L-peptide linking' y GLUTAMINE       ? 'C5 H10 N2 O3'   146.144 
GLU 'L-peptide linking' y 'GLUTAMIC ACID' ? 'C5 H9 N O4'     147.129 
GLY 'peptide linking'   y GLYCINE         ? 'C2 H5 N O2'     75.067  
HIS 'L-peptide linking' y HISTIDINE       ? 'C6 H10 N3 O2 1' 156.162 
HOH non-polymer         . WATER           ? 'H2 O'           18.015  
ILE 'L-peptide linking' y ISOLEUCINE      ? 'C6 H13 N O2'    131.173 
LEU 'L-peptide linking' y LEUCINE         ? 'C6 H13 N O2'    131.173 
LYS 'L-peptide linking' y LYSINE          ? 'C6 H15 N2 O2 1' 147.195 
MET 'L-peptide linking' y METHIONINE      ? 'C5 H11 N O2 S'  149.211 
PHE 'L-peptide linking' y PHENYLALANINE   ? 'C9 H11 N O2'    165.189 
PRO 'L-peptide linking' y PROLINE         ? 'C5 H9 N O2'     115.130 
SER 'L-peptide linking' y SERINE          ? 'C3 H7 N O3'     105.093 
THR 'L-peptide linking' y THREONINE       ? 'C4 H9 N O3'     119.119 
TYR 'L-peptide linking' y TYROSINE        ? 'C9 H11 N O3'    181.189 
VAL 'L-peptide linking' y VALINE          ? 'C5 H11 N O2'    117.146 
# 
loop_
_pdbx_poly_seq_scheme.asym_id 
_pdbx_poly_seq_scheme.entity_id 
_pdbx_poly_seq_scheme.seq_id 
_pdbx_poly_seq_scheme.mon_id 
_pdbx_poly_seq_scheme.ndb_seq_num 
_pdbx_poly_seq_scheme.pdb_seq_num 
_pdbx_poly_seq_scheme.auth_seq_num 
_pdbx_poly_seq_scheme.pdb_mon_id 
_pdbx_poly_seq_scheme.auth_mon_id 
_pdbx_poly_seq_scheme.pdb_strand_id 
_pdbx_poly_seq_scheme.pdb_ins_code 
_pdbx_poly_seq_scheme.hetero 
A 1 1  GLY 1  248 ?   ?   ?   A . n 
A 1 2  SER 2  249 ?   ?   ?   A . n 
A 1 3  GLY 3  250 ?   ?   ?   A . n 
A 1 4  MET 4  251 ?   ?   ?   A . n 
A 1 5  GLN 5  252 ?   ?   ?   A . n 
A 1 6  LEU 6  253 ?   ?   ?   A . n 
A 1 7  GLU 7  254 254 GLU GLU A . n 
A 1 8  ASP 8  255 255 ASP ASP A . n 
A 1 9  LEU 9  256 256 LEU LEU A . n 
A 1 10 ARG 10 257 257 ARG ARG A . n 
A 1 11 GLN 11 258 258 GLN GLN A . n 
A 1 12 GLN 12 259 259 GLN GLN A . n 
A 1 13 LEU 13 260 260 LEU LEU A . n 
A 1 14 GLN 14 261 261 GLN GLN A . n 
A 1 15 GLN 15 262 262 GLN GLN A . n 
A 1 16 ALA 16 263 263 ALA ALA A . n 
A 1 17 GLU 17 264 264 GLU GLU A . n 
A 1 18 GLU 18 265 265 GLU GLU A . n 
A 1 19 ALA 19 266 266 ALA ALA A . n 
A 1 20 LEU 20 267 267 LEU LEU A . n 
A 1 21 VAL 21 268 268 VAL VAL A . n 
A 1 22 ALA 22 269 269 ALA ALA A . n 
A 1 23 LYS 23 270 270 LYS LYS A . n 
A 1 24 GLN 24 271 271 GLN GLN A . n 
A 1 25 GLU 25 272 272 GLU GLU A . n 
A 1 26 LEU 26 273 273 LEU LEU A . n 
A 1 27 ILE 27 274 274 ILE ILE A . n 
A 1 28 ASP 28 275 275 ASP ASP A . n 
A 1 29 LYS 29 276 276 LYS LYS A . n 
A 1 30 LEU 30 277 277 LEU LEU A . n 
A 1 31 LYS 31 278 278 LYS LYS A . n 
A 1 32 GLU 32 279 279 GLU GLU A . n 
A 1 33 GLU 33 280 280 GLU GLU A . n 
A 1 34 ALA 34 281 281 ALA ALA A . n 
A 1 35 GLU 35 282 282 GLU GLU A . n 
A 1 36 GLN 36 283 283 GLN GLN A . n 
A 1 37 HIS 37 284 284 HIS HIS A . n 
A 1 38 ASN 38 285 285 ASN ASN A . n 
A 1 39 ILE 39 286 286 ILE ILE A . n 
A 1 40 VAL 40 287 287 VAL VAL A . n 
A 1 41 MET 41 288 288 MET MET A . n 
A 1 42 GLU 42 289 289 GLU GLU A . n 
A 1 43 THR 43 290 290 THR THR A . n 
A 1 44 VAL 44 291 291 VAL VAL A . n 
A 1 45 PRO 45 292 292 PRO PRO A . n 
A 1 46 VAL 46 293 293 VAL VAL A . n 
A 1 47 LEU 47 294 294 LEU LEU A . n 
A 1 48 LYS 48 295 295 LYS LYS A . n 
A 1 49 ALA 49 296 296 ALA ALA A . n 
A 1 50 GLN 50 297 297 GLN GLN A . n 
A 1 51 ALA 51 298 298 ALA ALA A . n 
A 1 52 ASP 52 299 299 ASP ASP A . n 
A 1 53 ILE 53 300 300 ILE ILE A . n 
A 1 54 TYR 54 301 301 TYR TYR A . n 
A 1 55 LYS 55 302 302 LYS LYS A . n 
A 1 56 ALA 56 303 303 ALA ALA A . n 
A 1 57 ASP 57 304 304 ASP ASP A . n 
A 1 58 PHE 58 305 305 PHE PHE A . n 
A 1 59 GLN 59 306 306 GLN GLN A . n 
A 1 60 ALA 60 307 307 ALA ALA A . n 
A 1 61 GLU 61 308 308 GLU GLU A . n 
A 1 62 ARG 62 309 309 ARG ARG A . n 
A 1 63 HIS 63 310 310 HIS HIS A . n 
A 1 64 ALA 64 311 311 ALA ALA A . n 
A 1 65 ARG 65 312 312 ARG ARG A . n 
A 1 66 GLU 66 313 313 GLU GLU A . n 
A 1 67 LYS 67 314 314 LYS LYS A . n 
A 1 68 LEU 68 315 315 LEU LEU A . n 
A 1 69 VAL 69 316 316 VAL VAL A . n 
A 1 70 GLU 70 317 317 GLU GLU A . n 
A 1 71 LYS 71 318 318 LYS LYS A . n 
A 1 72 LYS 72 319 319 LYS LYS A . n 
A 1 73 GLU 73 320 320 GLU GLU A . n 
A 1 74 TYR 74 321 321 TYR TYR A . n 
A 1 75 LEU 75 322 322 LEU LEU A . n 
A 1 76 GLN 76 323 323 GLN GLN A . n 
A 1 77 GLU 77 324 324 GLU GLU A . n 
A 1 78 GLN 78 325 325 GLN GLN A . n 
A 1 79 LEU 79 326 326 LEU LEU A . n 
A 1 80 GLU 80 327 327 GLU GLU A . n 
A 1 81 GLN 81 328 328 GLN GLN A . n 
A 1 82 LEU 82 329 329 LEU LEU A . n 
A 1 83 GLN 83 330 330 GLN GLN A . n 
A 1 84 ARG 84 331 331 ARG ARG A . n 
A 1 85 GLU 85 332 332 GLU GLU A . n 
A 1 86 PHE 86 333 333 PHE PHE A . n 
A 1 87 ASN 87 334 334 ASN ASN A . n 
A 1 88 LYS 88 335 335 LYS LYS A . n 
A 1 89 LEU 89 336 336 LEU LEU A . n 
A 1 90 LYS 90 337 ?   ?   ?   A . n 
A 1 91 VAL 91 338 ?   ?   ?   A . n 
A 1 92 GLY 92 339 ?   ?   ?   A . n 
B 1 1  GLY 1  248 ?   ?   ?   B . n 
B 1 2  SER 2  249 ?   ?   ?   B . n 
B 1 3  GLY 3  250 ?   ?   ?   B . n 
B 1 4  MET 4  251 ?   ?   ?   B . n 
B 1 5  GLN 5  252 ?   ?   ?   B . n 
B 1 6  LEU 6  253 ?   ?   ?   B . n 
B 1 7  GLU 7  254 ?   ?   ?   B . n 
B 1 8  ASP 8  255 ?   ?   ?   B . n 
B 1 9  LEU 9  256 256 LEU LEU B . n 
B 1 10 ARG 10 257 257 ARG ARG B . n 
B 1 11 GLN 11 258 258 GLN GLN B . n 
B 1 12 GLN 12 259 259 GLN GLN B . n 
B 1 13 LEU 13 260 260 LEU LEU B . n 
B 1 14 GLN 14 261 261 GLN GLN B . n 
B 1 15 GLN 15 262 262 GLN GLN B . n 
B 1 16 ALA 16 263 263 ALA ALA B . n 
B 1 17 GLU 17 264 264 GLU GLU B . n 
B 1 18 GLU 18 265 265 GLU GLU B . n 
B 1 19 ALA 19 266 266 ALA ALA B . n 
B 1 20 LEU 20 267 267 LEU LEU B . n 
B 1 21 VAL 21 268 268 VAL VAL B . n 
B 1 22 ALA 22 269 269 ALA ALA B . n 
B 1 23 LYS 23 270 270 LYS LYS B . n 
B 1 24 GLN 24 271 271 GLN GLN B . n 
B 1 25 GLU 25 272 272 GLU GLU B . n 
B 1 26 LEU 26 273 273 LEU LEU B . n 
B 1 27 ILE 27 274 274 ILE ILE B . n 
B 1 28 ASP 28 275 275 ASP ASP B . n 
B 1 29 LYS 29 276 276 LYS LYS B . n 
B 1 30 LEU 30 277 277 LEU LEU B . n 
B 1 31 LYS 31 278 278 LYS LYS B . n 
B 1 32 GLU 32 279 279 GLU GLU B . n 
B 1 33 GLU 33 280 280 GLU GLU B . n 
B 1 34 ALA 34 281 281 ALA ALA B . n 
B 1 35 GLU 35 282 282 GLU GLU B . n 
B 1 36 GLN 36 283 283 GLN GLN B . n 
B 1 37 HIS 37 284 284 HIS HIS B . n 
B 1 38 ASN 38 285 285 ASN ASN B . n 
B 1 39 ILE 39 286 286 ILE ILE B . n 
B 1 40 VAL 40 287 287 VAL VAL B . n 
B 1 41 MET 41 288 288 MET MET B . n 
B 1 42 GLU 42 289 289 GLU GLU B . n 
B 1 43 THR 43 290 290 THR THR B . n 
B 1 44 VAL 44 291 291 VAL VAL B . n 
B 1 45 PRO 45 292 292 PRO PRO B . n 
B 1 46 VAL 46 293 293 VAL VAL B . n 
B 1 47 LEU 47 294 294 LEU LEU B . n 
B 1 48 LYS 48 295 295 LYS LYS B . n 
B 1 49 ALA 49 296 296 ALA ALA B . n 
B 1 50 GLN 50 297 297 GLN GLN B . n 
B 1 51 ALA 51 298 298 ALA ALA B . n 
B 1 52 ASP 52 299 299 ASP ASP B . n 
B 1 53 ILE 53 300 300 ILE ILE B . n 
B 1 54 TYR 54 301 301 TYR TYR B . n 
B 1 55 LYS 55 302 302 LYS LYS B . n 
B 1 56 ALA 56 303 303 ALA ALA B . n 
B 1 57 ASP 57 304 304 ASP ASP B . n 
B 1 58 PHE 58 305 305 PHE PHE B . n 
B 1 59 GLN 59 306 306 GLN GLN B . n 
B 1 60 ALA 60 307 307 ALA ALA B . n 
B 1 61 GLU 61 308 308 GLU GLU B . n 
B 1 62 ARG 62 309 309 ARG ARG B . n 
B 1 63 HIS 63 310 310 HIS HIS B . n 
B 1 64 ALA 64 311 311 ALA ALA B . n 
B 1 65 ARG 65 312 312 ARG ARG B . n 
B 1 66 GLU 66 313 313 GLU GLU B . n 
B 1 67 LYS 67 314 314 LYS LYS B . n 
B 1 68 LEU 68 315 315 LEU LEU B . n 
B 1 69 VAL 69 316 316 VAL VAL B . n 
B 1 70 GLU 70 317 317 GLU GLU B . n 
B 1 71 LYS 71 318 318 LYS LYS B . n 
B 1 72 LYS 72 319 319 LYS LYS B . n 
B 1 73 GLU 73 320 320 GLU GLU B . n 
B 1 74 TYR 74 321 321 TYR TYR B . n 
B 1 75 LEU 75 322 322 LEU LEU B . n 
B 1 76 GLN 76 323 323 GLN GLN B . n 
B 1 77 GLU 77 324 324 GLU GLU B . n 
B 1 78 GLN 78 325 325 GLN GLN B . n 
B 1 79 LEU 79 326 326 LEU LEU B . n 
B 1 80 GLU 80 327 327 GLU GLU B . n 
B 1 81 GLN 81 328 328 GLN GLN B . n 
B 1 82 LEU 82 329 329 LEU LEU B . n 
B 1 83 GLN 83 330 330 GLN GLN B . n 
B 1 84 ARG 84 331 331 ARG ARG B . n 
B 1 85 GLU 85 332 332 GLU GLU B . n 
B 1 86 PHE 86 333 333 PHE PHE B . n 
B 1 87 ASN 87 334 334 ASN ASN B . n 
B 1 88 LYS 88 335 335 LYS LYS B . n 
B 1 89 LEU 89 336 336 LEU LEU B . n 
B 1 90 LYS 90 337 337 LYS LYS B . n 
B 1 91 VAL 91 338 ?   ?   ?   B . n 
B 1 92 GLY 92 339 ?   ?   ?   B . n 
# 
loop_
_pdbx_nonpoly_scheme.asym_id 
_pdbx_nonpoly_scheme.entity_id 
_pdbx_nonpoly_scheme.mon_id 
_pdbx_nonpoly_scheme.ndb_seq_num 
_pdbx_nonpoly_scheme.pdb_seq_num 
_pdbx_nonpoly_scheme.auth_seq_num 
_pdbx_nonpoly_scheme.pdb_mon_id 
_pdbx_nonpoly_scheme.auth_mon_id 
_pdbx_nonpoly_scheme.pdb_strand_id 
_pdbx_nonpoly_scheme.pdb_ins_code 
C 2 HOH 1  4  4  HOH HOH A . 
C 2 HOH 2  5  5  HOH HOH A . 
C 2 HOH 3  6  6  HOH HOH A . 
C 2 HOH 4  7  7  HOH HOH A . 
C 2 HOH 5  10 10 HOH HOH A . 
C 2 HOH 6  13 13 HOH HOH A . 
C 2 HOH 7  16 16 HOH HOH A . 
C 2 HOH 8  17 17 HOH HOH A . 
C 2 HOH 9  18 18 HOH HOH A . 
C 2 HOH 10 19 19 HOH HOH A . 
C 2 HOH 11 20 20 HOH HOH A . 
C 2 HOH 12 27 27 HOH HOH A . 
C 2 HOH 13 31 31 HOH HOH A . 
C 2 HOH 14 32 32 HOH HOH A . 
C 2 HOH 15 33 33 HOH HOH A . 
C 2 HOH 16 36 36 HOH HOH A . 
C 2 HOH 17 39 39 HOH HOH A . 
C 2 HOH 18 40 40 HOH HOH A . 
C 2 HOH 19 41 41 HOH HOH A . 
C 2 HOH 20 42 42 HOH HOH A . 
C 2 HOH 21 44 44 HOH HOH A . 
C 2 HOH 22 45 45 HOH HOH A . 
C 2 HOH 23 48 48 HOH HOH A . 
C 2 HOH 24 50 50 HOH HOH A . 
C 2 HOH 25 51 51 HOH HOH A . 
C 2 HOH 26 54 54 HOH HOH A . 
C 2 HOH 27 55 55 HOH HOH A . 
C 2 HOH 28 57 57 HOH HOH A . 
C 2 HOH 29 58 58 HOH HOH A . 
C 2 HOH 30 60 60 HOH HOH A . 
C 2 HOH 31 61 61 HOH HOH A . 
C 2 HOH 32 62 62 HOH HOH A . 
C 2 HOH 33 63 63 HOH HOH A . 
C 2 HOH 34 64 64 HOH HOH A . 
C 2 HOH 35 65 65 HOH HOH A . 
C 2 HOH 36 67 67 HOH HOH A . 
C 2 HOH 37 68 68 HOH HOH A . 
C 2 HOH 38 69 69 HOH HOH A . 
D 2 HOH 1  1  1  HOH HOH B . 
D 2 HOH 2  2  2  HOH HOH B . 
D 2 HOH 3  3  3  HOH HOH B . 
D 2 HOH 4  8  8  HOH HOH B . 
D 2 HOH 5  9  9  HOH HOH B . 
D 2 HOH 6  11 11 HOH HOH B . 
D 2 HOH 7  12 12 HOH HOH B . 
D 2 HOH 8  14 14 HOH HOH B . 
D 2 HOH 9  15 15 HOH HOH B . 
D 2 HOH 10 21 21 HOH HOH B . 
D 2 HOH 11 22 22 HOH HOH B . 
D 2 HOH 12 23 23 HOH HOH B . 
D 2 HOH 13 24 24 HOH HOH B . 
D 2 HOH 14 25 25 HOH HOH B . 
D 2 HOH 15 26 26 HOH HOH B . 
D 2 HOH 16 28 28 HOH HOH B . 
D 2 HOH 17 29 29 HOH HOH B . 
D 2 HOH 18 30 30 HOH HOH B . 
D 2 HOH 19 34 34 HOH HOH B . 
D 2 HOH 20 35 35 HOH HOH B . 
D 2 HOH 21 37 37 HOH HOH B . 
D 2 HOH 22 38 38 HOH HOH B . 
D 2 HOH 23 43 43 HOH HOH B . 
D 2 HOH 24 46 46 HOH HOH B . 
D 2 HOH 25 47 47 HOH HOH B . 
D 2 HOH 26 49 49 HOH HOH B . 
D 2 HOH 27 52 52 HOH HOH B . 
D 2 HOH 28 53 53 HOH HOH B . 
D 2 HOH 29 56 56 HOH HOH B . 
D 2 HOH 30 59 59 HOH HOH B . 
D 2 HOH 31 66 66 HOH HOH B . 
# 
loop_
_software.name 
_software.version 
_software.date 
_software.type 
_software.contact_author 
_software.contact_author_email 
_software.classification 
_software.location 
_software.language 
_software.citation_id 
_software.pdbx_ordinal 
DENZO       .        ?               package 'Zbyszek Otwinowski' hkl@hkl-xray.com      'data reduction'  http://www.hkl-xray.com/ 
?          ? 1 
SCALEPACK   .        ?               package 'Zbyszek Otwinowski' hkl@hkl-xray.com      'data scaling'    http://www.hkl-xray.com/ 
?          ? 2 
SOLVE       2.13     26-Jan-2007     program 'Tom Terwilliger'    terwilliger@LANL.gov  phasing           
http://www.solve.lanl.gov/                   ?          ? 3 
REFMAC      5.2.0019 ?               program 'Garib N. Murshudov' garib@ysbl.york.ac.uk refinement        
http://www.ccp4.ac.uk/dist/html/refmac5.html Fortran_77 ? 4 
PDB_EXTRACT 3.006    'June 11, 2008' package PDB                  help@deposit.rcsb.org 'data extraction' 
http://sw-tools.pdb.org/apps/PDB_EXTRACT/    C++        ? 5 
HKL-2000    .        ?               ?       ?                    ?                     'data collection' ? ?          ? 6 
# 
_cell.length_a           85.088 
_cell.length_b           85.088 
_cell.length_c           101.207 
_cell.angle_alpha        90.000 
_cell.angle_beta         90.000 
_cell.angle_gamma        90.000 
_cell.entry_id           3F89 
_cell.pdbx_unique_axis   ? 
_cell.Z_PDB              16 
_cell.length_a_esd       ? 
_cell.length_b_esd       ? 
_cell.length_c_esd       ? 
_cell.angle_alpha_esd    ? 
_cell.angle_beta_esd     ? 
_cell.angle_gamma_esd    ? 
# 
_symmetry.space_group_name_H-M             'P 43 2 2' 
_symmetry.entry_id                         3F89 
_symmetry.Int_Tables_number                95 
_symmetry.pdbx_full_space_group_name_H-M   ? 
_symmetry.cell_setting                     ? 
_symmetry.space_group_name_Hall            ? 
# 
_exptl.crystals_number   1 
_exptl.entry_id          3F89 
_exptl.method            'X-RAY DIFFRACTION' 
# 
_exptl_crystal.id                    1 
_exptl_crystal.pdbx_mosaicity        0.802 
_exptl_crystal.pdbx_mosaicity_esd    ? 
_exptl_crystal.density_Matthews      4.25 
_exptl_crystal.density_diffrn        ? 
_exptl_crystal.density_meas          ? 
_exptl_crystal.density_meas_temp     ? 
_exptl_crystal.density_percent_sol   71.05 
_exptl_crystal.size_max              ? 
_exptl_crystal.size_mid              ? 
_exptl_crystal.size_min              ? 
_exptl_crystal.size_rad              ? 
_exptl_crystal.description           ? 
_exptl_crystal.F_000                 ? 
_exptl_crystal.preparation           ? 
# 
_exptl_crystal_grow.crystal_id      1 
_exptl_crystal_grow.method          'VAPOR DIFFUSION, HANGING DROP' 
_exptl_crystal_grow.pH              ? 
_exptl_crystal_grow.temp            ? 
_exptl_crystal_grow.pdbx_details    'VAPOR DIFFUSION, HANGING DROP' 
_exptl_crystal_grow.temp_details    ? 
_exptl_crystal_grow.pdbx_pH_range   . 
# 
_diffrn.id                     1 
_diffrn.ambient_temp           100 
_diffrn.ambient_temp_details   ? 
_diffrn.crystal_id             1 
# 
_diffrn_detector.diffrn_id              1 
_diffrn_detector.detector               CCD 
_diffrn_detector.type                   'ADSC QUANTUM 270' 
_diffrn_detector.pdbx_collection_date   2007-05-30 
_diffrn_detector.details                ? 
# 
_diffrn_radiation.diffrn_id                        1 
_diffrn_radiation.pdbx_diffrn_protocol             'SINGLE WAVELENGTH' 
_diffrn_radiation.monochromator                    'Si(111)' 
_diffrn_radiation.wavelength_id                    1 
_diffrn_radiation.pdbx_monochromatic_or_laue_m_l   M 
_diffrn_radiation.pdbx_scattering_type             x-ray 
# 
_diffrn_radiation_wavelength.id           1 
_diffrn_radiation_wavelength.wavelength   0.9791 
_diffrn_radiation_wavelength.wt           1.0 
# 
_diffrn_source.diffrn_id                   1 
_diffrn_source.source                      SYNCHROTRON 
_diffrn_source.type                        'PHOTON FACTORY BEAMLINE BL-17A' 
_diffrn_source.pdbx_wavelength_list        0.9791 
_diffrn_source.pdbx_wavelength             ? 
_diffrn_source.pdbx_synchrotron_site       'Photon Factory' 
_diffrn_source.pdbx_synchrotron_beamline   BL-17A 
# 
_reflns.entry_id                     3F89 
_reflns.observed_criterion_sigma_F   ? 
_reflns.observed_criterion_sigma_I   ? 
_reflns.d_resolution_high            2.8 
_reflns.d_resolution_low             50 
_reflns.number_all                   9693 
_reflns.number_obs                   9684 
_reflns.percent_possible_obs         ? 
_reflns.pdbx_Rmerge_I_obs            0.086 
_reflns.pdbx_Rsym_value              ? 
_reflns.pdbx_netI_over_sigmaI        25.8 
_reflns.B_iso_Wilson_estimate        ? 
_reflns.pdbx_redundancy              14.0 
_reflns.R_free_details               ? 
_reflns.limit_h_max                  ? 
_reflns.limit_h_min                  ? 
_reflns.limit_k_max                  ? 
_reflns.limit_k_min                  ? 
_reflns.limit_l_max                  ? 
_reflns.limit_l_min                  ? 
_reflns.observed_criterion_F_max     ? 
_reflns.observed_criterion_F_min     ? 
_reflns.pdbx_chi_squared             ? 
_reflns.pdbx_scaling_rejects         ? 
_reflns.pdbx_diffrn_id               1 
_reflns.pdbx_ordinal                 1 
# 
_reflns_shell.d_res_high             2.8 
_reflns_shell.d_res_low              2.9 
_reflns_shell.percent_possible_obs   ? 
_reflns_shell.percent_possible_all   ? 
_reflns_shell.Rmerge_I_obs           0.454 
_reflns_shell.meanI_over_sigI_obs    7.2 
_reflns_shell.pdbx_Rsym_value        ? 
_reflns_shell.pdbx_redundancy        14.3 
_reflns_shell.number_unique_all      929 
_reflns_shell.number_measured_all    ? 
_reflns_shell.number_measured_obs    ? 
_reflns_shell.number_unique_obs      ? 
_reflns_shell.pdbx_chi_squared       ? 
_reflns_shell.pdbx_diffrn_id         ? 
_reflns_shell.pdbx_ordinal           1 
# 
_refine.entry_id                                 3F89 
_refine.ls_d_res_high                            2.800 
_refine.ls_d_res_low                             42.54 
_refine.pdbx_ls_sigma_F                          0.00 
_refine.ls_percent_reflns_obs                    99.870 
_refine.ls_number_reflns_obs                     9659 
_refine.pdbx_ls_cross_valid_method               THROUGHOUT 
_refine.pdbx_R_Free_selection_details            RANDOM 
_refine.details                                  'HYDROGENS HAVE BEEN ADDED IN THE RIDING POSITIONS' 
_refine.ls_R_factor_obs                          0.285 
_refine.ls_R_factor_R_work                       0.284 
_refine.ls_R_factor_R_free                       0.310 
_refine.ls_percent_reflns_R_free                 4.800 
_refine.ls_number_reflns_R_free                  466 
_refine.B_iso_mean                               51.408 
_refine.aniso_B[1][1]                            -0.820 
_refine.aniso_B[2][2]                            -0.820 
_refine.aniso_B[3][3]                            1.630 
_refine.aniso_B[1][2]                            0.000 
_refine.aniso_B[1][3]                            0.000 
_refine.aniso_B[2][3]                            0.000 
_refine.correlation_coeff_Fo_to_Fc               0.882 
_refine.correlation_coeff_Fo_to_Fc_free          0.830 
_refine.pdbx_overall_ESU_R                       0.530 
_refine.pdbx_overall_ESU_R_Free                  0.351 
_refine.overall_SU_ML                            0.278 
_refine.overall_SU_B                             14.314 
_refine.solvent_model_details                    MASK 
_refine.pdbx_solvent_vdw_probe_radii             1.200 
_refine.pdbx_solvent_ion_probe_radii             0.800 
_refine.pdbx_solvent_shrinkage_radii             0.800 
_refine.pdbx_method_to_determine_struct          SAD 
_refine.pdbx_stereochemistry_target_values       'MAXIMUM LIKELIHOOD' 
_refine.B_iso_max                                90.97 
_refine.B_iso_min                                2.00 
_refine.occupancy_max                            1.00 
_refine.occupancy_min                            0.50 
_refine.pdbx_ls_sigma_I                          ? 
_refine.ls_number_reflns_all                     ? 
_refine.ls_R_factor_all                          ? 
_refine.ls_redundancy_reflns_obs                 ? 
_refine.pdbx_data_cutoff_high_absF               ? 
_refine.pdbx_data_cutoff_low_absF                ? 
_refine.ls_number_parameters                     ? 
_refine.ls_number_restraints                     ? 
_refine.ls_R_factor_R_free_error                 ? 
_refine.ls_R_factor_R_free_error_details         ? 
_refine.pdbx_starting_model                      ? 
_refine.pdbx_stereochem_target_val_spec_case     ? 
_refine.solvent_model_param_bsol                 ? 
_refine.solvent_model_param_ksol                 ? 
_refine.pdbx_isotropic_thermal_model             ? 
_refine.overall_SU_R_Cruickshank_DPI             ? 
_refine.overall_SU_R_free                        ? 
_refine.pdbx_data_cutoff_high_rms_absF           ? 
_refine.ls_wR_factor_R_free                      ? 
_refine.ls_wR_factor_R_work                      ? 
_refine.overall_FOM_free_R_set                   ? 
_refine.overall_FOM_work_R_set                   ? 
_refine.pdbx_refine_id                           'X-RAY DIFFRACTION' 
_refine.pdbx_overall_phase_error                 ? 
_refine.pdbx_diffrn_id                           1 
_refine.pdbx_TLS_residual_ADP_flag               ? 
_refine.pdbx_overall_SU_R_free_Cruickshank_DPI   ? 
_refine.pdbx_overall_SU_R_Blow_DPI               ? 
_refine.pdbx_overall_SU_R_free_Blow_DPI          ? 
# 
_refine_hist.pdbx_refine_id                   'X-RAY DIFFRACTION' 
_refine_hist.cycle_id                         LAST 
_refine_hist.pdbx_number_atoms_protein        1384 
_refine_hist.pdbx_number_atoms_nucleic_acid   0 
_refine_hist.pdbx_number_atoms_ligand         0 
_refine_hist.number_atoms_solvent             69 
_refine_hist.number_atoms_total               1453 
_refine_hist.d_res_high                       2.800 
_refine_hist.d_res_low                        42.54 
# 
loop_
_refine_ls_restr.type 
_refine_ls_restr.number 
_refine_ls_restr.dev_ideal 
_refine_ls_restr.dev_ideal_target 
_refine_ls_restr.weight 
_refine_ls_restr.pdbx_refine_id 
_refine_ls_restr.pdbx_restraint_function 
r_bond_refined_d         1397 0.010  0.022  ? 'X-RAY DIFFRACTION' ? 
r_angle_refined_deg      1868 1.328  1.979  ? 'X-RAY DIFFRACTION' ? 
r_dihedral_angle_1_deg   163  5.733  5.000  ? 'X-RAY DIFFRACTION' ? 
r_dihedral_angle_2_deg   84   41.266 26.667 ? 'X-RAY DIFFRACTION' ? 
r_dihedral_angle_3_deg   303  25.013 15.000 ? 'X-RAY DIFFRACTION' ? 
r_dihedral_angle_4_deg   8    20.099 15.000 ? 'X-RAY DIFFRACTION' ? 
r_chiral_restr           205  0.101  0.200  ? 'X-RAY DIFFRACTION' ? 
r_gen_planes_refined     1044 0.003  0.020  ? 'X-RAY DIFFRACTION' ? 
r_nbd_refined            713  0.252  0.200  ? 'X-RAY DIFFRACTION' ? 
r_nbtor_refined          928  0.302  0.200  ? 'X-RAY DIFFRACTION' ? 
r_xyhbond_nbd_refined    51   0.189  0.200  ? 'X-RAY DIFFRACTION' ? 
r_symmetry_vdw_refined   53   0.261  0.200  ? 'X-RAY DIFFRACTION' ? 
r_symmetry_hbond_refined 8    0.388  0.200  ? 'X-RAY DIFFRACTION' ? 
r_mcbond_it              844  0.645  1.500  ? 'X-RAY DIFFRACTION' ? 
r_mcangle_it             1322 1.188  2.000  ? 'X-RAY DIFFRACTION' ? 
r_scbond_it              591  1.160  3.000  ? 'X-RAY DIFFRACTION' ? 
r_scangle_it             546  2.038  4.500  ? 'X-RAY DIFFRACTION' ? 
# 
_refine_ls_shell.d_res_high                       2.798 
_refine_ls_shell.d_res_low                        2.871 
_refine_ls_shell.pdbx_total_number_of_bins_used   20 
_refine_ls_shell.percent_reflns_obs               99.000 
_refine_ls_shell.number_reflns_R_work             660 
_refine_ls_shell.R_factor_all                     ? 
_refine_ls_shell.R_factor_R_work                  0.397 
_refine_ls_shell.R_factor_R_free                  0.492 
_refine_ls_shell.percent_reflns_R_free            ? 
_refine_ls_shell.number_reflns_R_free             35 
_refine_ls_shell.R_factor_R_free_error            ? 
_refine_ls_shell.number_reflns_all                695 
_refine_ls_shell.number_reflns_obs                ? 
_refine_ls_shell.redundancy_reflns_obs            ? 
_refine_ls_shell.pdbx_refine_id                   'X-RAY DIFFRACTION' 
# 
_struct.entry_id                  3F89 
_struct.title                     'NEMO CoZi domain' 
_struct.pdbx_model_details        ? 
_struct.pdbx_CASP_flag            ? 
_struct.pdbx_model_type_details   ? 
# 
_struct_keywords.entry_id        3F89 
_struct_keywords.text            
;NF-kB signaling, Ubiquitin binding, Coiled coil, Cytoplasm, Metal-binding, Nucleus, Phosphoprotein, Transcription, Transcription regulation, Ubl conjugation, Zinc, Zinc-finger
;
_struct_keywords.pdbx_keywords   TRANSCRIPTION 
# 
loop_
_struct_asym.id 
_struct_asym.pdbx_blank_PDB_chainid_flag 
_struct_asym.pdbx_modified 
_struct_asym.entity_id 
_struct_asym.details 
A N N 1 ? 
B N N 1 ? 
C N N 2 ? 
D N N 2 ? 
# 
_struct_ref.id                         1 
_struct_ref.db_name                    UNP 
_struct_ref.db_code                    NEMO_MOUSE 
_struct_ref.pdbx_db_accession          O88522 
_struct_ref.entity_id                  1 
_struct_ref.pdbx_seq_one_letter_code   
;GMQLEDLRQQLQQAEEALVAKQELIDKLKEEAEQHKIVMETVPVLKAQADIYKADFQAERHAREKLVEKKEYLQEQLEQL
QREFNKLKVG
;
_struct_ref.pdbx_align_begin           250 
_struct_ref.pdbx_db_isoform            ? 
# 
loop_
_struct_ref_seq.align_id 
_struct_ref_seq.ref_id 
_struct_ref_seq.pdbx_PDB_id_code 
_struct_ref_seq.pdbx_strand_id 
_struct_ref_seq.seq_align_beg 
_struct_ref_seq.pdbx_seq_align_beg_ins_code 
_struct_ref_seq.seq_align_end 
_struct_ref_seq.pdbx_seq_align_end_ins_code 
_struct_ref_seq.pdbx_db_accession 
_struct_ref_seq.db_align_beg 
_struct_ref_seq.pdbx_db_align_beg_ins_code 
_struct_ref_seq.db_align_end 
_struct_ref_seq.pdbx_db_align_end_ins_code 
_struct_ref_seq.pdbx_auth_seq_align_beg 
_struct_ref_seq.pdbx_auth_seq_align_end 
1 1 3F89 A 3 ? 92 ? O88522 250 ? 339 ? 250 339 
2 1 3F89 B 3 ? 92 ? O88522 250 ? 339 ? 250 339 
# 
loop_
_struct_ref_seq_dif.align_id 
_struct_ref_seq_dif.pdbx_pdb_id_code 
_struct_ref_seq_dif.mon_id 
_struct_ref_seq_dif.pdbx_pdb_strand_id 
_struct_ref_seq_dif.seq_num 
_struct_ref_seq_dif.pdbx_pdb_ins_code 
_struct_ref_seq_dif.pdbx_seq_db_name 
_struct_ref_seq_dif.pdbx_seq_db_accession_code 
_struct_ref_seq_dif.db_mon_id 
_struct_ref_seq_dif.pdbx_seq_db_seq_num 
_struct_ref_seq_dif.details 
_struct_ref_seq_dif.pdbx_auth_seq_num 
_struct_ref_seq_dif.pdbx_ordinal 
1 3F89 GLY A 1  ? UNP O88522 ?   ?   'expression tag'      248 1 
1 3F89 SER A 2  ? UNP O88522 ?   ?   'expression tag'      249 2 
1 3F89 ASN A 38 ? UNP O88522 LYS 285 'engineered mutation' 285 3 
2 3F89 GLY B 1  ? UNP O88522 ?   ?   'expression tag'      248 4 
2 3F89 SER B 2  ? UNP O88522 ?   ?   'expression tag'      249 5 
2 3F89 ASN B 38 ? UNP O88522 LYS 285 'engineered mutation' 285 6 
# 
_pdbx_struct_assembly.id                   1 
_pdbx_struct_assembly.details              author_and_software_defined_assembly 
_pdbx_struct_assembly.method_details       PISA 
_pdbx_struct_assembly.oligomeric_details   dimeric 
_pdbx_struct_assembly.oligomeric_count     2 
# 
loop_
_pdbx_struct_assembly_prop.biol_id 
_pdbx_struct_assembly_prop.type 
_pdbx_struct_assembly_prop.value 
_pdbx_struct_assembly_prop.details 
1 'ABSA (A^2)' 4300  ? 
1 MORE         -50   ? 
1 'SSA (A^2)'  12320 ? 
# 
_pdbx_struct_assembly_gen.assembly_id       1 
_pdbx_struct_assembly_gen.oper_expression   1 
_pdbx_struct_assembly_gen.asym_id_list      A,B,C,D 
# 
_pdbx_struct_oper_list.id                   1 
_pdbx_struct_oper_list.type                 'identity operation' 
_pdbx_struct_oper_list.name                 1_555 
_pdbx_struct_oper_list.symmetry_operation   x,y,z 
_pdbx_struct_oper_list.matrix[1][1]         1.0000000000 
_pdbx_struct_oper_list.matrix[1][2]         0.0000000000 
_pdbx_struct_oper_list.matrix[1][3]         0.0000000000 
_pdbx_struct_oper_list.vector[1]            0.0000000000 
_pdbx_struct_oper_list.matrix[2][1]         0.0000000000 
_pdbx_struct_oper_list.matrix[2][2]         1.0000000000 
_pdbx_struct_oper_list.matrix[2][3]         0.0000000000 
_pdbx_struct_oper_list.vector[2]            0.0000000000 
_pdbx_struct_oper_list.matrix[3][1]         0.0000000000 
_pdbx_struct_oper_list.matrix[3][2]         0.0000000000 
_pdbx_struct_oper_list.matrix[3][3]         1.0000000000 
_pdbx_struct_oper_list.vector[3]            0.0000000000 
# 
_struct_biol.id        1 
_struct_biol.details   ? 
# 
loop_
_struct_conf.conf_type_id 
_struct_conf.id 
_struct_conf.pdbx_PDB_helix_id 
_struct_conf.beg_label_comp_id 
_struct_conf.beg_label_asym_id 
_struct_conf.beg_label_seq_id 
_struct_conf.pdbx_beg_PDB_ins_code 
_struct_conf.end_label_comp_id 
_struct_conf.end_label_asym_id 
_struct_conf.end_label_seq_id 
_struct_conf.pdbx_end_PDB_ins_code 
_struct_conf.beg_auth_comp_id 
_struct_conf.beg_auth_asym_id 
_struct_conf.beg_auth_seq_id 
_struct_conf.end_auth_comp_id 
_struct_conf.end_auth_asym_id 
_struct_conf.end_auth_seq_id 
_struct_conf.pdbx_PDB_helix_class 
_struct_conf.details 
_struct_conf.pdbx_PDB_helix_length 
HELX_P HELX_P1 1 GLN A 12 ? GLU A 32 ? GLN A 259 GLU A 279 1 ? 21 
HELX_P HELX_P2 2 GLU A 32 ? MET A 41 ? GLU A 279 MET A 288 1 ? 10 
HELX_P HELX_P3 3 GLU A 42 ? LEU A 75 ? GLU A 289 LEU A 322 1 ? 34 
HELX_P HELX_P4 4 LEU A 75 ? LEU A 82 ? LEU A 322 LEU A 329 1 ? 8  
HELX_P HELX_P5 5 LEU A 82 ? ASN A 87 ? LEU A 329 ASN A 334 1 ? 6  
HELX_P HELX_P6 6 GLN B 12 ? THR B 43 ? GLN B 259 THR B 290 1 ? 32 
HELX_P HELX_P7 7 THR B 43 ? LYS B 88 ? THR B 290 LYS B 335 1 ? 46 
# 
_struct_conf_type.id          HELX_P 
_struct_conf_type.criteria    ? 
_struct_conf_type.reference   ? 
# 
_pdbx_validate_close_contact.id               1 
_pdbx_validate_close_contact.PDB_model_num    1 
_pdbx_validate_close_contact.auth_atom_id_1   OE2 
_pdbx_validate_close_contact.auth_asym_id_1   B 
_pdbx_validate_close_contact.auth_comp_id_1   GLU 
_pdbx_validate_close_contact.auth_seq_id_1    308 
_pdbx_validate_close_contact.PDB_ins_code_1   ? 
_pdbx_validate_close_contact.label_alt_id_1   ? 
_pdbx_validate_close_contact.auth_atom_id_2   O 
_pdbx_validate_close_contact.auth_asym_id_2   B 
_pdbx_validate_close_contact.auth_comp_id_2   HOH 
_pdbx_validate_close_contact.auth_seq_id_2    8 
_pdbx_validate_close_contact.PDB_ins_code_2   ? 
_pdbx_validate_close_contact.label_alt_id_2   ? 
_pdbx_validate_close_contact.dist             1.93 
# 
_pdbx_validate_symm_contact.id                1 
_pdbx_validate_symm_contact.PDB_model_num     1 
_pdbx_validate_symm_contact.auth_atom_id_1    OD2 
_pdbx_validate_symm_contact.auth_asym_id_1    B 
_pdbx_validate_symm_contact.auth_comp_id_1    ASP 
_pdbx_validate_symm_contact.auth_seq_id_1     304 
_pdbx_validate_symm_contact.PDB_ins_code_1    ? 
_pdbx_validate_symm_contact.label_alt_id_1    ? 
_pdbx_validate_symm_contact.site_symmetry_1   1_555 
_pdbx_validate_symm_contact.auth_atom_id_2    O 
_pdbx_validate_symm_contact.auth_asym_id_2    B 
_pdbx_validate_symm_contact.auth_comp_id_2    HOH 
_pdbx_validate_symm_contact.auth_seq_id_2     8 
_pdbx_validate_symm_contact.PDB_ins_code_2    ? 
_pdbx_validate_symm_contact.label_alt_id_2    ? 
_pdbx_validate_symm_contact.site_symmetry_2   5_656 
_pdbx_validate_symm_contact.dist              1.93 
# 
loop_
_pdbx_validate_torsion.id 
_pdbx_validate_torsion.PDB_model_num 
_pdbx_validate_torsion.auth_comp_id 
_pdbx_validate_torsion.auth_asym_id 
_pdbx_validate_torsion.auth_seq_id 
_pdbx_validate_torsion.PDB_ins_code 
_pdbx_validate_torsion.label_alt_id 
_pdbx_validate_torsion.phi 
_pdbx_validate_torsion.psi 
1 1 ALA A 269 ? ? -62.39  10.89  
2 1 LYS A 276 ? ? -53.10  -5.41  
3 1 GLN B 258 ? ? -59.41  -2.44  
4 1 LEU B 336 ? ? -101.22 -71.89 
# 
_diffrn_reflns.diffrn_id                   1 
_diffrn_reflns.pdbx_d_res_high             2.700 
_diffrn_reflns.pdbx_d_res_low              50.000 
_diffrn_reflns.pdbx_number_obs             10752 
_diffrn_reflns.pdbx_Rmerge_I_obs           0.093 
_diffrn_reflns.pdbx_Rsym_value             ? 
_diffrn_reflns.pdbx_chi_squared            1.10 
_diffrn_reflns.av_sigmaI_over_netI         ? 
_diffrn_reflns.pdbx_redundancy             14.00 
_diffrn_reflns.pdbx_percent_possible_obs   100.00 
_diffrn_reflns.number                      151051 
_diffrn_reflns.pdbx_observed_criterion     ? 
_diffrn_reflns.limit_h_max                 ? 
_diffrn_reflns.limit_h_min                 ? 
_diffrn_reflns.limit_k_max                 ? 
_diffrn_reflns.limit_k_min                 ? 
_diffrn_reflns.limit_l_max                 ? 
_diffrn_reflns.limit_l_min                 ? 
# 
loop_
_pdbx_diffrn_reflns_shell.diffrn_id 
_pdbx_diffrn_reflns_shell.d_res_high 
_pdbx_diffrn_reflns_shell.d_res_low 
_pdbx_diffrn_reflns_shell.number_obs 
_pdbx_diffrn_reflns_shell.rejects 
_pdbx_diffrn_reflns_shell.Rmerge_I_obs 
_pdbx_diffrn_reflns_shell.Rsym_value 
_pdbx_diffrn_reflns_shell.chi_squared 
_pdbx_diffrn_reflns_shell.redundancy 
_pdbx_diffrn_reflns_shell.percent_possible_obs 
1 5.81 50.00 ? ? 0.050 ? 0.978 12.60 99.80  
1 4.62 5.81  ? ? 0.053 ? 1.041 13.80 100.00 
1 4.03 4.62  ? ? 0.051 ? 0.995 14.00 100.00 
1 3.66 4.03  ? ? 0.071 ? 1.064 14.20 100.00 
1 3.40 3.66  ? ? 0.106 ? 1.052 14.30 100.00 
1 3.20 3.40  ? ? 0.187 ? 1.092 14.30 100.00 
1 3.04 3.20  ? ? 0.269 ? 1.135 14.40 100.00 
1 2.91 3.04  ? ? 0.329 ? 1.173 14.30 100.00 
1 2.80 2.91  ? ? 0.434 ? 1.215 14.40 100.00 
1 2.70 2.80  ? ? 0.628 ? 1.225 14.40 100.00 
# 
loop_
_pdbx_phasing_MAD_set_site.id 
_pdbx_phasing_MAD_set_site.atom_type_symbol 
_pdbx_phasing_MAD_set_site.occupancy 
_pdbx_phasing_MAD_set_site.fract_x 
_pdbx_phasing_MAD_set_site.fract_y 
_pdbx_phasing_MAD_set_site.fract_z 
_pdbx_phasing_MAD_set_site.b_iso 
1 Se 0.969 0.312 0.610 0.078 60.000 
2 Se 0.672 0.327 0.655 0.061 60.000 
# 
loop_
_pdbx_phasing_MAD_shell.d_res_low 
_pdbx_phasing_MAD_shell.d_res_high 
_pdbx_phasing_MAD_shell.reflns 
_pdbx_phasing_MAD_shell.fom 
50.00 12.38 283 0.270 
12.38 7.83  450 0.320 
7.83  6.13  549 0.380 
6.13  5.20  638 0.300 
5.20  4.60  715 0.290 
4.60  4.16  769 0.270 
4.16  3.83  844 0.250 
3.83  3.57  899 0.230 
# 
_phasing.method   SAD 
# 
_phasing_MAD.entry_id          3F89 
_phasing_MAD.pdbx_d_res_high   3.46 
_phasing_MAD.pdbx_d_res_low    50.00 
_phasing_MAD.pdbx_reflns       5147 
_phasing_MAD.pdbx_fom          0.280 
# 
loop_
_pdbx_unobs_or_zero_occ_residues.id 
_pdbx_unobs_or_zero_occ_residues.PDB_model_num 
_pdbx_unobs_or_zero_occ_residues.polymer_flag 
_pdbx_unobs_or_zero_occ_residues.occupancy_flag 
_pdbx_unobs_or_zero_occ_residues.auth_asym_id 
_pdbx_unobs_or_zero_occ_residues.auth_comp_id 
_pdbx_unobs_or_zero_occ_residues.auth_seq_id 
_pdbx_unobs_or_zero_occ_residues.PDB_ins_code 
_pdbx_unobs_or_zero_occ_residues.label_asym_id 
_pdbx_unobs_or_zero_occ_residues.label_comp_id 
_pdbx_unobs_or_zero_occ_residues.label_seq_id 
1  1 Y 1 A GLY 248 ? A GLY 1  
2  1 Y 1 A SER 249 ? A SER 2  
3  1 Y 1 A GLY 250 ? A GLY 3  
4  1 Y 1 A MET 251 ? A MET 4  
5  1 Y 1 A GLN 252 ? A GLN 5  
6  1 Y 1 A LEU 253 ? A LEU 6  
7  1 Y 1 A LYS 337 ? A LYS 90 
8  1 Y 1 A VAL 338 ? A VAL 91 
9  1 Y 1 A GLY 339 ? A GLY 92 
10 1 Y 1 B GLY 248 ? B GLY 1  
11 1 Y 1 B SER 249 ? B SER 2  
12 1 Y 1 B GLY 250 ? B GLY 3  
13 1 Y 1 B MET 251 ? B MET 4  
14 1 Y 1 B GLN 252 ? B GLN 5  
15 1 Y 1 B LEU 253 ? B LEU 6  
16 1 Y 1 B GLU 254 ? B GLU 7  
17 1 Y 1 B ASP 255 ? B ASP 8  
18 1 Y 1 B VAL 338 ? B VAL 91 
19 1 Y 1 B GLY 339 ? B GLY 92 
# 
loop_
_chem_comp_atom.comp_id 
_chem_comp_atom.atom_id 
_chem_comp_atom.type_symbol 
_chem_comp_atom.pdbx_aromatic_flag 
_chem_comp_atom.pdbx_stereo_config 
_chem_comp_atom.pdbx_ordinal 
ALA N    N N N 1   
ALA CA   C N S 2   
ALA C    C N N 3   
ALA O    O N N 4   
ALA CB   C N N 5   
ALA OXT  O N N 6   
ALA H    H N N 7   
ALA H2   H N N 8   
ALA HA   H N N 9   
ALA HB1  H N N 10  
ALA HB2  H N N 11  
ALA HB3  H N N 12  
ALA HXT  H N N 13  
ARG N    N N N 14  
ARG CA   C N S 15  
ARG C    C N N 16  
ARG O    O N N 17  
ARG CB   C N N 18  
ARG CG   C N N 19  
ARG CD   C N N 20  
ARG NE   N N N 21  
ARG CZ   C N N 22  
ARG NH1  N N N 23  
ARG NH2  N N N 24  
ARG OXT  O N N 25  
ARG H    H N N 26  
ARG H2   H N N 27  
ARG HA   H N N 28  
ARG HB2  H N N 29  
ARG HB3  H N N 30  
ARG HG2  H N N 31  
ARG HG3  H N N 32  
ARG HD2  H N N 33  
ARG HD3  H N N 34  
ARG HE   H N N 35  
ARG HH11 H N N 36  
ARG HH12 H N N 37  
ARG HH21 H N N 38  
ARG HH22 H N N 39  
ARG HXT  H N N 40  
ASN N    N N N 41  
ASN CA   C N S 42  
ASN C    C N N 43  
ASN O    O N N 44  
ASN CB   C N N 45  
ASN CG   C N N 46  
ASN OD1  O N N 47  
ASN ND2  N N N 48  
ASN OXT  O N N 49  
ASN H    H N N 50  
ASN H2   H N N 51  
ASN HA   H N N 52  
ASN HB2  H N N 53  
ASN HB3  H N N 54  
ASN HD21 H N N 55  
ASN HD22 H N N 56  
ASN HXT  H N N 57  
ASP N    N N N 58  
ASP CA   C N S 59  
ASP C    C N N 60  
ASP O    O N N 61  
ASP CB   C N N 62  
ASP CG   C N N 63  
ASP OD1  O N N 64  
ASP OD2  O N N 65  
ASP OXT  O N N 66  
ASP H    H N N 67  
ASP H2   H N N 68  
ASP HA   H N N 69  
ASP HB2  H N N 70  
ASP HB3  H N N 71  
ASP HD2  H N N 72  
ASP HXT  H N N 73  
GLN N    N N N 74  
GLN CA   C N S 75  
GLN C    C N N 76  
GLN O    O N N 77  
GLN CB   C N N 78  
GLN CG   C N N 79  
GLN CD   C N N 80  
GLN OE1  O N N 81  
GLN NE2  N N N 82  
GLN OXT  O N N 83  
GLN H    H N N 84  
GLN H2   H N N 85  
GLN HA   H N N 86  
GLN HB2  H N N 87  
GLN HB3  H N N 88  
GLN HG2  H N N 89  
GLN HG3  H N N 90  
GLN HE21 H N N 91  
GLN HE22 H N N 92  
GLN HXT  H N N 93  
GLU N    N N N 94  
GLU CA   C N S 95  
GLU C    C N N 96  
GLU O    O N N 97  
GLU CB   C N N 98  
GLU CG   C N N 99  
GLU CD   C N N 100 
GLU OE1  O N N 101 
GLU OE2  O N N 102 
GLU OXT  O N N 103 
GLU H    H N N 104 
GLU H2   H N N 105 
GLU HA   H N N 106 
GLU HB2  H N N 107 
GLU HB3  H N N 108 
GLU HG2  H N N 109 
GLU HG3  H N N 110 
GLU HE2  H N N 111 
GLU HXT  H N N 112 
GLY N    N N N 113 
GLY CA   C N N 114 
GLY C    C N N 115 
GLY O    O N N 116 
GLY OXT  O N N 117 
GLY H    H N N 118 
GLY H2   H N N 119 
GLY HA2  H N N 120 
GLY HA3  H N N 121 
GLY HXT  H N N 122 
HIS N    N N N 123 
HIS CA   C N S 124 
HIS C    C N N 125 
HIS O    O N N 126 
HIS CB   C N N 127 
HIS CG   C Y N 128 
HIS ND1  N Y N 129 
HIS CD2  C Y N 130 
HIS CE1  C Y N 131 
HIS NE2  N Y N 132 
HIS OXT  O N N 133 
HIS H    H N N 134 
HIS H2   H N N 135 
HIS HA   H N N 136 
HIS HB2  H N N 137 
HIS HB3  H N N 138 
HIS HD1  H N N 139 
HIS HD2  H N N 140 
HIS HE1  H N N 141 
HIS HE2  H N N 142 
HIS HXT  H N N 143 
HOH O    O N N 144 
HOH H1   H N N 145 
HOH H2   H N N 146 
ILE N    N N N 147 
ILE CA   C N S 148 
ILE C    C N N 149 
ILE O    O N N 150 
ILE CB   C N S 151 
ILE CG1  C N N 152 
ILE CG2  C N N 153 
ILE CD1  C N N 154 
ILE OXT  O N N 155 
ILE H    H N N 156 
ILE H2   H N N 157 
ILE HA   H N N 158 
ILE HB   H N N 159 
ILE HG12 H N N 160 
ILE HG13 H N N 161 
ILE HG21 H N N 162 
ILE HG22 H N N 163 
ILE HG23 H N N 164 
ILE HD11 H N N 165 
ILE HD12 H N N 166 
ILE HD13 H N N 167 
ILE HXT  H N N 168 
LEU N    N N N 169 
LEU CA   C N S 170 
LEU C    C N N 171 
LEU O    O N N 172 
LEU CB   C N N 173 
LEU CG   C N N 174 
LEU CD1  C N N 175 
LEU CD2  C N N 176 
LEU OXT  O N N 177 
LEU H    H N N 178 
LEU H2   H N N 179 
LEU HA   H N N 180 
LEU HB2  H N N 181 
LEU HB3  H N N 182 
LEU HG   H N N 183 
LEU HD11 H N N 184 
LEU HD12 H N N 185 
LEU HD13 H N N 186 
LEU HD21 H N N 187 
LEU HD22 H N N 188 
LEU HD23 H N N 189 
LEU HXT  H N N 190 
LYS N    N N N 191 
LYS CA   C N S 192 
LYS C    C N N 193 
LYS O    O N N 194 
LYS CB   C N N 195 
LYS CG   C N N 196 
LYS CD   C N N 197 
LYS CE   C N N 198 
LYS NZ   N N N 199 
LYS OXT  O N N 200 
LYS H    H N N 201 
LYS H2   H N N 202 
LYS HA   H N N 203 
LYS HB2  H N N 204 
LYS HB3  H N N 205 
LYS HG2  H N N 206 
LYS HG3  H N N 207 
LYS HD2  H N N 208 
LYS HD3  H N N 209 
LYS HE2  H N N 210 
LYS HE3  H N N 211 
LYS HZ1  H N N 212 
LYS HZ2  H N N 213 
LYS HZ3  H N N 214 
LYS HXT  H N N 215 
MET N    N N N 216 
MET CA   C N S 217 
MET C    C N N 218 
MET O    O N N 219 
MET CB   C N N 220 
MET CG   C N N 221 
MET SD   S N N 222 
MET CE   C N N 223 
MET OXT  O N N 224 
MET H    H N N 225 
MET H2   H N N 226 
MET HA   H N N 227 
MET HB2  H N N 228 
MET HB3  H N N 229 
MET HG2  H N N 230 
MET HG3  H N N 231 
MET HE1  H N N 232 
MET HE2  H N N 233 
MET HE3  H N N 234 
MET HXT  H N N 235 
PHE N    N N N 236 
PHE CA   C N S 237 
PHE C    C N N 238 
PHE O    O N N 239 
PHE CB   C N N 240 
PHE CG   C Y N 241 
PHE CD1  C Y N 242 
PHE CD2  C Y N 243 
PHE CE1  C Y N 244 
PHE CE2  C Y N 245 
PHE CZ   C Y N 246 
PHE OXT  O N N 247 
PHE H    H N N 248 
PHE H2   H N N 249 
PHE HA   H N N 250 
PHE HB2  H N N 251 
PHE HB3  H N N 252 
PHE HD1  H N N 253 
PHE HD2  H N N 254 
PHE HE1  H N N 255 
PHE HE2  H N N 256 
PHE HZ   H N N 257 
PHE HXT  H N N 258 
PRO N    N N N 259 
PRO CA   C N S 260 
PRO C    C N N 261 
PRO O    O N N 262 
PRO CB   C N N 263 
PRO CG   C N N 264 
PRO CD   C N N 265 
PRO OXT  O N N 266 
PRO H    H N N 267 
PRO HA   H N N 268 
PRO HB2  H N N 269 
PRO HB3  H N N 270 
PRO HG2  H N N 271 
PRO HG3  H N N 272 
PRO HD2  H N N 273 
PRO HD3  H N N 274 
PRO HXT  H N N 275 
SER N    N N N 276 
SER CA   C N S 277 
SER C    C N N 278 
SER O    O N N 279 
SER CB   C N N 280 
SER OG   O N N 281 
SER OXT  O N N 282 
SER H    H N N 283 
SER H2   H N N 284 
SER HA   H N N 285 
SER HB2  H N N 286 
SER HB3  H N N 287 
SER HG   H N N 288 
SER HXT  H N N 289 
THR N    N N N 290 
THR CA   C N S 291 
THR C    C N N 292 
THR O    O N N 293 
THR CB   C N R 294 
THR OG1  O N N 295 
THR CG2  C N N 296 
THR OXT  O N N 297 
THR H    H N N 298 
THR H2   H N N 299 
THR HA   H N N 300 
THR HB   H N N 301 
THR HG1  H N N 302 
THR HG21 H N N 303 
THR HG22 H N N 304 
THR HG23 H N N 305 
THR HXT  H N N 306 
TYR N    N N N 307 
TYR CA   C N S 308 
TYR C    C N N 309 
TYR O    O N N 310 
TYR CB   C N N 311 
TYR CG   C Y N 312 
TYR CD1  C Y N 313 
TYR CD2  C Y N 314 
TYR CE1  C Y N 315 
TYR CE2  C Y N 316 
TYR CZ   C Y N 317 
TYR OH   O N N 318 
TYR OXT  O N N 319 
TYR H    H N N 320 
TYR H2   H N N 321 
TYR HA   H N N 322 
TYR HB2  H N N 323 
TYR HB3  H N N 324 
TYR HD1  H N N 325 
TYR HD2  H N N 326 
TYR HE1  H N N 327 
TYR HE2  H N N 328 
TYR HH   H N N 329 
TYR HXT  H N N 330 
VAL N    N N N 331 
VAL CA   C N S 332 
VAL C    C N N 333 
VAL O    O N N 334 
VAL CB   C N N 335 
VAL CG1  C N N 336 
VAL CG2  C N N 337 
VAL OXT  O N N 338 
VAL H    H N N 339 
VAL H2   H N N 340 
VAL HA   H N N 341 
VAL HB   H N N 342 
VAL HG11 H N N 343 
VAL HG12 H N N 344 
VAL HG13 H N N 345 
VAL HG21 H N N 346 
VAL HG22 H N N 347 
VAL HG23 H N N 348 
VAL HXT  H N N 349 
# 
loop_
_chem_comp_bond.comp_id 
_chem_comp_bond.atom_id_1 
_chem_comp_bond.atom_id_2 
_chem_comp_bond.value_order 
_chem_comp_bond.pdbx_aromatic_flag 
_chem_comp_bond.pdbx_stereo_config 
_chem_comp_bond.pdbx_ordinal 
ALA N   CA   sing N N 1   
ALA N   H    sing N N 2   
ALA N   H2   sing N N 3   
ALA CA  C    sing N N 4   
ALA CA  CB   sing N N 5   
ALA CA  HA   sing N N 6   
ALA C   O    doub N N 7   
ALA C   OXT  sing N N 8   
ALA CB  HB1  sing N N 9   
ALA CB  HB2  sing N N 10  
ALA CB  HB3  sing N N 11  
ALA OXT HXT  sing N N 12  
ARG N   CA   sing N N 13  
ARG N   H    sing N N 14  
ARG N   H2   sing N N 15  
ARG CA  C    sing N N 16  
ARG CA  CB   sing N N 17  
ARG CA  HA   sing N N 18  
ARG C   O    doub N N 19  
ARG C   OXT  sing N N 20  
ARG CB  CG   sing N N 21  
ARG CB  HB2  sing N N 22  
ARG CB  HB3  sing N N 23  
ARG CG  CD   sing N N 24  
ARG CG  HG2  sing N N 25  
ARG CG  HG3  sing N N 26  
ARG CD  NE   sing N N 27  
ARG CD  HD2  sing N N 28  
ARG CD  HD3  sing N N 29  
ARG NE  CZ   sing N N 30  
ARG NE  HE   sing N N 31  
ARG CZ  NH1  sing N N 32  
ARG CZ  NH2  doub N N 33  
ARG NH1 HH11 sing N N 34  
ARG NH1 HH12 sing N N 35  
ARG NH2 HH21 sing N N 36  
ARG NH2 HH22 sing N N 37  
ARG OXT HXT  sing N N 38  
ASN N   CA   sing N N 39  
ASN N   H    sing N N 40  
ASN N   H2   sing N N 41  
ASN CA  C    sing N N 42  
ASN CA  CB   sing N N 43  
ASN CA  HA   sing N N 44  
ASN C   O    doub N N 45  
ASN C   OXT  sing N N 46  
ASN CB  CG   sing N N 47  
ASN CB  HB2  sing N N 48  
ASN CB  HB3  sing N N 49  
ASN CG  OD1  doub N N 50  
ASN CG  ND2  sing N N 51  
ASN ND2 HD21 sing N N 52  
ASN ND2 HD22 sing N N 53  
ASN OXT HXT  sing N N 54  
ASP N   CA   sing N N 55  
ASP N   H    sing N N 56  
ASP N   H2   sing N N 57  
ASP CA  C    sing N N 58  
ASP CA  CB   sing N N 59  
ASP CA  HA   sing N N 60  
ASP C   O    doub N N 61  
ASP C   OXT  sing N N 62  
ASP CB  CG   sing N N 63  
ASP CB  HB2  sing N N 64  
ASP CB  HB3  sing N N 65  
ASP CG  OD1  doub N N 66  
ASP CG  OD2  sing N N 67  
ASP OD2 HD2  sing N N 68  
ASP OXT HXT  sing N N 69  
GLN N   CA   sing N N 70  
GLN N   H    sing N N 71  
GLN N   H2   sing N N 72  
GLN CA  C    sing N N 73  
GLN CA  CB   sing N N 74  
GLN CA  HA   sing N N 75  
GLN C   O    doub N N 76  
GLN C   OXT  sing N N 77  
GLN CB  CG   sing N N 78  
GLN CB  HB2  sing N N 79  
GLN CB  HB3  sing N N 80  
GLN CG  CD   sing N N 81  
GLN CG  HG2  sing N N 82  
GLN CG  HG3  sing N N 83  
GLN CD  OE1  doub N N 84  
GLN CD  NE2  sing N N 85  
GLN NE2 HE21 sing N N 86  
GLN NE2 HE22 sing N N 87  
GLN OXT HXT  sing N N 88  
GLU N   CA   sing N N 89  
GLU N   H    sing N N 90  
GLU N   H2   sing N N 91  
GLU CA  C    sing N N 92  
GLU CA  CB   sing N N 93  
GLU CA  HA   sing N N 94  
GLU C   O    doub N N 95  
GLU C   OXT  sing N N 96  
GLU CB  CG   sing N N 97  
GLU CB  HB2  sing N N 98  
GLU CB  HB3  sing N N 99  
GLU CG  CD   sing N N 100 
GLU CG  HG2  sing N N 101 
GLU CG  HG3  sing N N 102 
GLU CD  OE1  doub N N 103 
GLU CD  OE2  sing N N 104 
GLU OE2 HE2  sing N N 105 
GLU OXT HXT  sing N N 106 
GLY N   CA   sing N N 107 
GLY N   H    sing N N 108 
GLY N   H2   sing N N 109 
GLY CA  C    sing N N 110 
GLY CA  HA2  sing N N 111 
GLY CA  HA3  sing N N 112 
GLY C   O    doub N N 113 
GLY C   OXT  sing N N 114 
GLY OXT HXT  sing N N 115 
HIS N   CA   sing N N 116 
HIS N   H    sing N N 117 
HIS N   H2   sing N N 118 
HIS CA  C    sing N N 119 
HIS CA  CB   sing N N 120 
HIS CA  HA   sing N N 121 
HIS C   O    doub N N 122 
HIS C   OXT  sing N N 123 
HIS CB  CG   sing N N 124 
HIS CB  HB2  sing N N 125 
HIS CB  HB3  sing N N 126 
HIS CG  ND1  sing Y N 127 
HIS CG  CD2  doub Y N 128 
HIS ND1 CE1  doub Y N 129 
HIS ND1 HD1  sing N N 130 
HIS CD2 NE2  sing Y N 131 
HIS CD2 HD2  sing N N 132 
HIS CE1 NE2  sing Y N 133 
HIS CE1 HE1  sing N N 134 
HIS NE2 HE2  sing N N 135 
HIS OXT HXT  sing N N 136 
HOH O   H1   sing N N 137 
HOH O   H2   sing N N 138 
ILE N   CA   sing N N 139 
ILE N   H    sing N N 140 
ILE N   H2   sing N N 141 
ILE CA  C    sing N N 142 
ILE CA  CB   sing N N 143 
ILE CA  HA   sing N N 144 
ILE C   O    doub N N 145 
ILE C   OXT  sing N N 146 
ILE CB  CG1  sing N N 147 
ILE CB  CG2  sing N N 148 
ILE CB  HB   sing N N 149 
ILE CG1 CD1  sing N N 150 
ILE CG1 HG12 sing N N 151 
ILE CG1 HG13 sing N N 152 
ILE CG2 HG21 sing N N 153 
ILE CG2 HG22 sing N N 154 
ILE CG2 HG23 sing N N 155 
ILE CD1 HD11 sing N N 156 
ILE CD1 HD12 sing N N 157 
ILE CD1 HD13 sing N N 158 
ILE OXT HXT  sing N N 159 
LEU N   CA   sing N N 160 
LEU N   H    sing N N 161 
LEU N   H2   sing N N 162 
LEU CA  C    sing N N 163 
LEU CA  CB   sing N N 164 
LEU CA  HA   sing N N 165 
LEU C   O    doub N N 166 
LEU C   OXT  sing N N 167 
LEU CB  CG   sing N N 168 
LEU CB  HB2  sing N N 169 
LEU CB  HB3  sing N N 170 
LEU CG  CD1  sing N N 171 
LEU CG  CD2  sing N N 172 
LEU CG  HG   sing N N 173 
LEU CD1 HD11 sing N N 174 
LEU CD1 HD12 sing N N 175 
LEU CD1 HD13 sing N N 176 
LEU CD2 HD21 sing N N 177 
LEU CD2 HD22 sing N N 178 
LEU CD2 HD23 sing N N 179 
LEU OXT HXT  sing N N 180 
LYS N   CA   sing N N 181 
LYS N   H    sing N N 182 
LYS N   H2   sing N N 183 
LYS CA  C    sing N N 184 
LYS CA  CB   sing N N 185 
LYS CA  HA   sing N N 186 
LYS C   O    doub N N 187 
LYS C   OXT  sing N N 188 
LYS CB  CG   sing N N 189 
LYS CB  HB2  sing N N 190 
LYS CB  HB3  sing N N 191 
LYS CG  CD   sing N N 192 
LYS CG  HG2  sing N N 193 
LYS CG  HG3  sing N N 194 
LYS CD  CE   sing N N 195 
LYS CD  HD2  sing N N 196 
LYS CD  HD3  sing N N 197 
LYS CE  NZ   sing N N 198 
LYS CE  HE2  sing N N 199 
LYS CE  HE3  sing N N 200 
LYS NZ  HZ1  sing N N 201 
LYS NZ  HZ2  sing N N 202 
LYS NZ  HZ3  sing N N 203 
LYS OXT HXT  sing N N 204 
MET N   CA   sing N N 205 
MET N   H    sing N N 206 
MET N   H2   sing N N 207 
MET CA  C    sing N N 208 
MET CA  CB   sing N N 209 
MET CA  HA   sing N N 210 
MET C   O    doub N N 211 
MET C   OXT  sing N N 212 
MET CB  CG   sing N N 213 
MET CB  HB2  sing N N 214 
MET CB  HB3  sing N N 215 
MET CG  SD   sing N N 216 
MET CG  HG2  sing N N 217 
MET CG  HG3  sing N N 218 
MET SD  CE   sing N N 219 
MET CE  HE1  sing N N 220 
MET CE  HE2  sing N N 221 
MET CE  HE3  sing N N 222 
MET OXT HXT  sing N N 223 
PHE N   CA   sing N N 224 
PHE N   H    sing N N 225 
PHE N   H2   sing N N 226 
PHE CA  C    sing N N 227 
PHE CA  CB   sing N N 228 
PHE CA  HA   sing N N 229 
PHE C   O    doub N N 230 
PHE C   OXT  sing N N 231 
PHE CB  CG   sing N N 232 
PHE CB  HB2  sing N N 233 
PHE CB  HB3  sing N N 234 
PHE CG  CD1  doub Y N 235 
PHE CG  CD2  sing Y N 236 
PHE CD1 CE1  sing Y N 237 
PHE CD1 HD1  sing N N 238 
PHE CD2 CE2  doub Y N 239 
PHE CD2 HD2  sing N N 240 
PHE CE1 CZ   doub Y N 241 
PHE CE1 HE1  sing N N 242 
PHE CE2 CZ   sing Y N 243 
PHE CE2 HE2  sing N N 244 
PHE CZ  HZ   sing N N 245 
PHE OXT HXT  sing N N 246 
PRO N   CA   sing N N 247 
PRO N   CD   sing N N 248 
PRO N   H    sing N N 249 
PRO CA  C    sing N N 250 
PRO CA  CB   sing N N 251 
PRO CA  HA   sing N N 252 
PRO C   O    doub N N 253 
PRO C   OXT  sing N N 254 
PRO CB  CG   sing N N 255 
PRO CB  HB2  sing N N 256 
PRO CB  HB3  sing N N 257 
PRO CG  CD   sing N N 258 
PRO CG  HG2  sing N N 259 
PRO CG  HG3  sing N N 260 
PRO CD  HD2  sing N N 261 
PRO CD  HD3  sing N N 262 
PRO OXT HXT  sing N N 263 
SER N   CA   sing N N 264 
SER N   H    sing N N 265 
SER N   H2   sing N N 266 
SER CA  C    sing N N 267 
SER CA  CB   sing N N 268 
SER CA  HA   sing N N 269 
SER C   O    doub N N 270 
SER C   OXT  sing N N 271 
SER CB  OG   sing N N 272 
SER CB  HB2  sing N N 273 
SER CB  HB3  sing N N 274 
SER OG  HG   sing N N 275 
SER OXT HXT  sing N N 276 
THR N   CA   sing N N 277 
THR N   H    sing N N 278 
THR N   H2   sing N N 279 
THR CA  C    sing N N 280 
THR CA  CB   sing N N 281 
THR CA  HA   sing N N 282 
THR C   O    doub N N 283 
THR C   OXT  sing N N 284 
THR CB  OG1  sing N N 285 
THR CB  CG2  sing N N 286 
THR CB  HB   sing N N 287 
THR OG1 HG1  sing N N 288 
THR CG2 HG21 sing N N 289 
THR CG2 HG22 sing N N 290 
THR CG2 HG23 sing N N 291 
THR OXT HXT  sing N N 292 
TYR N   CA   sing N N 293 
TYR N   H    sing N N 294 
TYR N   H2   sing N N 295 
TYR CA  C    sing N N 296 
TYR CA  CB   sing N N 297 
TYR CA  HA   sing N N 298 
TYR C   O    doub N N 299 
TYR C   OXT  sing N N 300 
TYR CB  CG   sing N N 301 
TYR CB  HB2  sing N N 302 
TYR CB  HB3  sing N N 303 
TYR CG  CD1  doub Y N 304 
TYR CG  CD2  sing Y N 305 
TYR CD1 CE1  sing Y N 306 
TYR CD1 HD1  sing N N 307 
TYR CD2 CE2  doub Y N 308 
TYR CD2 HD2  sing N N 309 
TYR CE1 CZ   doub Y N 310 
TYR CE1 HE1  sing N N 311 
TYR CE2 CZ   sing Y N 312 
TYR CE2 HE2  sing N N 313 
TYR CZ  OH   sing N N 314 
TYR OH  HH   sing N N 315 
TYR OXT HXT  sing N N 316 
VAL N   CA   sing N N 317 
VAL N   H    sing N N 318 
VAL N   H2   sing N N 319 
VAL CA  C    sing N N 320 
VAL CA  CB   sing N N 321 
VAL CA  HA   sing N N 322 
VAL C   O    doub N N 323 
VAL C   OXT  sing N N 324 
VAL CB  CG1  sing N N 325 
VAL CB  CG2  sing N N 326 
VAL CB  HB   sing N N 327 
VAL CG1 HG11 sing N N 328 
VAL CG1 HG12 sing N N 329 
VAL CG1 HG13 sing N N 330 
VAL CG2 HG21 sing N N 331 
VAL CG2 HG22 sing N N 332 
VAL CG2 HG23 sing N N 333 
VAL OXT HXT  sing N N 334 
# 
_atom_sites.entry_id                    3F89 
_atom_sites.fract_transf_matrix[1][1]   0.00757386 
_atom_sites.fract_transf_matrix[1][2]   0.00462537 
_atom_sites.fract_transf_matrix[1][3]   -0.00770556 
_atom_sites.fract_transf_matrix[2][1]   -0.00642657 
_atom_sites.fract_transf_matrix[2][2]   0.00983158 
_atom_sites.fract_transf_matrix[2][3]   -0.00041519 
_atom_sites.fract_transf_matrix[3][1]   0.00528177 
_atom_sites.fract_transf_matrix[3][2]   0.00376725 
_atom_sites.fract_transf_matrix[3][3]   0.00745284 
_atom_sites.fract_transf_vector[1]      0.304236 
_atom_sites.fract_transf_vector[2]      0.915223 
_atom_sites.fract_transf_vector[3]      0.493900 
# 
loop_
_atom_type.symbol 
C 
N 
O 
S 
# 
loop_
_atom_site.group_PDB 
_atom_site.id 
_atom_site.type_symbol 
_atom_site.label_atom_id 
_atom_site.label_alt_id 
_atom_site.label_comp_id 
_atom_site.label_asym_id 
_atom_site.label_entity_id 
_atom_site.label_seq_id 
_atom_site.pdbx_PDB_ins_code 
_atom_site.Cartn_x 
_atom_site.Cartn_y 
_atom_site.Cartn_z 
_atom_site.occupancy 
_atom_site.B_iso_or_equiv 
_atom_site.pdbx_formal_charge 
_atom_site.auth_seq_id 
_atom_site.auth_comp_id 
_atom_site.auth_asym_id 
_atom_site.auth_atom_id 
_atom_site.pdbx_PDB_model_num 
ATOM   1    N N   . GLU A 1 7  ? -10.797 -27.409 56.539  1.00 87.13 ? 254 GLU A N   1 
ATOM   2    C CA  . GLU A 1 7  ? -11.906 -26.422 56.732  1.00 87.18 ? 254 GLU A CA  1 
ATOM   3    C C   . GLU A 1 7  ? -11.569 -25.134 55.997  1.00 86.96 ? 254 GLU A C   1 
ATOM   4    O O   . GLU A 1 7  ? -12.395 -24.586 55.263  1.00 86.90 ? 254 GLU A O   1 
ATOM   5    C CB  . GLU A 1 7  ? -12.195 -26.164 58.229  1.00 87.30 ? 254 GLU A CB  1 
ATOM   6    C CG  . GLU A 1 7  ? -11.140 -25.346 59.020  1.00 87.70 ? 254 GLU A CG  1 
ATOM   7    C CD  . GLU A 1 7  ? -10.075 -26.197 59.727  1.00 88.38 ? 254 GLU A CD  1 
ATOM   8    O OE1 . GLU A 1 7  ? -10.387 -27.323 60.181  1.00 88.57 ? 254 GLU A OE1 1 
ATOM   9    O OE2 . GLU A 1 7  ? -8.920  -25.724 59.848  1.00 88.21 ? 254 GLU A OE2 1 
ATOM   10   N N   . ASP A 1 8  ? -10.343 -24.668 56.217  1.00 86.76 ? 255 ASP A N   1 
ATOM   11   C CA  . ASP A 1 8  ? -9.740  -23.590 55.451  1.00 86.53 ? 255 ASP A CA  1 
ATOM   12   C C   . ASP A 1 8  ? -8.754  -24.203 54.448  1.00 86.48 ? 255 ASP A C   1 
ATOM   13   O O   . ASP A 1 8  ? -8.491  -23.629 53.375  1.00 86.33 ? 255 ASP A O   1 
ATOM   14   C CB  . ASP A 1 8  ? -9.032  -22.609 56.387  1.00 86.37 ? 255 ASP A CB  1 
ATOM   15   C CG  . ASP A 1 8  ? -7.928  -21.845 55.699  1.00 85.98 ? 255 ASP A CG  1 
ATOM   16   O OD1 . ASP A 1 8  ? -6.747  -22.079 56.030  1.00 85.52 ? 255 ASP A OD1 1 
ATOM   17   O OD2 . ASP A 1 8  ? -8.238  -21.034 54.808  1.00 85.60 ? 255 ASP A OD2 1 
ATOM   18   N N   . LEU A 1 9  ? -8.224  -25.376 54.818  1.00 86.31 ? 256 LEU A N   1 
ATOM   19   C CA  . LEU A 1 9  ? -7.400  -26.218 53.936  1.00 86.02 ? 256 LEU A CA  1 
ATOM   20   C C   . LEU A 1 9  ? -8.121  -26.506 52.610  1.00 85.70 ? 256 LEU A C   1 
ATOM   21   O O   . LEU A 1 9  ? -7.505  -26.935 51.636  1.00 85.54 ? 256 LEU A O   1 
ATOM   22   C CB  . LEU A 1 9  ? -6.987  -27.529 54.649  1.00 86.07 ? 256 LEU A CB  1 
ATOM   23   C CG  . LEU A 1 9  ? -5.536  -27.787 55.129  1.00 85.85 ? 256 LEU A CG  1 
ATOM   24   C CD1 . LEU A 1 9  ? -4.965  -26.677 56.019  1.00 85.43 ? 256 LEU A CD1 1 
ATOM   25   C CD2 . LEU A 1 9  ? -5.407  -29.143 55.830  1.00 84.99 ? 256 LEU A CD2 1 
ATOM   26   N N   . ARG A 1 10 ? -9.427  -26.253 52.586  1.00 85.45 ? 257 ARG A N   1 
ATOM   27   C CA  . ARG A 1 10 ? -10.221 -26.346 51.362  1.00 85.05 ? 257 ARG A CA  1 
ATOM   28   C C   . ARG A 1 10 ? -10.689 -24.978 50.870  1.00 84.37 ? 257 ARG A C   1 
ATOM   29   O O   . ARG A 1 10 ? -10.967 -24.821 49.686  1.00 84.48 ? 257 ARG A O   1 
ATOM   30   C CB  . ARG A 1 10 ? -11.413 -27.309 51.544  1.00 85.26 ? 257 ARG A CB  1 
ATOM   31   C CG  . ARG A 1 10 ? -12.674 -26.744 52.217  1.00 86.17 ? 257 ARG A CG  1 
ATOM   32   C CD  . ARG A 1 10 ? -13.793 -26.479 51.202  1.00 87.94 ? 257 ARG A CD  1 
ATOM   33   N NE  . ARG A 1 10 ? -13.967 -25.053 50.904  1.00 89.72 ? 257 ARG A NE  1 
ATOM   34   C CZ  . ARG A 1 10 ? -14.853 -24.550 50.038  1.00 90.56 ? 257 ARG A CZ  1 
ATOM   35   N NH1 . ARG A 1 10 ? -15.660 -25.348 49.344  1.00 90.97 ? 257 ARG A NH1 1 
ATOM   36   N NH2 . ARG A 1 10 ? -14.926 -23.234 49.854  1.00 90.69 ? 257 ARG A NH2 1 
ATOM   37   N N   . GLN A 1 11 ? -10.756 -23.993 51.769  1.00 83.52 ? 258 GLN A N   1 
ATOM   38   C CA  . GLN A 1 11 ? -11.414 -22.711 51.472  1.00 82.47 ? 258 GLN A CA  1 
ATOM   39   C C   . GLN A 1 11 ? -10.572 -21.766 50.613  1.00 81.67 ? 258 GLN A C   1 
ATOM   40   O O   . GLN A 1 11 ? -10.904 -20.591 50.451  1.00 81.62 ? 258 GLN A O   1 
ATOM   41   C CB  . GLN A 1 11 ? -11.913 -22.036 52.763  1.00 82.56 ? 258 GLN A CB  1 
ATOM   42   C CG  . GLN A 1 11 ? -10.980 -21.003 53.387  1.00 82.55 ? 258 GLN A CG  1 
ATOM   43   C CD  . GLN A 1 11 ? -11.138 -19.621 52.775  1.00 82.43 ? 258 GLN A CD  1 
ATOM   44   O OE1 . GLN A 1 11 ? -10.176 -18.866 52.672  1.00 82.18 ? 258 GLN A OE1 1 
ATOM   45   N NE2 . GLN A 1 11 ? -12.352 -19.295 52.339  1.00 82.84 ? 258 GLN A NE2 1 
ATOM   46   N N   . GLN A 1 12 ? -9.500  -22.291 50.033  1.00 80.67 ? 259 GLN A N   1 
ATOM   47   C CA  . GLN A 1 12 ? -8.614  -21.468 49.227  1.00 79.47 ? 259 GLN A CA  1 
ATOM   48   C C   . GLN A 1 12 ? -8.935  -21.465 47.729  1.00 78.59 ? 259 GLN A C   1 
ATOM   49   O O   . GLN A 1 12 ? -8.185  -20.894 46.941  1.00 78.54 ? 259 GLN A O   1 
ATOM   50   C CB  . GLN A 1 12 ? -7.148  -21.827 49.496  1.00 79.63 ? 259 GLN A CB  1 
ATOM   51   C CG  . GLN A 1 12 ? -6.188  -20.643 49.381  1.00 79.70 ? 259 GLN A CG  1 
ATOM   52   C CD  . GLN A 1 12 ? -6.673  -19.402 50.126  1.00 79.96 ? 259 GLN A CD  1 
ATOM   53   O OE1 . GLN A 1 12 ? -7.813  -18.949 49.948  1.00 79.19 ? 259 GLN A OE1 1 
ATOM   54   N NE2 . GLN A 1 12 ? -5.801  -18.842 50.962  1.00 80.56 ? 259 GLN A NE2 1 
ATOM   55   N N   . LEU A 1 13 ? -10.041 -22.095 47.332  1.00 77.42 ? 260 LEU A N   1 
ATOM   56   C CA  . LEU A 1 13 ? -10.561 -21.882 45.979  1.00 76.34 ? 260 LEU A CA  1 
ATOM   57   C C   . LEU A 1 13 ? -11.350 -20.571 45.959  1.00 75.34 ? 260 LEU A C   1 
ATOM   58   O O   . LEU A 1 13 ? -11.409 -19.883 44.941  1.00 75.25 ? 260 LEU A O   1 
ATOM   59   C CB  . LEU A 1 13 ? -11.400 -23.063 45.473  1.00 76.26 ? 260 LEU A CB  1 
ATOM   60   C CG  . LEU A 1 13 ? -12.804 -23.275 46.047  1.00 77.05 ? 260 LEU A CG  1 
ATOM   61   C CD1 . LEU A 1 13 ? -13.762 -23.896 45.024  1.00 77.68 ? 260 LEU A CD1 1 
ATOM   62   C CD2 . LEU A 1 13 ? -12.745 -24.122 47.302  1.00 77.21 ? 260 LEU A CD2 1 
ATOM   63   N N   . GLN A 1 14 ? -11.923 -20.222 47.108  1.00 74.18 ? 261 GLN A N   1 
ATOM   64   C CA  . GLN A 1 14 ? -12.652 -18.959 47.287  1.00 73.09 ? 261 GLN A CA  1 
ATOM   65   C C   . GLN A 1 14 ? -11.749 -17.729 47.076  1.00 71.86 ? 261 GLN A C   1 
ATOM   66   O O   . GLN A 1 14 ? -12.224 -16.587 47.053  1.00 72.03 ? 261 GLN A O   1 
ATOM   67   C CB  . GLN A 1 14 ? -13.333 -18.906 48.672  1.00 73.35 ? 261 GLN A CB  1 
ATOM   68   C CG  . GLN A 1 14 ? -14.487 -19.912 48.907  1.00 74.01 ? 261 GLN A CG  1 
ATOM   69   C CD  . GLN A 1 14 ? -15.779 -19.539 48.178  1.00 74.72 ? 261 GLN A CD  1 
ATOM   70   O OE1 . GLN A 1 14 ? -15.898 -19.713 46.960  1.00 74.33 ? 261 GLN A OE1 1 
ATOM   71   N NE2 . GLN A 1 14 ? -16.759 -19.034 48.931  1.00 75.13 ? 261 GLN A NE2 1 
ATOM   72   N N   . GLN A 1 15 ? -10.451 -17.965 46.926  1.00 70.11 ? 262 GLN A N   1 
ATOM   73   C CA  . GLN A 1 15 ? -9.525  -16.903 46.568  1.00 68.38 ? 262 GLN A CA  1 
ATOM   74   C C   . GLN A 1 15 ? -8.977  -17.178 45.168  1.00 67.42 ? 262 GLN A C   1 
ATOM   75   O O   . GLN A 1 15 ? -8.589  -16.251 44.457  1.00 67.04 ? 262 GLN A O   1 
ATOM   76   C CB  . GLN A 1 15 ? -8.401  -16.804 47.600  1.00 68.29 ? 262 GLN A CB  1 
ATOM   77   C CG  . GLN A 1 15 ? -7.789  -15.422 47.739  1.00 67.83 ? 262 GLN A CG  1 
ATOM   78   C CD  . GLN A 1 15 ? -6.746  -15.350 48.848  1.00 68.08 ? 262 GLN A CD  1 
ATOM   79   O OE1 . GLN A 1 15 ? -6.861  -16.018 49.877  1.00 67.47 ? 262 GLN A OE1 1 
ATOM   80   N NE2 . GLN A 1 15 ? -5.725  -14.528 48.642  1.00 66.93 ? 262 GLN A NE2 1 
ATOM   81   N N   . ALA A 1 16 ? -8.974  -18.457 44.784  1.00 66.12 ? 263 ALA A N   1 
ATOM   82   C CA  . ALA A 1 16 ? -8.488  -18.891 43.480  1.00 65.11 ? 263 ALA A CA  1 
ATOM   83   C C   . ALA A 1 16 ? -9.445  -18.467 42.385  1.00 64.56 ? 263 ALA A C   1 
ATOM   84   O O   . ALA A 1 16 ? -9.024  -18.060 41.302  1.00 64.49 ? 263 ALA A O   1 
ATOM   85   C CB  . ALA A 1 16 ? -8.294  -20.400 43.450  1.00 64.96 ? 263 ALA A CB  1 
ATOM   86   N N   . GLU A 1 17 ? -10.738 -18.563 42.672  1.00 63.87 ? 264 GLU A N   1 
ATOM   87   C CA  . GLU A 1 17 ? -11.762 -18.189 41.703  1.00 62.98 ? 264 GLU A CA  1 
ATOM   88   C C   . GLU A 1 17 ? -11.910 -16.680 41.580  1.00 62.09 ? 264 GLU A C   1 
ATOM   89   O O   . GLU A 1 17 ? -12.273 -16.185 40.522  1.00 61.73 ? 264 GLU A O   1 
ATOM   90   C CB  . GLU A 1 17 ? -13.075 -18.898 42.006  1.00 63.02 ? 264 GLU A CB  1 
ATOM   91   C CG  . GLU A 1 17 ? -13.066 -20.342 41.504  1.00 63.75 ? 264 GLU A CG  1 
ATOM   92   C CD  . GLU A 1 17 ? -13.617 -21.342 42.517  1.00 65.14 ? 264 GLU A CD  1 
ATOM   93   O OE1 . GLU A 1 17 ? -13.892 -20.945 43.677  1.00 65.42 ? 264 GLU A OE1 1 
ATOM   94   O OE2 . GLU A 1 17 ? -13.765 -22.535 42.151  1.00 65.16 ? 264 GLU A OE2 1 
ATOM   95   N N   . GLU A 1 18 ? -11.590 -15.956 42.651  1.00 61.32 ? 265 GLU A N   1 
ATOM   96   C CA  . GLU A 1 18 ? -11.414 -14.494 42.584  1.00 60.81 ? 265 GLU A CA  1 
ATOM   97   C C   . GLU A 1 18 ? -10.240 -14.099 41.662  1.00 60.22 ? 265 GLU A C   1 
ATOM   98   O O   . GLU A 1 18 ? -10.103 -12.930 41.254  1.00 60.02 ? 265 GLU A O   1 
ATOM   99   C CB  . GLU A 1 18 ? -11.213 -13.914 43.987  1.00 60.81 ? 265 GLU A CB  1 
ATOM   100  C CG  . GLU A 1 18 ? -11.276 -12.399 44.064  1.00 61.29 ? 265 GLU A CG  1 
ATOM   101  C CD  . GLU A 1 18 ? -11.494 -11.896 45.476  1.00 62.58 ? 265 GLU A CD  1 
ATOM   102  O OE1 . GLU A 1 18 ? -11.842 -10.707 45.629  1.00 62.94 ? 265 GLU A OE1 1 
ATOM   103  O OE2 . GLU A 1 18 ? -11.328 -12.686 46.432  1.00 63.18 ? 265 GLU A OE2 1 
ATOM   104  N N   . ALA A 1 19 ? -9.397  -15.083 41.347  1.00 59.35 ? 266 ALA A N   1 
ATOM   105  C CA  . ALA A 1 19 ? -8.332  -14.909 40.368  1.00 58.29 ? 266 ALA A CA  1 
ATOM   106  C C   . ALA A 1 19 ? -8.692  -15.569 39.031  1.00 57.31 ? 266 ALA A C   1 
ATOM   107  O O   . ALA A 1 19 ? -8.463  -14.975 37.993  1.00 56.97 ? 266 ALA A O   1 
ATOM   108  C CB  . ALA A 1 19 ? -7.003  -15.419 40.912  1.00 58.39 ? 266 ALA A CB  1 
ATOM   109  N N   . LEU A 1 20 ? -9.281  -16.766 39.060  1.00 56.40 ? 267 LEU A N   1 
ATOM   110  C CA  . LEU A 1 20 ? -9.741  -17.453 37.844  1.00 55.85 ? 267 LEU A CA  1 
ATOM   111  C C   . LEU A 1 20 ? -10.594 -16.579 36.950  1.00 55.84 ? 267 LEU A C   1 
ATOM   112  O O   . LEU A 1 20 ? -10.827 -16.911 35.788  1.00 56.17 ? 267 LEU A O   1 
ATOM   113  C CB  . LEU A 1 20 ? -10.560 -18.702 38.180  1.00 55.60 ? 267 LEU A CB  1 
ATOM   114  C CG  . LEU A 1 20 ? -9.967  -20.088 37.900  1.00 55.65 ? 267 LEU A CG  1 
ATOM   115  C CD1 . LEU A 1 20 ? -11.036 -21.164 38.019  1.00 55.30 ? 267 LEU A CD1 1 
ATOM   116  C CD2 . LEU A 1 20 ? -9.302  -20.170 36.524  1.00 55.76 ? 267 LEU A CD2 1 
ATOM   117  N N   . VAL A 1 21 ? -11.058 -15.464 37.507  1.00 55.55 ? 268 VAL A N   1 
ATOM   118  C CA  . VAL A 1 21 ? -12.055 -14.612 36.882  1.00 54.69 ? 268 VAL A CA  1 
ATOM   119  C C   . VAL A 1 21 ? -11.388 -13.325 36.410  1.00 54.09 ? 268 VAL A C   1 
ATOM   120  O O   . VAL A 1 21 ? -11.507 -12.963 35.238  1.00 54.60 ? 268 VAL A O   1 
ATOM   121  C CB  . VAL A 1 21 ? -13.260 -14.347 37.852  1.00 54.86 ? 268 VAL A CB  1 
ATOM   122  C CG1 . VAL A 1 21 ? -12.894 -13.374 38.991  1.00 54.69 ? 268 VAL A CG1 1 
ATOM   123  C CG2 . VAL A 1 21 ? -14.469 -13.850 37.098  1.00 55.53 ? 268 VAL A CG2 1 
ATOM   124  N N   . ALA A 1 22 ? -10.667 -12.652 37.309  1.00 52.92 ? 269 ALA A N   1 
ATOM   125  C CA  . ALA A 1 22 ? -9.917  -11.429 36.974  1.00 51.92 ? 269 ALA A CA  1 
ATOM   126  C C   . ALA A 1 22 ? -8.826  -11.722 35.925  1.00 51.16 ? 269 ALA A C   1 
ATOM   127  O O   . ALA A 1 22 ? -7.960  -10.879 35.630  1.00 50.71 ? 269 ALA A O   1 
ATOM   128  C CB  . ALA A 1 22 ? -9.308  -10.827 38.241  1.00 51.94 ? 269 ALA A CB  1 
ATOM   129  N N   . LYS A 1 23 ? -8.923  -12.933 35.368  1.00 50.18 ? 270 LYS A N   1 
ATOM   130  C CA  . LYS A 1 23 ? -7.927  -13.553 34.506  1.00 48.78 ? 270 LYS A CA  1 
ATOM   131  C C   . LYS A 1 23 ? -8.522  -13.675 33.111  1.00 48.85 ? 270 LYS A C   1 
ATOM   132  O O   . LYS A 1 23 ? -7.816  -13.509 32.116  1.00 48.58 ? 270 LYS A O   1 
ATOM   133  C CB  . LYS A 1 23 ? -7.551  -14.934 35.059  1.00 48.22 ? 270 LYS A CB  1 
ATOM   134  C CG  . LYS A 1 23 ? -6.074  -15.150 35.263  1.00 44.18 ? 270 LYS A CG  1 
ATOM   135  C CD  . LYS A 1 23 ? -5.449  -13.993 35.990  1.00 39.39 ? 270 LYS A CD  1 
ATOM   136  C CE  . LYS A 1 23 ? -3.958  -14.183 36.062  1.00 38.39 ? 270 LYS A CE  1 
ATOM   137  N NZ  . LYS A 1 23 ? -3.233  -12.992 36.550  1.00 36.76 ? 270 LYS A NZ  1 
ATOM   138  N N   . GLN A 1 24 ? -9.820  -13.962 33.040  1.00 48.66 ? 271 GLN A N   1 
ATOM   139  C CA  . GLN A 1 24 ? -10.554 -13.632 31.824  1.00 48.93 ? 271 GLN A CA  1 
ATOM   140  C C   . GLN A 1 24 ? -10.745 -12.102 31.692  1.00 48.99 ? 271 GLN A C   1 
ATOM   141  O O   . GLN A 1 24 ? -11.118 -11.595 30.636  1.00 49.10 ? 271 GLN A O   1 
ATOM   142  C CB  . GLN A 1 24 ? -11.876 -14.370 31.733  1.00 48.27 ? 271 GLN A CB  1 
ATOM   143  C CG  . GLN A 1 24 ? -12.034 -15.056 30.405  1.00 47.89 ? 271 GLN A CG  1 
ATOM   144  C CD  . GLN A 1 24 ? -11.594 -16.511 30.465  1.00 50.03 ? 271 GLN A CD  1 
ATOM   145  O OE1 . GLN A 1 24 ? -11.690 -17.255 29.480  1.00 50.09 ? 271 GLN A OE1 1 
ATOM   146  N NE2 . GLN A 1 24 ? -11.117 -16.929 31.633  1.00 49.78 ? 271 GLN A NE2 1 
ATOM   147  N N   . GLU A 1 25 ? -10.472 -11.368 32.763  1.00 49.18 ? 272 GLU A N   1 
ATOM   148  C CA  . GLU A 1 25 ? -10.478 -9.907  32.688  1.00 49.34 ? 272 GLU A CA  1 
ATOM   149  C C   . GLU A 1 25 ? -9.418  -9.520  31.659  1.00 48.93 ? 272 GLU A C   1 
ATOM   150  O O   . GLU A 1 25 ? -9.716  -8.826  30.685  1.00 48.77 ? 272 GLU A O   1 
ATOM   151  C CB  . GLU A 1 25 ? -10.167 -9.264  34.052  1.00 49.44 ? 272 GLU A CB  1 
ATOM   152  C CG  . GLU A 1 25 ? -10.977 -8.024  34.395  1.00 49.64 ? 272 GLU A CG  1 
ATOM   153  C CD  . GLU A 1 25 ? -12.125 -8.322  35.358  1.00 50.98 ? 272 GLU A CD  1 
ATOM   154  O OE1 . GLU A 1 25 ? -13.216 -8.734  34.885  1.00 52.15 ? 272 GLU A OE1 1 
ATOM   155  O OE2 . GLU A 1 25 ? -11.936 -8.143  36.588  1.00 49.66 ? 272 GLU A OE2 1 
ATOM   156  N N   . LEU A 1 26 ? -8.190  -9.993  31.879  1.00 48.47 ? 273 LEU A N   1 
ATOM   157  C CA  . LEU A 1 26 ? -7.111  -9.776  30.938  1.00 47.93 ? 273 LEU A CA  1 
ATOM   158  C C   . LEU A 1 26 ? -7.380  -10.528 29.641  1.00 47.77 ? 273 LEU A C   1 
ATOM   159  O O   . LEU A 1 26 ? -7.214  -9.956  28.579  1.00 47.73 ? 273 LEU A O   1 
ATOM   160  C CB  . LEU A 1 26 ? -5.752  -10.178 31.524  1.00 47.91 ? 273 LEU A CB  1 
ATOM   161  C CG  . LEU A 1 26 ? -4.703  -9.120  31.920  1.00 48.01 ? 273 LEU A CG  1 
ATOM   162  C CD1 . LEU A 1 26 ? -3.394  -9.792  32.319  1.00 48.62 ? 273 LEU A CD1 1 
ATOM   163  C CD2 . LEU A 1 26 ? -4.423  -8.100  30.822  1.00 48.04 ? 273 LEU A CD2 1 
ATOM   164  N N   . ILE A 1 27 ? -7.839  -11.781 29.713  1.00 47.48 ? 274 ILE A N   1 
ATOM   165  C CA  . ILE A 1 27 ? -7.956  -12.576 28.491  1.00 47.23 ? 274 ILE A CA  1 
ATOM   166  C C   . ILE A 1 27 ? -8.847  -11.905 27.461  1.00 47.93 ? 274 ILE A C   1 
ATOM   167  O O   . ILE A 1 27 ? -8.592  -12.010 26.265  1.00 48.43 ? 274 ILE A O   1 
ATOM   168  C CB  . ILE A 1 27 ? -8.402  -14.036 28.714  1.00 47.11 ? 274 ILE A CB  1 
ATOM   169  C CG1 . ILE A 1 27 ? -7.225  -14.890 29.195  1.00 46.35 ? 274 ILE A CG1 1 
ATOM   170  C CG2 . ILE A 1 27 ? -8.949  -14.635 27.410  1.00 46.54 ? 274 ILE A CG2 1 
ATOM   171  C CD1 . ILE A 1 27 ? -7.579  -16.350 29.425  1.00 46.40 ? 274 ILE A CD1 1 
ATOM   172  N N   . ASP A 1 28 ? -9.869  -11.194 27.916  1.00 48.23 ? 275 ASP A N   1 
ATOM   173  C CA  . ASP A 1 28 ? -10.851 -10.639 26.993  1.00 48.39 ? 275 ASP A CA  1 
ATOM   174  C C   . ASP A 1 28 ? -10.460 -9.262  26.501  1.00 48.44 ? 275 ASP A C   1 
ATOM   175  O O   . ASP A 1 28 ? -10.492 -8.984  25.305  1.00 48.08 ? 275 ASP A O   1 
ATOM   176  C CB  . ASP A 1 28 ? -12.229 -10.650 27.632  1.00 48.20 ? 275 ASP A CB  1 
ATOM   177  C CG  . ASP A 1 28 ? -12.716 -12.054 27.903  1.00 48.47 ? 275 ASP A CG  1 
ATOM   178  O OD1 . ASP A 1 28 ? -12.295 -12.990 27.168  1.00 47.80 ? 275 ASP A OD1 1 
ATOM   179  O OD2 . ASP A 1 28 ? -13.516 -12.217 28.855  1.00 49.56 ? 275 ASP A OD2 1 
ATOM   180  N N   . LYS A 1 29 ? -10.078 -8.406  27.432  1.00 48.99 ? 276 LYS A N   1 
ATOM   181  C CA  . LYS A 1 29 ? -9.451  -7.147  27.093  1.00 49.89 ? 276 LYS A CA  1 
ATOM   182  C C   . LYS A 1 29 ? -8.250  -7.426  26.163  1.00 50.57 ? 276 LYS A C   1 
ATOM   183  O O   . LYS A 1 29 ? -7.639  -6.494  25.640  1.00 50.96 ? 276 LYS A O   1 
ATOM   184  C CB  . LYS A 1 29 ? -9.064  -6.407  28.387  1.00 49.76 ? 276 LYS A CB  1 
ATOM   185  C CG  . LYS A 1 29 ? -8.332  -5.078  28.256  1.00 50.08 ? 276 LYS A CG  1 
ATOM   186  C CD  . LYS A 1 29 ? -6.862  -5.258  28.595  1.00 51.26 ? 276 LYS A CD  1 
ATOM   187  C CE  . LYS A 1 29 ? -6.128  -3.938  28.766  1.00 51.55 ? 276 LYS A CE  1 
ATOM   188  N NZ  . LYS A 1 29 ? -4.731  -4.227  29.224  1.00 52.54 ? 276 LYS A NZ  1 
ATOM   189  N N   . LEU A 1 30 ? -7.939  -8.710  25.937  1.00 51.05 ? 277 LEU A N   1 
ATOM   190  C CA  . LEU A 1 30 ? -6.837  -9.114  25.039  1.00 51.18 ? 277 LEU A CA  1 
ATOM   191  C C   . LEU A 1 30 ? -7.300  -9.827  23.764  1.00 51.54 ? 277 LEU A C   1 
ATOM   192  O O   . LEU A 1 30 ? -6.881  -9.462  22.667  1.00 51.49 ? 277 LEU A O   1 
ATOM   193  C CB  . LEU A 1 30 ? -5.786  -9.962  25.769  1.00 50.73 ? 277 LEU A CB  1 
ATOM   194  C CG  . LEU A 1 30 ? -4.811  -9.229  26.692  1.00 50.31 ? 277 LEU A CG  1 
ATOM   195  C CD1 . LEU A 1 30 ? -3.810  -10.202 27.286  1.00 50.13 ? 277 LEU A CD1 1 
ATOM   196  C CD2 . LEU A 1 30 ? -4.098  -8.081  26.001  1.00 50.15 ? 277 LEU A CD2 1 
ATOM   197  N N   . LYS A 1 31 ? -8.149  -10.839 23.921  1.00 52.10 ? 278 LYS A N   1 
ATOM   198  C CA  . LYS A 1 31 ? -8.664  -11.625 22.811  1.00 52.89 ? 278 LYS A CA  1 
ATOM   199  C C   . LYS A 1 31 ? -9.422  -10.716 21.837  1.00 53.98 ? 278 LYS A C   1 
ATOM   200  O O   . LYS A 1 31 ? -9.405  -10.950 20.629  1.00 54.13 ? 278 LYS A O   1 
ATOM   201  C CB  . LYS A 1 31 ? -9.576  -12.728 23.345  1.00 52.64 ? 278 LYS A CB  1 
ATOM   202  C CG  . LYS A 1 31 ? -9.611  -14.007 22.536  1.00 52.67 ? 278 LYS A CG  1 
ATOM   203  C CD  . LYS A 1 31 ? -8.921  -15.176 23.245  1.00 52.87 ? 278 LYS A CD  1 
ATOM   204  C CE  . LYS A 1 31 ? -9.193  -16.514 22.508  1.00 54.50 ? 278 LYS A CE  1 
ATOM   205  N NZ  . LYS A 1 31 ? -8.402  -17.714 22.984  1.00 53.50 ? 278 LYS A NZ  1 
ATOM   206  N N   . GLU A 1 32 ? -10.067 -9.673  22.376  1.00 55.40 ? 279 GLU A N   1 
ATOM   207  C CA  . GLU A 1 32 ? -10.796 -8.661  21.588  1.00 56.46 ? 279 GLU A CA  1 
ATOM   208  C C   . GLU A 1 32 ? -9.905  -7.508  21.123  1.00 56.94 ? 279 GLU A C   1 
ATOM   209  O O   . GLU A 1 32 ? -10.184 -6.903  20.092  1.00 57.19 ? 279 GLU A O   1 
ATOM   210  C CB  . GLU A 1 32 ? -12.002 -8.084  22.349  1.00 56.53 ? 279 GLU A CB  1 
ATOM   211  C CG  . GLU A 1 32 ? -13.276 -8.937  22.336  1.00 57.38 ? 279 GLU A CG  1 
ATOM   212  C CD  . GLU A 1 32 ? -13.591 -9.543  23.727  1.00 59.50 ? 279 GLU A CD  1 
ATOM   213  O OE1 . GLU A 1 32 ? -14.553 -9.058  24.395  1.00 58.41 ? 279 GLU A OE1 1 
ATOM   214  O OE2 . GLU A 1 32 ? -12.869 -10.494 24.152  1.00 59.91 ? 279 GLU A OE2 1 
ATOM   215  N N   . GLU A 1 33 ? -8.868  -7.177  21.890  1.00 57.67 ? 280 GLU A N   1 
ATOM   216  C CA  . GLU A 1 33 ? -7.831  -6.265  21.394  1.00 58.58 ? 280 GLU A CA  1 
ATOM   217  C C   . GLU A 1 33 ? -7.140  -6.906  20.181  1.00 58.89 ? 280 GLU A C   1 
ATOM   218  O O   . GLU A 1 33 ? -7.001  -6.272  19.131  1.00 58.68 ? 280 GLU A O   1 
ATOM   219  C CB  . GLU A 1 33 ? -6.813  -5.915  22.487  1.00 58.45 ? 280 GLU A CB  1 
ATOM   220  C CG  . GLU A 1 33 ? -7.290  -4.873  23.503  1.00 58.91 ? 280 GLU A CG  1 
ATOM   221  C CD  . GLU A 1 33 ? -6.138  -4.179  24.260  1.00 59.67 ? 280 GLU A CD  1 
ATOM   222  O OE1 . GLU A 1 33 ? -5.401  -3.367  23.637  1.00 61.66 ? 280 GLU A OE1 1 
ATOM   223  O OE2 . GLU A 1 33 ? -5.979  -4.422  25.482  1.00 59.97 ? 280 GLU A OE2 1 
ATOM   224  N N   . ALA A 1 34 ? -6.753  -8.178  20.331  1.00 59.64 ? 281 ALA A N   1 
ATOM   225  C CA  . ALA A 1 34 ? -6.174  -8.995  19.252  1.00 60.44 ? 281 ALA A CA  1 
ATOM   226  C C   . ALA A 1 34 ? -6.985  -8.979  17.948  1.00 61.17 ? 281 ALA A C   1 
ATOM   227  O O   . ALA A 1 34 ? -6.414  -9.095  16.862  1.00 61.15 ? 281 ALA A O   1 
ATOM   228  C CB  . ALA A 1 34 ? -5.948  -10.438 19.717  1.00 59.87 ? 281 ALA A CB  1 
ATOM   229  N N   . GLU A 1 35 ? -8.306  -8.837  18.052  1.00 62.20 ? 282 GLU A N   1 
ATOM   230  C CA  . GLU A 1 35 ? -9.157  -8.866  16.861  1.00 62.96 ? 282 GLU A CA  1 
ATOM   231  C C   . GLU A 1 35 ? -9.093  -7.549  16.096  1.00 63.03 ? 282 GLU A C   1 
ATOM   232  O O   . GLU A 1 35 ? -9.098  -7.547  14.862  1.00 63.09 ? 282 GLU A O   1 
ATOM   233  C CB  . GLU A 1 35 ? -10.599 -9.278  17.184  1.00 63.14 ? 282 GLU A CB  1 
ATOM   234  C CG  . GLU A 1 35 ? -11.104 -10.415 16.268  1.00 64.31 ? 282 GLU A CG  1 
ATOM   235  C CD  . GLU A 1 35 ? -12.620 -10.402 16.044  1.00 65.80 ? 282 GLU A CD  1 
ATOM   236  O OE1 . GLU A 1 35 ? -13.294 -11.389 16.434  1.00 66.14 ? 282 GLU A OE1 1 
ATOM   237  O OE2 . GLU A 1 35 ? -13.131 -9.408  15.475  1.00 65.31 ? 282 GLU A OE2 1 
ATOM   238  N N   . GLN A 1 36 ? -9.011  -6.438  16.824  1.00 63.09 ? 283 GLN A N   1 
ATOM   239  C CA  . GLN A 1 36 ? -8.686  -5.155  16.202  1.00 63.50 ? 283 GLN A CA  1 
ATOM   240  C C   . GLN A 1 36 ? -7.218  -5.070  15.795  1.00 63.40 ? 283 GLN A C   1 
ATOM   241  O O   . GLN A 1 36 ? -6.858  -4.300  14.897  1.00 63.15 ? 283 GLN A O   1 
ATOM   242  C CB  . GLN A 1 36 ? -9.029  -4.001  17.125  1.00 63.59 ? 283 GLN A CB  1 
ATOM   243  C CG  . GLN A 1 36 ? -10.474 -3.608  17.027  1.00 64.71 ? 283 GLN A CG  1 
ATOM   244  C CD  . GLN A 1 36 ? -11.013 -3.079  18.329  1.00 65.37 ? 283 GLN A CD  1 
ATOM   245  O OE1 . GLN A 1 36 ? -10.367 -2.271  19.004  1.00 66.12 ? 283 GLN A OE1 1 
ATOM   246  N NE2 . GLN A 1 36 ? -12.205 -3.535  18.699  1.00 65.54 ? 283 GLN A NE2 1 
ATOM   247  N N   . HIS A 1 37 ? -6.374  -5.853  16.465  1.00 63.41 ? 284 HIS A N   1 
ATOM   248  C CA  . HIS A 1 37 ? -4.968  -5.928  16.092  1.00 63.52 ? 284 HIS A CA  1 
ATOM   249  C C   . HIS A 1 37 ? -4.808  -6.545  14.700  1.00 63.24 ? 284 HIS A C   1 
ATOM   250  O O   . HIS A 1 37 ? -3.981  -6.087  13.907  1.00 63.37 ? 284 HIS A O   1 
ATOM   251  C CB  . HIS A 1 37 ? -4.138  -6.723  17.110  1.00 63.82 ? 284 HIS A CB  1 
ATOM   252  C CG  . HIS A 1 37 ? -4.033  -6.085  18.465  1.00 64.57 ? 284 HIS A CG  1 
ATOM   253  N ND1 . HIS A 1 37 ? -3.614  -6.784  19.579  1.00 64.41 ? 284 HIS A ND1 1 
ATOM   254  C CD2 . HIS A 1 37 ? -4.294  -4.825  18.889  1.00 65.12 ? 284 HIS A CD2 1 
ATOM   255  C CE1 . HIS A 1 37 ? -3.621  -5.983  20.628  1.00 64.97 ? 284 HIS A CE1 1 
ATOM   256  N NE2 . HIS A 1 37 ? -4.034  -4.790  20.238  1.00 65.48 ? 284 HIS A NE2 1 
ATOM   257  N N   . ASN A 1 38 ? -5.602  -7.573  14.406  1.00 62.64 ? 285 ASN A N   1 
ATOM   258  C CA  . ASN A 1 38 ? -5.545  -8.228  13.101  1.00 62.18 ? 285 ASN A CA  1 
ATOM   259  C C   . ASN A 1 38 ? -6.330  -7.510  12.004  1.00 61.63 ? 285 ASN A C   1 
ATOM   260  O O   . ASN A 1 38 ? -5.992  -7.641  10.825  1.00 61.40 ? 285 ASN A O   1 
ATOM   261  C CB  . ASN A 1 38 ? -5.965  -9.688  13.206  1.00 62.39 ? 285 ASN A CB  1 
ATOM   262  C CG  . ASN A 1 38 ? -4.907  -10.547 13.875  1.00 63.15 ? 285 ASN A CG  1 
ATOM   263  O OD1 . ASN A 1 38 ? -4.638  -10.411 15.073  1.00 63.16 ? 285 ASN A OD1 1 
ATOM   264  N ND2 . ASN A 1 38 ? -4.297  -11.441 13.099  1.00 64.22 ? 285 ASN A ND2 1 
ATOM   265  N N   . ILE A 1 39 ? -7.361  -6.757  12.398  1.00 60.86 ? 286 ILE A N   1 
ATOM   266  C CA  . ILE A 1 39 ? -8.142  -5.931  11.466  1.00 59.95 ? 286 ILE A CA  1 
ATOM   267  C C   . ILE A 1 39 ? -7.305  -4.779  10.908  1.00 59.28 ? 286 ILE A C   1 
ATOM   268  O O   . ILE A 1 39 ? -7.249  -4.587  9.697   1.00 59.35 ? 286 ILE A O   1 
ATOM   269  C CB  . ILE A 1 39 ? -9.492  -5.448  12.097  1.00 60.19 ? 286 ILE A CB  1 
ATOM   270  C CG1 . ILE A 1 39 ? -10.596 -6.491  11.842  1.00 60.14 ? 286 ILE A CG1 1 
ATOM   271  C CG2 . ILE A 1 39 ? -9.910  -4.071  11.561  1.00 60.14 ? 286 ILE A CG2 1 
ATOM   272  C CD1 . ILE A 1 39 ? -11.813 -6.389  12.766  1.00 59.75 ? 286 ILE A CD1 1 
ATOM   273  N N   . VAL A 1 40 ? -6.643  -4.028  11.782  1.00 58.52 ? 287 VAL A N   1 
ATOM   274  C CA  . VAL A 1 40 ? -5.740  -2.952  11.340  1.00 57.64 ? 287 VAL A CA  1 
ATOM   275  C C   . VAL A 1 40 ? -4.465  -3.520  10.695  1.00 56.74 ? 287 VAL A C   1 
ATOM   276  O O   . VAL A 1 40 ? -3.837  -2.861  9.880   1.00 56.53 ? 287 VAL A O   1 
ATOM   277  C CB  . VAL A 1 40 ? -5.385  -1.968  12.494  1.00 57.85 ? 287 VAL A CB  1 
ATOM   278  C CG1 . VAL A 1 40 ? -4.471  -0.836  11.992  1.00 57.75 ? 287 VAL A CG1 1 
ATOM   279  C CG2 . VAL A 1 40 ? -6.660  -1.386  13.127  1.00 57.84 ? 287 VAL A CG2 1 
ATOM   280  N N   . MET A 1 41 ? -4.103  -4.747  11.060  1.00 55.75 ? 288 MET A N   1 
ATOM   281  C CA  . MET A 1 41 ? -2.970  -5.452  10.463  1.00 54.57 ? 288 MET A CA  1 
ATOM   282  C C   . MET A 1 41 ? -3.182  -5.737  8.981   1.00 53.23 ? 288 MET A C   1 
ATOM   283  O O   . MET A 1 41 ? -2.227  -6.032  8.267   1.00 53.20 ? 288 MET A O   1 
ATOM   284  C CB  . MET A 1 41 ? -2.726  -6.774  11.199  1.00 55.25 ? 288 MET A CB  1 
ATOM   285  C CG  . MET A 1 41 ? -1.670  -7.698  10.573  1.00 56.06 ? 288 MET A CG  1 
ATOM   286  S SD  . MET A 1 41 ? 0.014   -7.030  10.650  1.00 57.79 ? 288 MET A SD  1 
ATOM   287  C CE  . MET A 1 41 ? 0.939   -8.541  10.346  1.00 57.23 ? 288 MET A CE  1 
ATOM   288  N N   . GLU A 1 42 ? -4.431  -5.671  8.528   1.00 51.61 ? 289 GLU A N   1 
ATOM   289  C CA  . GLU A 1 42 ? -4.743  -5.894  7.123   1.00 50.19 ? 289 GLU A CA  1 
ATOM   290  C C   . GLU A 1 42 ? -4.213  -4.736  6.304   1.00 48.96 ? 289 GLU A C   1 
ATOM   291  O O   . GLU A 1 42 ? -3.898  -4.891  5.133   1.00 49.25 ? 289 GLU A O   1 
ATOM   292  C CB  . GLU A 1 42 ? -6.246  -6.086  6.905   1.00 50.40 ? 289 GLU A CB  1 
ATOM   293  C CG  . GLU A 1 42 ? -6.740  -7.491  7.282   1.00 51.06 ? 289 GLU A CG  1 
ATOM   294  C CD  . GLU A 1 42 ? -8.231  -7.557  7.637   1.00 51.90 ? 289 GLU A CD  1 
ATOM   295  O OE1 . GLU A 1 42 ? -8.799  -6.546  8.113   1.00 52.49 ? 289 GLU A OE1 1 
ATOM   296  O OE2 . GLU A 1 42 ? -8.837  -8.636  7.452   1.00 52.04 ? 289 GLU A OE2 1 
ATOM   297  N N   . THR A 1 43 ? -4.076  -3.584  6.943   1.00 47.26 ? 290 THR A N   1 
ATOM   298  C CA  . THR A 1 43 ? -3.535  -2.403  6.298   1.00 45.74 ? 290 THR A CA  1 
ATOM   299  C C   . THR A 1 43 ? -2.141  -2.602  5.683   1.00 44.63 ? 290 THR A C   1 
ATOM   300  O O   . THR A 1 43 ? -1.682  -1.752  4.916   1.00 45.00 ? 290 THR A O   1 
ATOM   301  C CB  . THR A 1 43 ? -3.517  -1.192  7.266   1.00 45.73 ? 290 THR A CB  1 
ATOM   302  O OG1 . THR A 1 43 ? -3.575  0.027   6.521   1.00 46.26 ? 290 THR A OG1 1 
ATOM   303  C CG2 . THR A 1 43 ? -2.265  -1.183  8.118   1.00 46.02 ? 290 THR A CG2 1 
ATOM   304  N N   . VAL A 1 44 ? -1.461  -3.703  5.998   1.00 42.91 ? 291 VAL A N   1 
ATOM   305  C CA  . VAL A 1 44 ? -0.057  -3.826  5.556   1.00 41.24 ? 291 VAL A CA  1 
ATOM   306  C C   . VAL A 1 44 ? 0.153   -4.538  4.210   1.00 39.81 ? 291 VAL A C   1 
ATOM   307  O O   . VAL A 1 44 ? 0.905   -4.036  3.381   1.00 40.09 ? 291 VAL A O   1 
ATOM   308  C CB  . VAL A 1 44 ? 0.967   -4.295  6.680   1.00 41.13 ? 291 VAL A CB  1 
ATOM   309  C CG1 . VAL A 1 44 ? 0.498   -3.872  8.065   1.00 40.87 ? 291 VAL A CG1 1 
ATOM   310  C CG2 . VAL A 1 44 ? 1.233   -5.776  6.638   1.00 40.88 ? 291 VAL A CG2 1 
ATOM   311  N N   . PRO A 1 45 ? -0.518  -5.679  3.971   1.00 38.28 ? 292 PRO A N   1 
ATOM   312  C CA  . PRO A 1 45 ? -0.263  -6.278  2.663   1.00 37.26 ? 292 PRO A CA  1 
ATOM   313  C C   . PRO A 1 45 ? -0.786  -5.380  1.542   1.00 36.44 ? 292 PRO A C   1 
ATOM   314  O O   . PRO A 1 45 ? -0.246  -5.397  0.432   1.00 36.31 ? 292 PRO A O   1 
ATOM   315  C CB  . PRO A 1 45 ? -1.054  -7.595  2.709   1.00 36.95 ? 292 PRO A CB  1 
ATOM   316  C CG  . PRO A 1 45 ? -1.418  -7.789  4.138   1.00 37.28 ? 292 PRO A CG  1 
ATOM   317  C CD  . PRO A 1 45 ? -1.486  -6.459  4.758   1.00 37.83 ? 292 PRO A CD  1 
ATOM   318  N N   . VAL A 1 46 ? -1.825  -4.600  1.848   1.00 35.54 ? 293 VAL A N   1 
ATOM   319  C CA  . VAL A 1 46 ? -2.433  -3.700  0.871   1.00 34.69 ? 293 VAL A CA  1 
ATOM   320  C C   . VAL A 1 46 ? -1.468  -2.563  0.540   1.00 33.94 ? 293 VAL A C   1 
ATOM   321  O O   . VAL A 1 46 ? -1.097  -2.395  -0.617  1.00 34.22 ? 293 VAL A O   1 
ATOM   322  C CB  . VAL A 1 46 ? -3.860  -3.195  1.288   1.00 34.62 ? 293 VAL A CB  1 
ATOM   323  C CG1 . VAL A 1 46 ? -4.789  -4.365  1.477   1.00 33.99 ? 293 VAL A CG1 1 
ATOM   324  C CG2 . VAL A 1 46 ? -3.823  -2.358  2.562   1.00 34.55 ? 293 VAL A CG2 1 
ATOM   325  N N   . LEU A 1 47 ? -1.042  -1.819  1.553   1.00 32.70 ? 294 LEU A N   1 
ATOM   326  C CA  . LEU A 1 47 ? -0.051  -0.778  1.379   1.00 31.99 ? 294 LEU A CA  1 
ATOM   327  C C   . LEU A 1 47 ? 1.226   -1.311  0.683   1.00 31.87 ? 294 LEU A C   1 
ATOM   328  O O   . LEU A 1 47 ? 1.754   -0.695  -0.251  1.00 31.70 ? 294 LEU A O   1 
ATOM   329  C CB  . LEU A 1 47 ? 0.269   -0.167  2.736   1.00 31.74 ? 294 LEU A CB  1 
ATOM   330  C CG  . LEU A 1 47 ? -0.386  1.153   3.162   1.00 31.49 ? 294 LEU A CG  1 
ATOM   331  C CD1 . LEU A 1 47 ? -1.822  1.330   2.690   1.00 32.00 ? 294 LEU A CD1 1 
ATOM   332  C CD2 . LEU A 1 47 ? -0.296  1.316   4.677   1.00 32.02 ? 294 LEU A CD2 1 
ATOM   333  N N   . LYS A 1 48 ? 1.702   -2.470  1.126   1.00 31.20 ? 295 LYS A N   1 
ATOM   334  C CA  . LYS A 1 48 ? 2.798   -3.140  0.462   1.00 30.79 ? 295 LYS A CA  1 
ATOM   335  C C   . LYS A 1 48 ? 2.491   -3.343  -1.032  1.00 30.57 ? 295 LYS A C   1 
ATOM   336  O O   . LYS A 1 48 ? 3.323   -3.033  -1.884  1.00 30.83 ? 295 LYS A O   1 
ATOM   337  C CB  . LYS A 1 48 ? 3.079   -4.475  1.147   1.00 30.75 ? 295 LYS A CB  1 
ATOM   338  C CG  . LYS A 1 48 ? 4.503   -4.927  1.041   1.00 30.61 ? 295 LYS A CG  1 
ATOM   339  C CD  . LYS A 1 48 ? 4.644   -6.377  1.464   1.00 31.88 ? 295 LYS A CD  1 
ATOM   340  C CE  . LYS A 1 48 ? 5.765   -7.095  0.693   1.00 31.87 ? 295 LYS A CE  1 
ATOM   341  N NZ  . LYS A 1 48 ? 5.661   -6.936  -0.795  1.00 29.86 ? 295 LYS A NZ  1 
ATOM   342  N N   . ALA A 1 49 ? 1.289   -3.838  -1.340  1.00 29.96 ? 296 ALA A N   1 
ATOM   343  C CA  . ALA A 1 49 ? 0.837   -4.051  -2.726  1.00 29.02 ? 296 ALA A CA  1 
ATOM   344  C C   . ALA A 1 49 ? 0.816   -2.760  -3.529  1.00 28.70 ? 296 ALA A C   1 
ATOM   345  O O   . ALA A 1 49 ? 1.268   -2.730  -4.671  1.00 28.46 ? 296 ALA A O   1 
ATOM   346  C CB  . ALA A 1 49 ? -0.544  -4.700  -2.749  1.00 28.72 ? 296 ALA A CB  1 
ATOM   347  N N   . GLN A 1 50 ? 0.280   -1.706  -2.921  1.00 28.11 ? 297 GLN A N   1 
ATOM   348  C CA  . GLN A 1 50 ? 0.168   -0.403  -3.552  1.00 27.85 ? 297 GLN A CA  1 
ATOM   349  C C   . GLN A 1 50 ? 1.518   0.265   -3.778  1.00 28.10 ? 297 GLN A C   1 
ATOM   350  O O   . GLN A 1 50 ? 1.751   0.856   -4.829  1.00 27.90 ? 297 GLN A O   1 
ATOM   351  C CB  . GLN A 1 50 ? -0.701  0.507   -2.702  1.00 27.68 ? 297 GLN A CB  1 
ATOM   352  C CG  . GLN A 1 50 ? -2.116  0.031   -2.571  1.00 26.69 ? 297 GLN A CG  1 
ATOM   353  C CD  . GLN A 1 50 ? -2.937  0.930   -1.686  1.00 25.16 ? 297 GLN A CD  1 
ATOM   354  O OE1 . GLN A 1 50 ? -2.482  1.375   -0.633  1.00 23.25 ? 297 GLN A OE1 1 
ATOM   355  N NE2 . GLN A 1 50 ? -4.164  1.205   -2.111  1.00 25.17 ? 297 GLN A NE2 1 
ATOM   356  N N   . ALA A 1 51 ? 2.404   0.186   -2.789  1.00 28.46 ? 298 ALA A N   1 
ATOM   357  C CA  . ALA A 1 51 ? 3.751   0.717   -2.962  1.00 28.42 ? 298 ALA A CA  1 
ATOM   358  C C   . ALA A 1 51 ? 4.374   0.103   -4.218  1.00 28.93 ? 298 ALA A C   1 
ATOM   359  O O   . ALA A 1 51 ? 4.684   0.827   -5.165  1.00 29.20 ? 298 ALA A O   1 
ATOM   360  C CB  . ALA A 1 51 ? 4.610   0.467   -1.744  1.00 27.78 ? 298 ALA A CB  1 
ATOM   361  N N   . ASP A 1 52 ? 4.519   -1.217  -4.275  1.00 29.01 ? 299 ASP A N   1 
ATOM   362  C CA  . ASP A 1 52 ? 5.288   -1.744  -5.394  1.00 29.48 ? 299 ASP A CA  1 
ATOM   363  C C   . ASP A 1 52 ? 4.543   -1.907  -6.722  1.00 28.90 ? 299 ASP A C   1 
ATOM   364  O O   . ASP A 1 52 ? 5.172   -1.896  -7.787  1.00 29.02 ? 299 ASP A O   1 
ATOM   365  C CB  . ASP A 1 52 ? 6.177   -2.938  -5.011  1.00 30.30 ? 299 ASP A CB  1 
ATOM   366  C CG  . ASP A 1 52 ? 5.483   -3.918  -4.134  1.00 30.84 ? 299 ASP A CG  1 
ATOM   367  O OD1 . ASP A 1 52 ? 6.097   -4.400  -3.152  1.00 29.76 ? 299 ASP A OD1 1 
ATOM   368  O OD2 . ASP A 1 52 ? 4.318   -4.198  -4.449  1.00 34.30 ? 299 ASP A OD2 1 
ATOM   369  N N   . ILE A 1 53 ? 3.220   -1.986  -6.669  1.00 28.45 ? 300 ILE A N   1 
ATOM   370  C CA  . ILE A 1 53 ? 2.406   -1.982  -7.903  1.00 27.68 ? 300 ILE A CA  1 
ATOM   371  C C   . ILE A 1 53 ? 2.285   -0.581  -8.502  1.00 27.10 ? 300 ILE A C   1 
ATOM   372  O O   . ILE A 1 53 ? 2.417   -0.411  -9.713  1.00 27.37 ? 300 ILE A O   1 
ATOM   373  C CB  . ILE A 1 53 ? 0.999   -2.661  -7.705  1.00 27.77 ? 300 ILE A CB  1 
ATOM   374  C CG1 . ILE A 1 53 ? 1.157   -4.168  -7.417  1.00 27.97 ? 300 ILE A CG1 1 
ATOM   375  C CG2 . ILE A 1 53 ? 0.066   -2.416  -8.897  1.00 27.07 ? 300 ILE A CG2 1 
ATOM   376  C CD1 . ILE A 1 53 ? 1.819   -5.009  -8.561  1.00 28.43 ? 300 ILE A CD1 1 
ATOM   377  N N   . TYR A 1 54 ? 2.053   0.425   -7.666  1.00 26.44 ? 301 TYR A N   1 
ATOM   378  C CA  . TYR A 1 54 ? 2.036   1.799   -8.155  1.00 25.99 ? 301 TYR A CA  1 
ATOM   379  C C   . TYR A 1 54 ? 3.410   2.308   -8.577  1.00 25.94 ? 301 TYR A C   1 
ATOM   380  O O   . TYR A 1 54 ? 3.500   3.225   -9.382  1.00 25.92 ? 301 TYR A O   1 
ATOM   381  C CB  . TYR A 1 54 ? 1.429   2.740   -7.132  1.00 25.92 ? 301 TYR A CB  1 
ATOM   382  C CG  . TYR A 1 54 ? -0.068  2.635   -7.045  1.00 26.67 ? 301 TYR A CG  1 
ATOM   383  C CD1 . TYR A 1 54 ? -0.719  2.549   -5.810  1.00 26.41 ? 301 TYR A CD1 1 
ATOM   384  C CD2 . TYR A 1 54 ? -0.845  2.615   -8.202  1.00 27.28 ? 301 TYR A CD2 1 
ATOM   385  C CE1 . TYR A 1 54 ? -2.096  2.456   -5.732  1.00 25.40 ? 301 TYR A CE1 1 
ATOM   386  C CE2 . TYR A 1 54 ? -2.225  2.523   -8.131  1.00 26.76 ? 301 TYR A CE2 1 
ATOM   387  C CZ  . TYR A 1 54 ? -2.839  2.443   -6.899  1.00 26.11 ? 301 TYR A CZ  1 
ATOM   388  O OH  . TYR A 1 54 ? -4.212  2.349   -6.860  1.00 27.54 ? 301 TYR A OH  1 
ATOM   389  N N   . LYS A 1 55 ? 4.475   1.720   -8.027  1.00 25.86 ? 302 LYS A N   1 
ATOM   390  C CA  . LYS A 1 55 ? 5.826   2.015   -8.472  1.00 25.67 ? 302 LYS A CA  1 
ATOM   391  C C   . LYS A 1 55 ? 6.031   1.434   -9.875  1.00 26.20 ? 302 LYS A C   1 
ATOM   392  O O   . LYS A 1 55 ? 6.585   2.104   -10.757 1.00 26.27 ? 302 LYS A O   1 
ATOM   393  C CB  . LYS A 1 55 ? 6.853   1.464   -7.487  1.00 25.57 ? 302 LYS A CB  1 
ATOM   394  C CG  . LYS A 1 55 ? 8.283   1.479   -8.000  1.00 24.57 ? 302 LYS A CG  1 
ATOM   395  C CD  . LYS A 1 55 ? 9.250   0.999   -6.957  1.00 23.52 ? 302 LYS A CD  1 
ATOM   396  C CE  . LYS A 1 55 ? 10.665  1.071   -7.489  1.00 25.54 ? 302 LYS A CE  1 
ATOM   397  N NZ  . LYS A 1 55 ? 11.691  1.219   -6.424  1.00 26.80 ? 302 LYS A NZ  1 
ATOM   398  N N   . ALA A 1 56 ? 5.574   0.192   -10.075 1.00 26.41 ? 303 ALA A N   1 
ATOM   399  C CA  . ALA A 1 56 ? 5.590   -0.444  -11.395 1.00 26.33 ? 303 ALA A CA  1 
ATOM   400  C C   . ALA A 1 56 ? 4.780   0.362   -12.404 1.00 26.59 ? 303 ALA A C   1 
ATOM   401  O O   . ALA A 1 56 ? 5.224   0.569   -13.533 1.00 27.12 ? 303 ALA A O   1 
ATOM   402  C CB  . ALA A 1 56 ? 5.068   -1.845  -11.315 1.00 26.01 ? 303 ALA A CB  1 
ATOM   403  N N   . ASP A 1 57 ? 3.604   0.832   -12.003 1.00 26.56 ? 304 ASP A N   1 
ATOM   404  C CA  . ASP A 1 57 ? 2.768   1.605   -12.920 1.00 26.67 ? 304 ASP A CA  1 
ATOM   405  C C   . ASP A 1 57 ? 3.422   2.927   -13.286 1.00 26.20 ? 304 ASP A C   1 
ATOM   406  O O   . ASP A 1 57 ? 3.260   3.402   -14.398 1.00 26.50 ? 304 ASP A O   1 
ATOM   407  C CB  . ASP A 1 57 ? 1.373   1.853   -12.333 1.00 26.75 ? 304 ASP A CB  1 
ATOM   408  C CG  . ASP A 1 57 ? 0.563   0.575   -12.164 1.00 27.24 ? 304 ASP A CG  1 
ATOM   409  O OD1 . ASP A 1 57 ? -0.526  0.657   -11.537 1.00 29.49 ? 304 ASP A OD1 1 
ATOM   410  O OD2 . ASP A 1 57 ? 1.002   -0.503  -12.642 1.00 25.28 ? 304 ASP A OD2 1 
ATOM   411  N N   . PHE A 1 58 ? 4.146   3.509   -12.332 1.00 25.90 ? 305 PHE A N   1 
ATOM   412  C CA  . PHE A 1 58 ? 4.862   4.782   -12.507 1.00 25.28 ? 305 PHE A CA  1 
ATOM   413  C C   . PHE A 1 58 ? 5.993   4.606   -13.510 1.00 24.78 ? 305 PHE A C   1 
ATOM   414  O O   . PHE A 1 58 ? 6.251   5.476   -14.340 1.00 24.10 ? 305 PHE A O   1 
ATOM   415  C CB  . PHE A 1 58 ? 5.415   5.276   -11.153 1.00 25.02 ? 305 PHE A CB  1 
ATOM   416  C CG  . PHE A 1 58 ? 6.621   6.182   -11.271 1.00 25.51 ? 305 PHE A CG  1 
ATOM   417  C CD1 . PHE A 1 58 ? 7.918   5.664   -11.152 1.00 25.12 ? 305 PHE A CD1 1 
ATOM   418  C CD2 . PHE A 1 58 ? 6.468   7.553   -11.504 1.00 25.20 ? 305 PHE A CD2 1 
ATOM   419  C CE1 . PHE A 1 58 ? 9.040   6.506   -11.273 1.00 24.72 ? 305 PHE A CE1 1 
ATOM   420  C CE2 . PHE A 1 58 ? 7.591   8.402   -11.616 1.00 23.76 ? 305 PHE A CE2 1 
ATOM   421  C CZ  . PHE A 1 58 ? 8.866   7.879   -11.504 1.00 23.46 ? 305 PHE A CZ  1 
ATOM   422  N N   . GLN A 1 59 ? 6.664   3.464   -13.410 1.00 24.53 ? 306 GLN A N   1 
ATOM   423  C CA  . GLN A 1 59 ? 7.716   3.116   -14.343 1.00 24.48 ? 306 GLN A CA  1 
ATOM   424  C C   . GLN A 1 59 ? 7.183   2.880   -15.751 1.00 24.67 ? 306 GLN A C   1 
ATOM   425  O O   . GLN A 1 59 ? 7.791   3.335   -16.717 1.00 24.88 ? 306 GLN A O   1 
ATOM   426  C CB  . GLN A 1 59 ? 8.487   1.919   -13.841 1.00 23.85 ? 306 GLN A CB  1 
ATOM   427  C CG  . GLN A 1 59 ? 9.453   2.319   -12.787 1.00 24.71 ? 306 GLN A CG  1 
ATOM   428  C CD  . GLN A 1 59 ? 9.916   1.162   -11.939 1.00 26.36 ? 306 GLN A CD  1 
ATOM   429  O OE1 . GLN A 1 59 ? 9.657   0.001   -12.260 1.00 27.63 ? 306 GLN A OE1 1 
ATOM   430  N NE2 . GLN A 1 59 ? 10.610  1.468   -10.844 1.00 26.07 ? 306 GLN A NE2 1 
ATOM   431  N N   . ALA A 1 60 ? 6.051   2.191   -15.868 1.00 24.84 ? 307 ALA A N   1 
ATOM   432  C CA  . ALA A 1 60 ? 5.459   1.944   -17.169 1.00 25.37 ? 307 ALA A CA  1 
ATOM   433  C C   . ALA A 1 60 ? 4.996   3.257   -17.786 1.00 26.04 ? 307 ALA A C   1 
ATOM   434  O O   . ALA A 1 60 ? 5.160   3.494   -18.978 1.00 26.44 ? 307 ALA A O   1 
ATOM   435  C CB  . ALA A 1 60 ? 4.321   0.955   -17.066 1.00 24.94 ? 307 ALA A CB  1 
ATOM   436  N N   . GLU A 1 61 ? 4.444   4.129   -16.965 1.00 26.92 ? 308 GLU A N   1 
ATOM   437  C CA  . GLU A 1 61 ? 3.917   5.369   -17.470 1.00 27.97 ? 308 GLU A CA  1 
ATOM   438  C C   . GLU A 1 61 ? 5.065   6.288   -17.857 1.00 28.26 ? 308 GLU A C   1 
ATOM   439  O O   . GLU A 1 61 ? 4.992   7.004   -18.861 1.00 28.59 ? 308 GLU A O   1 
ATOM   440  C CB  . GLU A 1 61 ? 3.029   6.026   -16.419 1.00 28.40 ? 308 GLU A CB  1 
ATOM   441  C CG  . GLU A 1 61 ? 1.838   6.745   -17.016 1.00 30.40 ? 308 GLU A CG  1 
ATOM   442  C CD  . GLU A 1 61 ? 0.749   5.794   -17.483 1.00 33.91 ? 308 GLU A CD  1 
ATOM   443  O OE1 . GLU A 1 61 ? 0.708   4.631   -16.994 1.00 34.81 ? 308 GLU A OE1 1 
ATOM   444  O OE2 . GLU A 1 61 ? -0.074  6.214   -18.335 1.00 35.69 ? 308 GLU A OE2 1 
ATOM   445  N N   . ARG A 1 62 ? 6.123   6.261   -17.052 1.00 28.37 ? 309 ARG A N   1 
ATOM   446  C CA  . ARG A 1 62 ? 7.354   6.968   -17.363 1.00 28.45 ? 309 ARG A CA  1 
ATOM   447  C C   . ARG A 1 62 ? 7.967   6.497   -18.697 1.00 29.50 ? 309 ARG A C   1 
ATOM   448  O O   . ARG A 1 62 ? 8.505   7.300   -19.459 1.00 29.58 ? 309 ARG A O   1 
ATOM   449  C CB  . ARG A 1 62 ? 8.350   6.766   -16.229 1.00 27.95 ? 309 ARG A CB  1 
ATOM   450  C CG  . ARG A 1 62 ? 9.431   7.794   -16.167 1.00 25.04 ? 309 ARG A CG  1 
ATOM   451  C CD  . ARG A 1 62 ? 10.711  7.080   -15.991 1.00 21.07 ? 309 ARG A CD  1 
ATOM   452  N NE  . ARG A 1 62 ? 11.213  7.157   -14.635 1.00 18.99 ? 309 ARG A NE  1 
ATOM   453  C CZ  . ARG A 1 62 ? 11.748  6.133   -13.973 1.00 17.59 ? 309 ARG A CZ  1 
ATOM   454  N NH1 . ARG A 1 62 ? 11.813  4.922   -14.507 1.00 14.16 ? 309 ARG A NH1 1 
ATOM   455  N NH2 . ARG A 1 62 ? 12.188  6.323   -12.744 1.00 19.09 ? 309 ARG A NH2 1 
ATOM   456  N N   . HIS A 1 63 ? 7.879   5.197   -18.968 1.00 30.61 ? 310 HIS A N   1 
ATOM   457  C CA  . HIS A 1 63 ? 8.430   4.602   -20.186 1.00 32.07 ? 310 HIS A CA  1 
ATOM   458  C C   . HIS A 1 63 ? 7.597   4.950   -21.428 1.00 32.45 ? 310 HIS A C   1 
ATOM   459  O O   . HIS A 1 63 ? 8.121   5.073   -22.530 1.00 32.64 ? 310 HIS A O   1 
ATOM   460  C CB  . HIS A 1 63 ? 8.522   3.083   -20.029 1.00 32.36 ? 310 HIS A CB  1 
ATOM   461  C CG  . HIS A 1 63 ? 9.206   2.399   -21.172 1.00 34.51 ? 310 HIS A CG  1 
ATOM   462  N ND1 . HIS A 1 63 ? 10.554  2.110   -21.167 1.00 36.38 ? 310 HIS A ND1 1 
ATOM   463  C CD2 . HIS A 1 63 ? 8.726   1.939   -22.354 1.00 35.52 ? 310 HIS A CD2 1 
ATOM   464  C CE1 . HIS A 1 63 ? 10.876  1.501   -22.296 1.00 37.31 ? 310 HIS A CE1 1 
ATOM   465  N NE2 . HIS A 1 63 ? 9.785   1.389   -23.034 1.00 37.35 ? 310 HIS A NE2 1 
ATOM   466  N N   . ALA A 1 64 ? 6.291   5.071   -21.241 1.00 32.92 ? 311 ALA A N   1 
ATOM   467  C CA  . ALA A 1 64 ? 5.402   5.446   -22.305 1.00 33.14 ? 311 ALA A CA  1 
ATOM   468  C C   . ALA A 1 64 ? 5.569   6.944   -22.536 1.00 33.72 ? 311 ALA A C   1 
ATOM   469  O O   . ALA A 1 64 ? 5.500   7.416   -23.675 1.00 34.28 ? 311 ALA A O   1 
ATOM   470  C CB  . ALA A 1 64 ? 3.973   5.094   -21.938 1.00 32.70 ? 311 ALA A CB  1 
ATOM   471  N N   . ARG A 1 65 ? 5.809   7.691   -21.463 1.00 33.99 ? 312 ARG A N   1 
ATOM   472  C CA  . ARG A 1 65 ? 6.085   9.115   -21.593 1.00 34.55 ? 312 ARG A CA  1 
ATOM   473  C C   . ARG A 1 65 ? 7.314   9.269   -22.492 1.00 35.62 ? 312 ARG A C   1 
ATOM   474  O O   . ARG A 1 65 ? 7.292   10.019  -23.470 1.00 35.30 ? 312 ARG A O   1 
ATOM   475  C CB  . ARG A 1 65 ? 6.324   9.740   -20.214 1.00 33.99 ? 312 ARG A CB  1 
ATOM   476  C CG  . ARG A 1 65 ? 6.333   11.261  -20.174 1.00 32.29 ? 312 ARG A CG  1 
ATOM   477  C CD  . ARG A 1 65 ? 6.990   11.692  -18.900 1.00 30.96 ? 312 ARG A CD  1 
ATOM   478  N NE  . ARG A 1 65 ? 7.096   13.137  -18.691 1.00 29.67 ? 312 ARG A NE  1 
ATOM   479  C CZ  . ARG A 1 65 ? 7.570   13.675  -17.559 1.00 29.89 ? 312 ARG A CZ  1 
ATOM   480  N NH1 . ARG A 1 65 ? 7.967   12.882  -16.558 1.00 28.43 ? 312 ARG A NH1 1 
ATOM   481  N NH2 . ARG A 1 65 ? 7.653   14.997  -17.415 1.00 28.29 ? 312 ARG A NH2 1 
ATOM   482  N N   . GLU A 1 66 ? 8.365   8.521   -22.145 1.00 36.84 ? 313 GLU A N   1 
ATOM   483  C CA  . GLU A 1 66 ? 9.599   8.424   -22.912 1.00 38.18 ? 313 GLU A CA  1 
ATOM   484  C C   . GLU A 1 66 ? 9.337   8.215   -24.408 1.00 39.14 ? 313 GLU A C   1 
ATOM   485  O O   . GLU A 1 66 ? 9.702   9.061   -25.227 1.00 39.18 ? 313 GLU A O   1 
ATOM   486  C CB  . GLU A 1 66 ? 10.443  7.284   -22.352 1.00 37.91 ? 313 GLU A CB  1 
ATOM   487  C CG  . GLU A 1 66 ? 11.900  7.295   -22.754 1.00 39.26 ? 313 GLU A CG  1 
ATOM   488  C CD  . GLU A 1 66 ? 12.135  6.616   -24.084 1.00 41.20 ? 313 GLU A CD  1 
ATOM   489  O OE1 . GLU A 1 66 ? 12.565  5.435   -24.109 1.00 40.76 ? 313 GLU A OE1 1 
ATOM   490  O OE2 . GLU A 1 66 ? 11.872  7.270   -25.111 1.00 42.74 ? 313 GLU A OE2 1 
ATOM   491  N N   . LYS A 1 67 ? 8.705   7.092   -24.751 1.00 40.44 ? 314 LYS A N   1 
ATOM   492  C CA  . LYS A 1 67 ? 8.337   6.771   -26.135 1.00 41.61 ? 314 LYS A CA  1 
ATOM   493  C C   . LYS A 1 67 ? 7.603   7.909   -26.839 1.00 42.33 ? 314 LYS A C   1 
ATOM   494  O O   . LYS A 1 67 ? 7.875   8.194   -28.004 1.00 42.34 ? 314 LYS A O   1 
ATOM   495  C CB  . LYS A 1 67 ? 7.506   5.490   -26.194 1.00 41.38 ? 314 LYS A CB  1 
ATOM   496  C CG  . LYS A 1 67 ? 8.306   4.237   -25.916 1.00 42.92 ? 314 LYS A CG  1 
ATOM   497  C CD  . LYS A 1 67 ? 9.081   3.788   -27.162 1.00 46.65 ? 314 LYS A CD  1 
ATOM   498  C CE  . LYS A 1 67 ? 10.195  2.784   -26.825 1.00 47.82 ? 314 LYS A CE  1 
ATOM   499  N NZ  . LYS A 1 67 ? 11.499  3.442   -26.493 1.00 48.43 ? 314 LYS A NZ  1 
ATOM   500  N N   . LEU A 1 68 ? 6.693   8.569   -26.128 1.00 43.37 ? 315 LEU A N   1 
ATOM   501  C CA  . LEU A 1 68 ? 5.953   9.683   -26.716 1.00 44.53 ? 315 LEU A CA  1 
ATOM   502  C C   . LEU A 1 68 ? 6.814   10.913  -26.966 1.00 45.19 ? 315 LEU A C   1 
ATOM   503  O O   . LEU A 1 68 ? 6.615   11.592  -27.963 1.00 45.36 ? 315 LEU A O   1 
ATOM   504  C CB  . LEU A 1 68 ? 4.700   10.031  -25.902 1.00 44.57 ? 315 LEU A CB  1 
ATOM   505  C CG  . LEU A 1 68 ? 3.515   9.113   -26.228 1.00 45.28 ? 315 LEU A CG  1 
ATOM   506  C CD1 . LEU A 1 68 ? 2.450   9.138   -25.141 1.00 45.20 ? 315 LEU A CD1 1 
ATOM   507  C CD2 . LEU A 1 68 ? 2.917   9.435   -27.596 1.00 46.03 ? 315 LEU A CD2 1 
ATOM   508  N N   . VAL A 1 69 ? 7.768   11.190  -26.079 1.00 46.29 ? 316 VAL A N   1 
ATOM   509  C CA  . VAL A 1 69 ? 8.695   12.315  -26.264 1.00 47.39 ? 316 VAL A CA  1 
ATOM   510  C C   . VAL A 1 69 ? 9.565   12.080  -27.515 1.00 48.26 ? 316 VAL A C   1 
ATOM   511  O O   . VAL A 1 69 ? 9.921   13.027  -28.223 1.00 48.44 ? 316 VAL A O   1 
ATOM   512  C CB  . VAL A 1 69 ? 9.562   12.606  -24.984 1.00 47.34 ? 316 VAL A CB  1 
ATOM   513  C CG1 . VAL A 1 69 ? 10.782  13.459  -25.311 1.00 47.61 ? 316 VAL A CG1 1 
ATOM   514  C CG2 . VAL A 1 69 ? 8.738   13.294  -23.909 1.00 46.83 ? 316 VAL A CG2 1 
ATOM   515  N N   . GLU A 1 70 ? 9.873   10.819  -27.798 1.00 49.23 ? 317 GLU A N   1 
ATOM   516  C CA  . GLU A 1 70 ? 10.612  10.474  -29.007 1.00 50.40 ? 317 GLU A CA  1 
ATOM   517  C C   . GLU A 1 70 ? 9.795   10.777  -30.250 1.00 51.12 ? 317 GLU A C   1 
ATOM   518  O O   . GLU A 1 70 ? 10.267  11.481  -31.135 1.00 51.35 ? 317 GLU A O   1 
ATOM   519  C CB  . GLU A 1 70 ? 11.024  9.009   -28.998 1.00 50.29 ? 317 GLU A CB  1 
ATOM   520  C CG  . GLU A 1 70 ? 12.084  8.700   -27.981 1.00 51.04 ? 317 GLU A CG  1 
ATOM   521  C CD  . GLU A 1 70 ? 12.608  7.300   -28.113 1.00 52.54 ? 317 GLU A CD  1 
ATOM   522  O OE1 . GLU A 1 70 ? 12.334  6.662   -29.151 1.00 54.43 ? 317 GLU A OE1 1 
ATOM   523  O OE2 . GLU A 1 70 ? 13.302  6.834   -27.185 1.00 52.67 ? 317 GLU A OE2 1 
ATOM   524  N N   . LYS A 1 71 ? 8.570   10.252  -30.305 1.00 52.28 ? 318 LYS A N   1 
ATOM   525  C CA  . LYS A 1 71 ? 7.670   10.513  -31.427 1.00 53.10 ? 318 LYS A CA  1 
ATOM   526  C C   . LYS A 1 71 ? 7.472   12.015  -31.568 1.00 53.38 ? 318 LYS A C   1 
ATOM   527  O O   . LYS A 1 71 ? 7.526   12.538  -32.664 1.00 53.66 ? 318 LYS A O   1 
ATOM   528  C CB  . LYS A 1 71 ? 6.324   9.782   -31.269 1.00 53.35 ? 318 LYS A CB  1 
ATOM   529  C CG  . LYS A 1 71 ? 5.469   9.728   -32.557 1.00 54.04 ? 318 LYS A CG  1 
ATOM   530  C CD  . LYS A 1 71 ? 5.991   8.674   -33.571 1.00 55.72 ? 318 LYS A CD  1 
ATOM   531  C CE  . LYS A 1 71 ? 5.514   8.926   -35.019 1.00 55.29 ? 318 LYS A CE  1 
ATOM   532  N NZ  . LYS A 1 71 ? 4.043   8.758   -35.221 1.00 55.66 ? 318 LYS A NZ  1 
ATOM   533  N N   . LYS A 1 72 ? 7.292   12.700  -30.446 1.00 53.90 ? 319 LYS A N   1 
ATOM   534  C CA  . LYS A 1 72 ? 7.096   14.149  -30.423 1.00 54.50 ? 319 LYS A CA  1 
ATOM   535  C C   . LYS A 1 72 ? 8.264   14.919  -31.031 1.00 54.97 ? 319 LYS A C   1 
ATOM   536  O O   . LYS A 1 72 ? 8.067   15.957  -31.665 1.00 54.93 ? 319 LYS A O   1 
ATOM   537  C CB  . LYS A 1 72 ? 6.834   14.608  -28.984 1.00 54.42 ? 319 LYS A CB  1 
ATOM   538  C CG  . LYS A 1 72 ? 6.533   16.074  -28.796 1.00 54.46 ? 319 LYS A CG  1 
ATOM   539  C CD  . LYS A 1 72 ? 7.676   16.750  -28.082 1.00 55.25 ? 319 LYS A CD  1 
ATOM   540  C CE  . LYS A 1 72 ? 7.222   18.044  -27.435 1.00 56.43 ? 319 LYS A CE  1 
ATOM   541  N NZ  . LYS A 1 72 ? 8.346   18.665  -26.676 1.00 57.26 ? 319 LYS A NZ  1 
ATOM   542  N N   . GLU A 1 73 ? 9.477   14.413  -30.841 1.00 55.78 ? 320 GLU A N   1 
ATOM   543  C CA  . GLU A 1 73 ? 10.660  15.126  -31.305 1.00 56.56 ? 320 GLU A CA  1 
ATOM   544  C C   . GLU A 1 73 ? 11.152  14.665  -32.677 1.00 57.33 ? 320 GLU A C   1 
ATOM   545  O O   . GLU A 1 73 ? 11.805  15.418  -33.397 1.00 57.33 ? 320 GLU A O   1 
ATOM   546  C CB  . GLU A 1 73 ? 11.769  15.100  -30.251 1.00 56.59 ? 320 GLU A CB  1 
ATOM   547  C CG  . GLU A 1 73 ? 12.466  13.762  -30.039 1.00 56.37 ? 320 GLU A CG  1 
ATOM   548  C CD  . GLU A 1 73 ? 13.423  13.799  -28.857 1.00 56.09 ? 320 GLU A CD  1 
ATOM   549  O OE1 . GLU A 1 73 ? 13.274  14.686  -27.999 1.00 55.66 ? 320 GLU A OE1 1 
ATOM   550  O OE2 . GLU A 1 73 ? 14.321  12.944  -28.782 1.00 55.32 ? 320 GLU A OE2 1 
ATOM   551  N N   . TYR A 1 74 ? 10.822  13.429  -33.029 1.00 58.38 ? 321 TYR A N   1 
ATOM   552  C CA  . TYR A 1 74 ? 11.062  12.900  -34.366 1.00 59.46 ? 321 TYR A CA  1 
ATOM   553  C C   . TYR A 1 74 ? 9.986   13.423  -35.335 1.00 59.64 ? 321 TYR A C   1 
ATOM   554  O O   . TYR A 1 74 ? 10.076  13.247  -36.549 1.00 59.62 ? 321 TYR A O   1 
ATOM   555  C CB  . TYR A 1 74 ? 11.122  11.364  -34.301 1.00 60.03 ? 321 TYR A CB  1 
ATOM   556  C CG  . TYR A 1 74 ? 10.654  10.615  -35.533 1.00 61.47 ? 321 TYR A CG  1 
ATOM   557  C CD1 . TYR A 1 74 ? 11.514  10.397  -36.613 1.00 62.56 ? 321 TYR A CD1 1 
ATOM   558  C CD2 . TYR A 1 74 ? 9.348   10.103  -35.611 1.00 62.39 ? 321 TYR A CD2 1 
ATOM   559  C CE1 . TYR A 1 74 ? 11.084  9.703   -37.748 1.00 62.69 ? 321 TYR A CE1 1 
ATOM   560  C CE2 . TYR A 1 74 ? 8.911   9.403   -36.738 1.00 62.21 ? 321 TYR A CE2 1 
ATOM   561  C CZ  . TYR A 1 74 ? 9.786   9.206   -37.801 1.00 62.19 ? 321 TYR A CZ  1 
ATOM   562  O OH  . TYR A 1 74 ? 9.370   8.518   -38.923 1.00 62.48 ? 321 TYR A OH  1 
ATOM   563  N N   . LEU A 1 75 ? 8.985   14.093  -34.776 1.00 59.98 ? 322 LEU A N   1 
ATOM   564  C CA  . LEU A 1 75 ? 7.889   14.651  -35.543 1.00 60.25 ? 322 LEU A CA  1 
ATOM   565  C C   . LEU A 1 75 ? 8.130   16.129  -35.779 1.00 60.79 ? 322 LEU A C   1 
ATOM   566  O O   . LEU A 1 75 ? 7.602   16.704  -36.727 1.00 61.00 ? 322 LEU A O   1 
ATOM   567  C CB  . LEU A 1 75 ? 6.571   14.454  -34.793 1.00 60.13 ? 322 LEU A CB  1 
ATOM   568  C CG  . LEU A 1 75 ? 5.288   14.102  -35.542 1.00 59.96 ? 322 LEU A CG  1 
ATOM   569  C CD1 . LEU A 1 75 ? 5.471   12.846  -36.377 1.00 60.28 ? 322 LEU A CD1 1 
ATOM   570  C CD2 . LEU A 1 75 ? 4.171   13.904  -34.538 1.00 60.04 ? 322 LEU A CD2 1 
ATOM   571  N N   . GLN A 1 76 ? 8.911   16.751  -34.908 1.00 61.57 ? 323 GLN A N   1 
ATOM   572  C CA  . GLN A 1 76 ? 9.270   18.148  -35.098 1.00 62.65 ? 323 GLN A CA  1 
ATOM   573  C C   . GLN A 1 76 ? 10.568  18.269  -35.893 1.00 63.30 ? 323 GLN A C   1 
ATOM   574  O O   . GLN A 1 76 ? 10.892  19.343  -36.393 1.00 63.36 ? 323 GLN A O   1 
ATOM   575  C CB  . GLN A 1 76 ? 9.351   18.896  -33.767 1.00 62.60 ? 323 GLN A CB  1 
ATOM   576  C CG  . GLN A 1 76 ? 10.254  18.240  -32.749 1.00 63.28 ? 323 GLN A CG  1 
ATOM   577  C CD  . GLN A 1 76 ? 10.300  18.988  -31.436 1.00 64.34 ? 323 GLN A CD  1 
ATOM   578  O OE1 . GLN A 1 76 ? 10.636  20.177  -31.399 1.00 65.05 ? 323 GLN A OE1 1 
ATOM   579  N NE2 . GLN A 1 76 ? 9.978   18.292  -30.344 1.00 63.62 ? 323 GLN A NE2 1 
ATOM   580  N N   . GLU A 1 77 ? 11.299  17.159  -36.003 1.00 64.22 ? 324 GLU A N   1 
ATOM   581  C CA  . GLU A 1 77 ? 12.465  17.070  -36.883 1.00 65.26 ? 324 GLU A CA  1 
ATOM   582  C C   . GLU A 1 77 ? 12.003  16.956  -38.330 1.00 65.72 ? 324 GLU A C   1 
ATOM   583  O O   . GLU A 1 77 ? 12.767  17.206  -39.260 1.00 65.91 ? 324 GLU A O   1 
ATOM   584  C CB  . GLU A 1 77 ? 13.324  15.857  -36.519 1.00 65.51 ? 324 GLU A CB  1 
ATOM   585  C CG  . GLU A 1 77 ? 14.315  16.091  -35.371 1.00 66.99 ? 324 GLU A CG  1 
ATOM   586  C CD  . GLU A 1 77 ? 15.732  16.394  -35.850 1.00 68.20 ? 324 GLU A CD  1 
ATOM   587  O OE1 . GLU A 1 77 ? 15.901  17.274  -36.733 1.00 68.46 ? 324 GLU A OE1 1 
ATOM   588  O OE2 . GLU A 1 77 ? 16.675  15.747  -35.339 1.00 68.18 ? 324 GLU A OE2 1 
ATOM   589  N N   . GLN A 1 78 ? 10.749  16.559  -38.504 1.00 66.21 ? 325 GLN A N   1 
ATOM   590  C CA  . GLN A 1 78 ? 10.119  16.516  -39.807 1.00 66.78 ? 325 GLN A CA  1 
ATOM   591  C C   . GLN A 1 78 ? 9.360   17.806  -40.076 1.00 67.48 ? 325 GLN A C   1 
ATOM   592  O O   . GLN A 1 78 ? 9.266   18.247  -41.211 1.00 67.54 ? 325 GLN A O   1 
ATOM   593  C CB  . GLN A 1 78 ? 9.168   15.329  -39.889 1.00 66.61 ? 325 GLN A CB  1 
ATOM   594  C CG  . GLN A 1 78 ? 9.858   13.985  -39.988 1.00 66.13 ? 325 GLN A CG  1 
ATOM   595  C CD  . GLN A 1 78 ? 8.882   12.826  -39.918 1.00 65.99 ? 325 GLN A CD  1 
ATOM   596  O OE1 . GLN A 1 78 ? 9.060   11.901  -39.130 1.00 66.67 ? 325 GLN A OE1 1 
ATOM   597  N NE2 . GLN A 1 78 ? 7.841   12.873  -40.740 1.00 65.91 ? 325 GLN A NE2 1 
ATOM   598  N N   . LEU A 1 79 ? 8.821   18.410  -39.025 1.00 68.60 ? 326 LEU A N   1 
ATOM   599  C CA  . LEU A 1 79 ? 8.094   19.670  -39.139 1.00 69.73 ? 326 LEU A CA  1 
ATOM   600  C C   . LEU A 1 79 ? 9.035   20.848  -39.427 1.00 70.49 ? 326 LEU A C   1 
ATOM   601  O O   . LEU A 1 79 ? 8.595   21.902  -39.892 1.00 70.54 ? 326 LEU A O   1 
ATOM   602  C CB  . LEU A 1 79 ? 7.317   19.938  -37.849 1.00 69.69 ? 326 LEU A CB  1 
ATOM   603  C CG  . LEU A 1 79 ? 5.790   20.096  -37.869 1.00 70.35 ? 326 LEU A CG  1 
ATOM   604  C CD1 . LEU A 1 79 ? 5.331   20.767  -36.565 1.00 70.69 ? 326 LEU A CD1 1 
ATOM   605  C CD2 . LEU A 1 79 ? 5.253   20.855  -39.092 1.00 69.86 ? 326 LEU A CD2 1 
ATOM   606  N N   . GLU A 1 80 ? 10.323  20.672  -39.136 1.00 71.50 ? 327 GLU A N   1 
ATOM   607  C CA  . GLU A 1 80 ? 11.319  21.707  -39.384 1.00 72.60 ? 327 GLU A CA  1 
ATOM   608  C C   . GLU A 1 80 ? 11.830  21.641  -40.816 1.00 73.26 ? 327 GLU A C   1 
ATOM   609  O O   . GLU A 1 80 ? 11.602  22.560  -41.610 1.00 73.21 ? 327 GLU A O   1 
ATOM   610  C CB  . GLU A 1 80 ? 12.488  21.584  -38.405 1.00 72.61 ? 327 GLU A CB  1 
ATOM   611  C CG  . GLU A 1 80 ? 12.278  22.318  -37.089 1.00 73.34 ? 327 GLU A CG  1 
ATOM   612  C CD  . GLU A 1 80 ? 13.095  21.718  -35.956 1.00 73.89 ? 327 GLU A CD  1 
ATOM   613  O OE1 . GLU A 1 80 ? 12.571  21.640  -34.822 1.00 73.38 ? 327 GLU A OE1 1 
ATOM   614  O OE2 . GLU A 1 80 ? 14.252  21.312  -36.203 1.00 74.23 ? 327 GLU A OE2 1 
ATOM   615  N N   . GLN A 1 81 ? 12.509  20.540  -41.133 1.00 74.15 ? 328 GLN A N   1 
ATOM   616  C CA  . GLN A 1 81 ? 13.154  20.352  -42.428 1.00 75.15 ? 328 GLN A CA  1 
ATOM   617  C C   . GLN A 1 81 ? 12.204  20.387  -43.634 1.00 75.77 ? 328 GLN A C   1 
ATOM   618  O O   . GLN A 1 81 ? 12.643  20.621  -44.761 1.00 76.00 ? 328 GLN A O   1 
ATOM   619  C CB  . GLN A 1 81 ? 14.009  19.080  -42.424 1.00 75.21 ? 328 GLN A CB  1 
ATOM   620  C CG  . GLN A 1 81 ? 13.260  17.817  -42.095 1.00 75.84 ? 328 GLN A CG  1 
ATOM   621  C CD  . GLN A 1 81 ? 12.611  17.201  -43.311 1.00 77.60 ? 328 GLN A CD  1 
ATOM   622  O OE1 . GLN A 1 81 ? 11.408  17.364  -43.538 1.00 78.08 ? 328 GLN A OE1 1 
ATOM   623  N NE2 . GLN A 1 81 ? 13.408  16.493  -44.114 1.00 78.06 ? 328 GLN A NE2 1 
ATOM   624  N N   . LEU A 1 82 ? 10.915  20.147  -43.402 1.00 76.53 ? 329 LEU A N   1 
ATOM   625  C CA  . LEU A 1 82 ? 9.908   20.320  -44.452 1.00 77.19 ? 329 LEU A CA  1 
ATOM   626  C C   . LEU A 1 82 ? 9.553   21.794  -44.610 1.00 77.62 ? 329 LEU A C   1 
ATOM   627  O O   . LEU A 1 82 ? 9.359   22.268  -45.730 1.00 77.65 ? 329 LEU A O   1 
ATOM   628  C CB  . LEU A 1 82 ? 8.652   19.485  -44.177 1.00 77.06 ? 329 LEU A CB  1 
ATOM   629  C CG  . LEU A 1 82 ? 7.570   19.420  -45.264 1.00 77.35 ? 329 LEU A CG  1 
ATOM   630  C CD1 . LEU A 1 82 ? 8.078   18.789  -46.573 1.00 77.58 ? 329 LEU A CD1 1 
ATOM   631  C CD2 . LEU A 1 82 ? 6.350   18.673  -44.749 1.00 77.37 ? 329 LEU A CD2 1 
ATOM   632  N N   . GLN A 1 83 ? 9.477   22.511  -43.489 1.00 78.34 ? 330 GLN A N   1 
ATOM   633  C CA  . GLN A 1 83 ? 9.254   23.958  -43.513 1.00 79.10 ? 330 GLN A CA  1 
ATOM   634  C C   . GLN A 1 83 ? 10.448  24.768  -44.013 1.00 79.51 ? 330 GLN A C   1 
ATOM   635  O O   . GLN A 1 83 ? 10.268  25.890  -44.488 1.00 79.69 ? 330 GLN A O   1 
ATOM   636  C CB  . GLN A 1 83 ? 8.797   24.488  -42.156 1.00 79.08 ? 330 GLN A CB  1 
ATOM   637  C CG  . GLN A 1 83 ? 7.436   25.148  -42.220 1.00 79.61 ? 330 GLN A CG  1 
ATOM   638  C CD  . GLN A 1 83 ? 7.081   25.902  -40.954 1.00 80.96 ? 330 GLN A CD  1 
ATOM   639  O OE1 . GLN A 1 83 ? 7.526   25.553  -39.854 1.00 81.22 ? 330 GLN A OE1 1 
ATOM   640  N NE2 . GLN A 1 83 ? 6.264   26.944  -41.101 1.00 81.29 ? 330 GLN A NE2 1 
ATOM   641  N N   . ARG A 1 84 ? 11.656  24.211  -43.908 1.00 79.87 ? 331 ARG A N   1 
ATOM   642  C CA  . ARG A 1 84 ? 12.844  24.865  -44.466 1.00 80.24 ? 331 ARG A CA  1 
ATOM   643  C C   . ARG A 1 84 ? 12.790  24.855  -46.007 1.00 80.49 ? 331 ARG A C   1 
ATOM   644  O O   . ARG A 1 84 ? 13.374  25.721  -46.671 1.00 80.42 ? 331 ARG A O   1 
ATOM   645  C CB  . ARG A 1 84 ? 14.149  24.242  -43.917 1.00 80.22 ? 331 ARG A CB  1 
ATOM   646  C CG  . ARG A 1 84 ? 14.642  22.979  -44.642 1.00 80.25 ? 331 ARG A CG  1 
ATOM   647  C CD  . ARG A 1 84 ? 16.079  22.594  -44.263 1.00 80.05 ? 331 ARG A CD  1 
ATOM   648  N NE  . ARG A 1 84 ? 16.136  21.620  -43.171 1.00 78.94 ? 331 ARG A NE  1 
ATOM   649  C CZ  . ARG A 1 84 ? 16.301  21.928  -41.887 1.00 78.44 ? 331 ARG A CZ  1 
ATOM   650  N NH1 . ARG A 1 84 ? 16.436  23.192  -41.504 1.00 78.06 ? 331 ARG A NH1 1 
ATOM   651  N NH2 . ARG A 1 84 ? 16.334  20.965  -40.980 1.00 78.13 ? 331 ARG A NH2 1 
ATOM   652  N N   . GLU A 1 85 ? 12.063  23.880  -46.553 1.00 80.78 ? 332 GLU A N   1 
ATOM   653  C CA  . GLU A 1 85 ? 11.872  23.739  -47.996 1.00 81.17 ? 332 GLU A CA  1 
ATOM   654  C C   . GLU A 1 85 ? 10.667  24.526  -48.489 1.00 81.58 ? 332 GLU A C   1 
ATOM   655  O O   . GLU A 1 85 ? 10.662  25.030  -49.611 1.00 81.62 ? 332 GLU A O   1 
ATOM   656  C CB  . GLU A 1 85 ? 11.725  22.273  -48.364 1.00 80.94 ? 332 GLU A CB  1 
ATOM   657  C CG  . GLU A 1 85 ? 12.950  21.463  -48.023 1.00 80.68 ? 332 GLU A CG  1 
ATOM   658  C CD  . GLU A 1 85 ? 12.779  20.006  -48.342 1.00 80.70 ? 332 GLU A CD  1 
ATOM   659  O OE1 . GLU A 1 85 ? 11.636  19.502  -48.270 1.00 80.46 ? 332 GLU A OE1 1 
ATOM   660  O OE2 . GLU A 1 85 ? 13.795  19.362  -48.668 1.00 81.29 ? 332 GLU A OE2 1 
ATOM   661  N N   . PHE A 1 86 ? 9.648   24.623  -47.641 1.00 82.17 ? 333 PHE A N   1 
ATOM   662  C CA  . PHE A 1 86 ? 8.525   25.527  -47.877 1.00 82.78 ? 333 PHE A CA  1 
ATOM   663  C C   . PHE A 1 86 ? 8.974   26.994  -47.751 1.00 83.17 ? 333 PHE A C   1 
ATOM   664  O O   . PHE A 1 86 ? 8.305   27.899  -48.263 1.00 83.42 ? 333 PHE A O   1 
ATOM   665  C CB  . PHE A 1 86 ? 7.378   25.226  -46.901 1.00 82.72 ? 333 PHE A CB  1 
ATOM   666  C CG  . PHE A 1 86 ? 6.039   25.748  -47.349 1.00 82.80 ? 333 PHE A CG  1 
ATOM   667  C CD1 . PHE A 1 86 ? 5.171   24.938  -48.074 1.00 82.86 ? 333 PHE A CD1 1 
ATOM   668  C CD2 . PHE A 1 86 ? 5.637   27.048  -47.040 1.00 82.90 ? 333 PHE A CD2 1 
ATOM   669  C CE1 . PHE A 1 86 ? 3.925   25.420  -48.491 1.00 82.95 ? 333 PHE A CE1 1 
ATOM   670  C CE2 . PHE A 1 86 ? 4.397   27.537  -47.453 1.00 82.75 ? 333 PHE A CE2 1 
ATOM   671  C CZ  . PHE A 1 86 ? 3.540   26.722  -48.178 1.00 82.63 ? 333 PHE A CZ  1 
ATOM   672  N N   . ASN A 1 87 ? 10.102  27.218  -47.070 1.00 83.49 ? 334 ASN A N   1 
ATOM   673  C CA  . ASN A 1 87 ? 10.681  28.562  -46.906 1.00 83.65 ? 334 ASN A CA  1 
ATOM   674  C C   . ASN A 1 87 ? 11.546  29.018  -48.092 1.00 83.84 ? 334 ASN A C   1 
ATOM   675  O O   . ASN A 1 87 ? 11.930  30.193  -48.189 1.00 83.79 ? 334 ASN A O   1 
ATOM   676  C CB  . ASN A 1 87 ? 11.439  28.682  -45.577 1.00 83.56 ? 334 ASN A CB  1 
ATOM   677  C CG  . ASN A 1 87 ? 10.520  29.018  -44.410 1.00 83.29 ? 334 ASN A CG  1 
ATOM   678  O OD1 . ASN A 1 87 ? 9.569   29.790  -44.551 1.00 82.56 ? 334 ASN A OD1 1 
ATOM   679  N ND2 . ASN A 1 87 ? 10.807  28.441  -43.248 1.00 83.20 ? 334 ASN A ND2 1 
ATOM   680  N N   . LYS A 1 88 ? 11.843  28.073  -48.984 1.00 83.90 ? 335 LYS A N   1 
ATOM   681  C CA  . LYS A 1 88 ? 12.326  28.378  -50.328 1.00 84.00 ? 335 LYS A CA  1 
ATOM   682  C C   . LYS A 1 88 ? 11.143  28.990  -51.119 1.00 84.24 ? 335 LYS A C   1 
ATOM   683  O O   . LYS A 1 88 ? 11.309  29.497  -52.239 1.00 84.38 ? 335 LYS A O   1 
ATOM   684  C CB  . LYS A 1 88 ? 12.901  27.092  -50.953 1.00 83.80 ? 335 LYS A CB  1 
ATOM   685  C CG  . LYS A 1 88 ? 13.131  27.064  -52.457 1.00 83.60 ? 335 LYS A CG  1 
ATOM   686  C CD  . LYS A 1 88 ? 11.993  26.327  -53.165 1.00 83.16 ? 335 LYS A CD  1 
ATOM   687  C CE  . LYS A 1 88 ? 12.439  25.727  -54.491 1.00 82.87 ? 335 LYS A CE  1 
ATOM   688  N NZ  . LYS A 1 88 ? 12.749  26.762  -55.519 1.00 82.37 ? 335 LYS A NZ  1 
ATOM   689  N N   . LEU A 1 89 ? 9.966   28.973  -50.478 1.00 84.25 ? 336 LEU A N   1 
ATOM   690  C CA  . LEU A 1 89 ? 8.682   29.428  -51.029 1.00 84.09 ? 336 LEU A CA  1 
ATOM   691  C C   . LEU A 1 89 ? 8.372   28.805  -52.380 1.00 83.93 ? 336 LEU A C   1 
ATOM   692  O O   . LEU A 1 89 ? 9.008   27.837  -52.797 1.00 83.70 ? 336 LEU A O   1 
ATOM   693  C CB  . LEU A 1 89 ? 8.571   30.967  -51.071 1.00 84.24 ? 336 LEU A CB  1 
ATOM   694  C CG  . LEU A 1 89 ? 8.022   31.768  -49.870 1.00 84.48 ? 336 LEU A CG  1 
ATOM   695  C CD1 . LEU A 1 89 ? 6.694   31.205  -49.315 1.00 84.51 ? 336 LEU A CD1 1 
ATOM   696  C CD2 . LEU A 1 89 ? 9.053   31.929  -48.749 1.00 84.25 ? 336 LEU A CD2 1 
ATOM   697  N N   . LEU B 1 9  ? -10.257 -35.057 50.494  1.00 75.65 ? 256 LEU B N   1 
ATOM   698  C CA  . LEU B 1 9  ? -9.429  -34.683 49.312  1.00 75.73 ? 256 LEU B CA  1 
ATOM   699  C C   . LEU B 1 9  ? -9.932  -33.416 48.611  1.00 75.69 ? 256 LEU B C   1 
ATOM   700  O O   . LEU B 1 9  ? -11.137 -33.150 48.552  1.00 75.60 ? 256 LEU B O   1 
ATOM   701  C CB  . LEU B 1 9  ? -9.329  -35.851 48.318  1.00 75.74 ? 256 LEU B CB  1 
ATOM   702  C CG  . LEU B 1 9  ? -8.122  -36.795 48.436  1.00 76.21 ? 256 LEU B CG  1 
ATOM   703  C CD1 . LEU B 1 9  ? -8.410  -38.153 47.790  1.00 76.04 ? 256 LEU B CD1 1 
ATOM   704  C CD2 . LEU B 1 9  ? -6.852  -36.176 47.841  1.00 76.02 ? 256 LEU B CD2 1 
ATOM   705  N N   . ARG B 1 10 ? -8.985  -32.640 48.086  1.00 75.64 ? 257 ARG B N   1 
ATOM   706  C CA  . ARG B 1 10 ? -9.288  -31.391 47.388  1.00 75.34 ? 257 ARG B CA  1 
ATOM   707  C C   . ARG B 1 10 ? -8.806  -31.351 45.932  1.00 75.14 ? 257 ARG B C   1 
ATOM   708  O O   . ARG B 1 10 ? -8.416  -30.288 45.427  1.00 75.18 ? 257 ARG B O   1 
ATOM   709  C CB  . ARG B 1 10 ? -8.744  -30.190 48.167  1.00 75.33 ? 257 ARG B CB  1 
ATOM   710  C CG  . ARG B 1 10 ? -9.758  -29.546 49.110  1.00 75.50 ? 257 ARG B CG  1 
ATOM   711  C CD  . ARG B 1 10 ? -10.811 -28.694 48.368  1.00 75.12 ? 257 ARG B CD  1 
ATOM   712  N NE  . ARG B 1 10 ? -11.739 -29.505 47.578  1.00 74.94 ? 257 ARG B NE  1 
ATOM   713  C CZ  . ARG B 1 10 ? -12.708 -30.265 48.085  1.00 74.31 ? 257 ARG B CZ  1 
ATOM   714  N NH1 . ARG B 1 10 ? -13.488 -30.965 47.277  1.00 74.03 ? 257 ARG B NH1 1 
ATOM   715  N NH2 . ARG B 1 10 ? -12.896 -30.335 49.396  1.00 74.00 ? 257 ARG B NH2 1 
ATOM   716  N N   . GLN B 1 11 ? -8.852  -32.508 45.263  1.00 74.57 ? 258 GLN B N   1 
ATOM   717  C CA  . GLN B 1 11 ? -8.613  -32.605 43.814  1.00 73.86 ? 258 GLN B CA  1 
ATOM   718  C C   . GLN B 1 11 ? -9.621  -31.750 43.017  1.00 73.08 ? 258 GLN B C   1 
ATOM   719  O O   . GLN B 1 11 ? -9.552  -31.666 41.784  1.00 73.03 ? 258 GLN B O   1 
ATOM   720  C CB  . GLN B 1 11 ? -8.619  -34.072 43.347  1.00 74.06 ? 258 GLN B CB  1 
ATOM   721  C CG  . GLN B 1 11 ? -10.009 -34.716 43.188  1.00 74.79 ? 258 GLN B CG  1 
ATOM   722  C CD  . GLN B 1 11 ? -10.851 -34.688 44.466  1.00 75.88 ? 258 GLN B CD  1 
ATOM   723  O OE1 . GLN B 1 11 ? -10.575 -35.406 45.436  1.00 76.51 ? 258 GLN B OE1 1 
ATOM   724  N NE2 . GLN B 1 11 ? -11.888 -33.856 44.464  1.00 76.10 ? 258 GLN B NE2 1 
ATOM   725  N N   . GLN B 1 12 ? -10.549 -31.122 43.737  1.00 71.87 ? 259 GLN B N   1 
ATOM   726  C CA  . GLN B 1 12 ? -11.380 -30.076 43.172  1.00 70.88 ? 259 GLN B CA  1 
ATOM   727  C C   . GLN B 1 12 ? -10.509 -28.835 42.968  1.00 69.59 ? 259 GLN B C   1 
ATOM   728  O O   . GLN B 1 12 ? -10.561 -28.211 41.918  1.00 69.50 ? 259 GLN B O   1 
ATOM   729  C CB  . GLN B 1 12 ? -12.587 -29.767 44.083  1.00 71.24 ? 259 GLN B CB  1 
ATOM   730  C CG  . GLN B 1 12 ? -13.660 -28.820 43.472  1.00 72.40 ? 259 GLN B CG  1 
ATOM   731  C CD  . GLN B 1 12 ? -14.262 -27.817 44.492  1.00 74.47 ? 259 GLN B CD  1 
ATOM   732  O OE1 . GLN B 1 12 ? -13.908 -27.823 45.675  1.00 75.50 ? 259 GLN B OE1 1 
ATOM   733  N NE2 . GLN B 1 12 ? -15.161 -26.945 44.021  1.00 74.44 ? 259 GLN B NE2 1 
ATOM   734  N N   . LEU B 1 13 ? -9.696  -28.495 43.968  1.00 68.18 ? 260 LEU B N   1 
ATOM   735  C CA  . LEU B 1 13 ? -8.902  -27.255 43.929  1.00 66.79 ? 260 LEU B CA  1 
ATOM   736  C C   . LEU B 1 13 ? -7.610  -27.361 43.122  1.00 65.68 ? 260 LEU B C   1 
ATOM   737  O O   . LEU B 1 13 ? -6.991  -26.346 42.807  1.00 65.47 ? 260 LEU B O   1 
ATOM   738  C CB  . LEU B 1 13 ? -8.627  -26.714 45.338  1.00 66.81 ? 260 LEU B CB  1 
ATOM   739  C CG  . LEU B 1 13 ? -7.522  -25.669 45.519  1.00 66.62 ? 260 LEU B CG  1 
ATOM   740  C CD1 . LEU B 1 13 ? -8.012  -24.521 46.369  1.00 67.31 ? 260 LEU B CD1 1 
ATOM   741  C CD2 . LEU B 1 13 ? -6.261  -26.295 46.107  1.00 65.77 ? 260 LEU B CD2 1 
ATOM   742  N N   . GLN B 1 14 ? -7.199  -28.576 42.785  1.00 64.21 ? 261 GLN B N   1 
ATOM   743  C CA  . GLN B 1 14 ? -6.105  -28.709 41.839  1.00 63.18 ? 261 GLN B CA  1 
ATOM   744  C C   . GLN B 1 14 ? -6.681  -28.571 40.420  1.00 62.21 ? 261 GLN B C   1 
ATOM   745  O O   . GLN B 1 14 ? -5.967  -28.691 39.417  1.00 62.21 ? 261 GLN B O   1 
ATOM   746  C CB  . GLN B 1 14 ? -5.287  -29.987 42.090  1.00 63.23 ? 261 GLN B CB  1 
ATOM   747  C CG  . GLN B 1 14 ? -5.582  -31.193 41.223  1.00 64.17 ? 261 GLN B CG  1 
ATOM   748  C CD  . GLN B 1 14 ? -4.479  -31.456 40.196  1.00 66.35 ? 261 GLN B CD  1 
ATOM   749  O OE1 . GLN B 1 14 ? -4.019  -32.595 40.032  1.00 66.27 ? 261 GLN B OE1 1 
ATOM   750  N NE2 . GLN B 1 14 ? -4.045  -30.401 39.506  1.00 67.43 ? 261 GLN B NE2 1 
ATOM   751  N N   . GLN B 1 15 ? -7.984  -28.285 40.365  1.00 60.77 ? 262 GLN B N   1 
ATOM   752  C CA  . GLN B 1 15 ? -8.679  -27.968 39.119  1.00 59.21 ? 262 GLN B CA  1 
ATOM   753  C C   . GLN B 1 15 ? -8.732  -26.469 38.952  1.00 57.44 ? 262 GLN B C   1 
ATOM   754  O O   . GLN B 1 15 ? -8.377  -25.947 37.897  1.00 57.20 ? 262 GLN B O   1 
ATOM   755  C CB  . GLN B 1 15 ? -10.098 -28.543 39.113  1.00 59.56 ? 262 GLN B CB  1 
ATOM   756  C CG  . GLN B 1 15 ? -10.401 -29.393 37.896  1.00 60.81 ? 262 GLN B CG  1 
ATOM   757  C CD  . GLN B 1 15 ? -9.447  -30.574 37.782  1.00 62.54 ? 262 GLN B CD  1 
ATOM   758  O OE1 . GLN B 1 15 ? -8.224  -30.406 37.850  1.00 63.28 ? 262 GLN B OE1 1 
ATOM   759  N NE2 . GLN B 1 15 ? -10.000 -31.774 37.615  1.00 62.59 ? 262 GLN B NE2 1 
ATOM   760  N N   . ALA B 1 16 ? -9.174  -25.795 40.012  1.00 55.38 ? 263 ALA B N   1 
ATOM   761  C CA  . ALA B 1 16 ? -9.141  -24.338 40.114  1.00 53.65 ? 263 ALA B CA  1 
ATOM   762  C C   . ALA B 1 16 ? -7.740  -23.759 39.853  1.00 52.42 ? 263 ALA B C   1 
ATOM   763  O O   . ALA B 1 16 ? -7.600  -22.588 39.466  1.00 52.19 ? 263 ALA B O   1 
ATOM   764  C CB  . ALA B 1 16 ? -9.646  -23.902 41.483  1.00 53.68 ? 263 ALA B CB  1 
ATOM   765  N N   . GLU B 1 17 ? -6.716  -24.596 40.056  1.00 50.76 ? 264 GLU B N   1 
ATOM   766  C CA  . GLU B 1 17 ? -5.309  -24.198 39.906  1.00 48.55 ? 264 GLU B CA  1 
ATOM   767  C C   . GLU B 1 17 ? -4.726  -24.603 38.555  1.00 47.15 ? 264 GLU B C   1 
ATOM   768  O O   . GLU B 1 17 ? -3.879  -23.906 38.007  1.00 46.45 ? 264 GLU B O   1 
ATOM   769  C CB  . GLU B 1 17 ? -4.471  -24.786 41.038  1.00 48.42 ? 264 GLU B CB  1 
ATOM   770  C CG  . GLU B 1 17 ? -4.638  -24.073 42.364  1.00 47.86 ? 264 GLU B CG  1 
ATOM   771  C CD  . GLU B 1 17 ? -3.600  -24.507 43.373  1.00 48.13 ? 264 GLU B CD  1 
ATOM   772  O OE1 . GLU B 1 17 ? -3.382  -25.729 43.519  1.00 48.93 ? 264 GLU B OE1 1 
ATOM   773  O OE2 . GLU B 1 17 ? -2.989  -23.631 44.016  1.00 48.56 ? 264 GLU B OE2 1 
ATOM   774  N N   . GLU B 1 18 ? -5.182  -25.730 38.030  1.00 45.77 ? 265 GLU B N   1 
ATOM   775  C CA  . GLU B 1 18 ? -4.726  -26.202 36.735  1.00 44.82 ? 265 GLU B CA  1 
ATOM   776  C C   . GLU B 1 18 ? -5.197  -25.248 35.657  1.00 43.40 ? 265 GLU B C   1 
ATOM   777  O O   . GLU B 1 18 ? -4.393  -24.724 34.896  1.00 43.69 ? 265 GLU B O   1 
ATOM   778  C CB  . GLU B 1 18 ? -5.250  -27.606 36.465  1.00 45.28 ? 265 GLU B CB  1 
ATOM   779  C CG  . GLU B 1 18 ? -4.473  -28.365 35.417  1.00 47.27 ? 265 GLU B CG  1 
ATOM   780  C CD  . GLU B 1 18 ? -4.386  -29.853 35.723  1.00 51.10 ? 265 GLU B CD  1 
ATOM   781  O OE1 . GLU B 1 18 ? -4.738  -30.271 36.856  1.00 52.26 ? 265 GLU B OE1 1 
ATOM   782  O OE2 . GLU B 1 18 ? -3.943  -30.609 34.829  1.00 53.00 ? 265 GLU B OE2 1 
ATOM   783  N N   . ALA B 1 19 ? -6.505  -25.019 35.606  1.00 41.72 ? 266 ALA B N   1 
ATOM   784  C CA  . ALA B 1 19 ? -7.083  -23.996 34.739  1.00 39.49 ? 266 ALA B CA  1 
ATOM   785  C C   . ALA B 1 19 ? -6.404  -22.638 34.964  1.00 37.90 ? 266 ALA B C   1 
ATOM   786  O O   . ALA B 1 19 ? -6.046  -21.959 34.001  1.00 38.12 ? 266 ALA B O   1 
ATOM   787  C CB  . ALA B 1 19 ? -8.575  -23.895 34.967  1.00 39.25 ? 266 ALA B CB  1 
ATOM   788  N N   . LEU B 1 20 ? -6.196  -22.251 36.219  1.00 35.45 ? 267 LEU B N   1 
ATOM   789  C CA  . LEU B 1 20 ? -5.601  -20.948 36.505  1.00 33.42 ? 267 LEU B CA  1 
ATOM   790  C C   . LEU B 1 20 ? -4.209  -20.792 35.867  1.00 32.11 ? 267 LEU B C   1 
ATOM   791  O O   . LEU B 1 20 ? -3.843  -19.699 35.425  1.00 32.28 ? 267 LEU B O   1 
ATOM   792  C CB  . LEU B 1 20 ? -5.517  -20.699 38.012  1.00 33.20 ? 267 LEU B CB  1 
ATOM   793  C CG  . LEU B 1 20 ? -5.882  -19.322 38.591  1.00 33.95 ? 267 LEU B CG  1 
ATOM   794  C CD1 . LEU B 1 20 ? -5.398  -19.178 40.037  1.00 33.93 ? 267 LEU B CD1 1 
ATOM   795  C CD2 . LEU B 1 20 ? -5.412  -18.118 37.764  1.00 33.63 ? 267 LEU B CD2 1 
ATOM   796  N N   . VAL B 1 21 ? -3.437  -21.875 35.807  1.00 29.82 ? 268 VAL B N   1 
ATOM   797  C CA  . VAL B 1 21 ? -2.100  -21.789 35.229  1.00 27.64 ? 268 VAL B CA  1 
ATOM   798  C C   . VAL B 1 21 ? -2.233  -21.733 33.710  1.00 26.77 ? 268 VAL B C   1 
ATOM   799  O O   . VAL B 1 21 ? -1.495  -21.004 33.041  1.00 26.14 ? 268 VAL B O   1 
ATOM   800  C CB  . VAL B 1 21 ? -1.156  -22.937 35.731  1.00 27.43 ? 268 VAL B CB  1 
ATOM   801  C CG1 . VAL B 1 21 ? 0.166   -22.918 35.003  1.00 26.40 ? 268 VAL B CG1 1 
ATOM   802  C CG2 . VAL B 1 21 ? -0.893  -22.785 37.207  1.00 26.13 ? 268 VAL B CG2 1 
ATOM   803  N N   . ALA B 1 22 ? -3.209  -22.490 33.199  1.00 25.72 ? 269 ALA B N   1 
ATOM   804  C CA  . ALA B 1 22 ? -3.578  -22.531 31.785  1.00 24.83 ? 269 ALA B CA  1 
ATOM   805  C C   . ALA B 1 22 ? -3.986  -21.149 31.265  1.00 24.96 ? 269 ALA B C   1 
ATOM   806  O O   . ALA B 1 22 ? -3.664  -20.783 30.124  1.00 25.03 ? 269 ALA B O   1 
ATOM   807  C CB  . ALA B 1 22 ? -4.702  -23.520 31.580  1.00 23.95 ? 269 ALA B CB  1 
ATOM   808  N N   . LYS B 1 23 ? -4.680  -20.383 32.104  1.00 24.72 ? 270 LYS B N   1 
ATOM   809  C CA  . LYS B 1 23 ? -5.140  -19.053 31.725  1.00 24.88 ? 270 LYS B CA  1 
ATOM   810  C C   . LYS B 1 23 ? -3.999  -18.042 31.720  1.00 24.50 ? 270 LYS B C   1 
ATOM   811  O O   . LYS B 1 23 ? -3.872  -17.249 30.786  1.00 24.88 ? 270 LYS B O   1 
ATOM   812  C CB  . LYS B 1 23 ? -6.292  -18.581 32.633  1.00 25.14 ? 270 LYS B CB  1 
ATOM   813  C CG  . LYS B 1 23 ? -7.565  -19.377 32.412  1.00 26.21 ? 270 LYS B CG  1 
ATOM   814  C CD  . LYS B 1 23 ? -8.808  -18.735 32.993  1.00 27.69 ? 270 LYS B CD  1 
ATOM   815  C CE  . LYS B 1 23 ? -10.000 -19.703 32.830  1.00 30.64 ? 270 LYS B CE  1 
ATOM   816  N NZ  . LYS B 1 23 ? -9.964  -20.538 31.573  1.00 29.15 ? 270 LYS B NZ  1 
ATOM   817  N N   . GLN B 1 24 ? -3.176  -18.070 32.759  1.00 23.74 ? 271 GLN B N   1 
ATOM   818  C CA  . GLN B 1 24 ? -2.023  -17.192 32.845  1.00 23.04 ? 271 GLN B CA  1 
ATOM   819  C C   . GLN B 1 24 ? -1.089  -17.430 31.649  1.00 22.84 ? 271 GLN B C   1 
ATOM   820  O O   . GLN B 1 24 ? -0.530  -16.480 31.084  1.00 22.53 ? 271 GLN B O   1 
ATOM   821  C CB  . GLN B 1 24 ? -1.304  -17.446 34.160  1.00 23.11 ? 271 GLN B CB  1 
ATOM   822  C CG  . GLN B 1 24 ? 0.012   -16.761 34.288  1.00 23.29 ? 271 GLN B CG  1 
ATOM   823  C CD  . GLN B 1 24 ? -0.124  -15.267 34.240  1.00 24.62 ? 271 GLN B CD  1 
ATOM   824  O OE1 . GLN B 1 24 ? -0.786  -14.667 35.075  1.00 24.99 ? 271 GLN B OE1 1 
ATOM   825  N NE2 . GLN B 1 24 ? 0.513   -14.651 33.255  1.00 27.22 ? 271 GLN B NE2 1 
ATOM   826  N N   . GLU B 1 25 ? -0.948  -18.696 31.248  1.00 22.32 ? 272 GLU B N   1 
ATOM   827  C CA  . GLU B 1 25 ? -0.153  -19.038 30.071  1.00 22.06 ? 272 GLU B CA  1 
ATOM   828  C C   . GLU B 1 25 ? -0.729  -18.495 28.777  1.00 22.06 ? 272 GLU B C   1 
ATOM   829  O O   . GLU B 1 25 ? 0.017   -18.010 27.925  1.00 22.12 ? 272 GLU B O   1 
ATOM   830  C CB  . GLU B 1 25 ? 0.083   -20.533 29.977  1.00 21.76 ? 272 GLU B CB  1 
ATOM   831  C CG  . GLU B 1 25 ? 1.247   -20.953 30.826  1.00 22.69 ? 272 GLU B CG  1 
ATOM   832  C CD  . GLU B 1 25 ? 1.448   -22.434 30.839  1.00 24.58 ? 272 GLU B CD  1 
ATOM   833  O OE1 . GLU B 1 25 ? 0.647   -23.142 30.185  1.00 25.35 ? 272 GLU B OE1 1 
ATOM   834  O OE2 . GLU B 1 25 ? 2.401   -22.886 31.523  1.00 25.60 ? 272 GLU B OE2 1 
ATOM   835  N N   . LEU B 1 26 ? -2.049  -18.566 28.632  1.00 22.06 ? 273 LEU B N   1 
ATOM   836  C CA  . LEU B 1 26 ? -2.711  -17.911 27.528  1.00 22.03 ? 273 LEU B CA  1 
ATOM   837  C C   . LEU B 1 26 ? -2.378  -16.412 27.530  1.00 21.95 ? 273 LEU B C   1 
ATOM   838  O O   . LEU B 1 26 ? -1.914  -15.879 26.520  1.00 22.17 ? 273 LEU B O   1 
ATOM   839  C CB  . LEU B 1 26 ? -4.217  -18.109 27.600  1.00 21.95 ? 273 LEU B CB  1 
ATOM   840  C CG  . LEU B 1 26 ? -4.962  -18.484 26.307  1.00 23.24 ? 273 LEU B CG  1 
ATOM   841  C CD1 . LEU B 1 26 ? -6.412  -18.047 26.415  1.00 24.47 ? 273 LEU B CD1 1 
ATOM   842  C CD2 . LEU B 1 26 ? -4.338  -17.991 24.961  1.00 22.86 ? 273 LEU B CD2 1 
ATOM   843  N N   . ILE B 1 27 ? -2.602  -15.749 28.659  1.00 21.54 ? 274 ILE B N   1 
ATOM   844  C CA  . ILE B 1 27 ? -2.284  -14.335 28.807  1.00 21.63 ? 274 ILE B CA  1 
ATOM   845  C C   . ILE B 1 27 ? -0.869  -14.044 28.309  1.00 22.32 ? 274 ILE B C   1 
ATOM   846  O O   . ILE B 1 27 ? -0.656  -13.103 27.573  1.00 21.87 ? 274 ILE B O   1 
ATOM   847  C CB  . ILE B 1 27 ? -2.458  -13.884 30.287  1.00 21.47 ? 274 ILE B CB  1 
ATOM   848  C CG1 . ILE B 1 27 ? -3.943  -13.833 30.660  1.00 21.49 ? 274 ILE B CG1 1 
ATOM   849  C CG2 . ILE B 1 27 ? -1.768  -12.555 30.574  1.00 20.10 ? 274 ILE B CG2 1 
ATOM   850  C CD1 . ILE B 1 27 ? -4.206  -13.733 32.179  1.00 21.76 ? 274 ILE B CD1 1 
ATOM   851  N N   . ASP B 1 28 ? 0.093   -14.875 28.690  1.00 23.85 ? 275 ASP B N   1 
ATOM   852  C CA  . ASP B 1 28 ? 1.487   -14.664 28.292  1.00 25.14 ? 275 ASP B CA  1 
ATOM   853  C C   . ASP B 1 28 ? 1.727   -14.884 26.801  1.00 26.05 ? 275 ASP B C   1 
ATOM   854  O O   . ASP B 1 28 ? 2.580   -14.207 26.209  1.00 26.57 ? 275 ASP B O   1 
ATOM   855  C CB  . ASP B 1 28 ? 2.430   -15.522 29.133  1.00 24.76 ? 275 ASP B CB  1 
ATOM   856  C CG  . ASP B 1 28 ? 2.385   -15.147 30.607  1.00 27.08 ? 275 ASP B CG  1 
ATOM   857  O OD1 . ASP B 1 28 ? 2.531   -16.049 31.467  1.00 29.98 ? 275 ASP B OD1 1 
ATOM   858  O OD2 . ASP B 1 28 ? 2.181   -13.947 30.924  1.00 29.17 ? 275 ASP B OD2 1 
ATOM   859  N N   . LYS B 1 29 ? 0.980   -15.813 26.202  1.00 26.58 ? 276 LYS B N   1 
ATOM   860  C CA  . LYS B 1 29 ? 1.025   -16.034 24.769  1.00 27.48 ? 276 LYS B CA  1 
ATOM   861  C C   . LYS B 1 29 ? 0.424   -14.831 24.067  1.00 27.97 ? 276 LYS B C   1 
ATOM   862  O O   . LYS B 1 29 ? 1.003   -14.275 23.132  1.00 28.03 ? 276 LYS B O   1 
ATOM   863  C CB  . LYS B 1 29 ? 0.234   -17.285 24.423  1.00 27.92 ? 276 LYS B CB  1 
ATOM   864  C CG  . LYS B 1 29 ? 0.544   -17.879 23.071  1.00 29.47 ? 276 LYS B CG  1 
ATOM   865  C CD  . LYS B 1 29 ? 0.092   -19.324 23.009  1.00 33.20 ? 276 LYS B CD  1 
ATOM   866  C CE  . LYS B 1 29 ? 0.171   -19.863 21.567  1.00 36.95 ? 276 LYS B CE  1 
ATOM   867  N NZ  . LYS B 1 29 ? 0.511   -21.337 21.519  1.00 38.00 ? 276 LYS B NZ  1 
ATOM   868  N N   . LEU B 1 30 ? -0.748  -14.430 24.548  1.00 28.90 ? 277 LEU B N   1 
ATOM   869  C CA  . LEU B 1 30 ? -1.478  -13.289 24.021  1.00 29.31 ? 277 LEU B CA  1 
ATOM   870  C C   . LEU B 1 30 ? -0.627  -12.031 23.994  1.00 29.93 ? 277 LEU B C   1 
ATOM   871  O O   . LEU B 1 30 ? -0.515  -11.395 22.945  1.00 30.06 ? 277 LEU B O   1 
ATOM   872  C CB  . LEU B 1 30 ? -2.768  -13.081 24.815  1.00 29.12 ? 277 LEU B CB  1 
ATOM   873  C CG  . LEU B 1 30 ? -4.100  -13.482 24.162  1.00 29.25 ? 277 LEU B CG  1 
ATOM   874  C CD1 . LEU B 1 30 ? -3.935  -14.434 22.989  1.00 29.20 ? 277 LEU B CD1 1 
ATOM   875  C CD2 . LEU B 1 30 ? -5.103  -14.022 25.200  1.00 29.16 ? 277 LEU B CD2 1 
ATOM   876  N N   . LYS B 1 31 ? -0.015  -11.696 25.130  1.00 30.70 ? 278 LYS B N   1 
ATOM   877  C CA  . LYS B 1 31 ? 0.926   -10.577 25.231  1.00 31.62 ? 278 LYS B CA  1 
ATOM   878  C C   . LYS B 1 31 ? 2.103   -10.664 24.250  1.00 32.11 ? 278 LYS B C   1 
ATOM   879  O O   . LYS B 1 31 ? 2.483   -9.654  23.662  1.00 31.95 ? 278 LYS B O   1 
ATOM   880  C CB  . LYS B 1 31 ? 1.456   -10.442 26.654  1.00 31.61 ? 278 LYS B CB  1 
ATOM   881  C CG  . LYS B 1 31 ? 0.455   -9.886  27.656  1.00 33.90 ? 278 LYS B CG  1 
ATOM   882  C CD  . LYS B 1 31 ? 1.079   -9.842  29.054  1.00 38.48 ? 278 LYS B CD  1 
ATOM   883  C CE  . LYS B 1 31 ? 0.285   -8.989  30.046  1.00 40.88 ? 278 LYS B CE  1 
ATOM   884  N NZ  . LYS B 1 31 ? 0.394   -7.511  29.762  1.00 43.98 ? 278 LYS B NZ  1 
ATOM   885  N N   . GLU B 1 32 ? 2.678   -11.854 24.068  1.00 32.97 ? 279 GLU B N   1 
ATOM   886  C CA  . GLU B 1 32 ? 3.782   -12.016 23.118  1.00 34.59 ? 279 GLU B CA  1 
ATOM   887  C C   . GLU B 1 32 ? 3.316   -11.657 21.710  1.00 34.56 ? 279 GLU B C   1 
ATOM   888  O O   . GLU B 1 32 ? 3.999   -10.937 20.978  1.00 34.19 ? 279 GLU B O   1 
ATOM   889  C CB  . GLU B 1 32 ? 4.331   -13.444 23.115  1.00 34.54 ? 279 GLU B CB  1 
ATOM   890  C CG  . GLU B 1 32 ? 4.967   -13.929 24.422  1.00 36.12 ? 279 GLU B CG  1 
ATOM   891  C CD  . GLU B 1 32 ? 4.955   -15.471 24.533  1.00 37.06 ? 279 GLU B CD  1 
ATOM   892  O OE1 . GLU B 1 32 ? 4.981   -16.148 23.462  1.00 40.03 ? 279 GLU B OE1 1 
ATOM   893  O OE2 . GLU B 1 32 ? 4.909   -16.006 25.679  1.00 39.65 ? 279 GLU B OE2 1 
ATOM   894  N N   . GLU B 1 33 ? 2.147   -12.171 21.345  1.00 35.10 ? 280 GLU B N   1 
ATOM   895  C CA  . GLU B 1 33 ? 1.508   -11.824 20.083  1.00 35.73 ? 280 GLU B CA  1 
ATOM   896  C C   . GLU B 1 33 ? 1.106   -10.345 19.955  1.00 36.15 ? 280 GLU B C   1 
ATOM   897  O O   . GLU B 1 33 ? 1.159   -9.795  18.869  1.00 35.91 ? 280 GLU B O   1 
ATOM   898  C CB  . GLU B 1 33 ? 0.303   -12.721 19.857  1.00 35.66 ? 280 GLU B CB  1 
ATOM   899  C CG  . GLU B 1 33 ? 0.682   -14.179 19.701  1.00 36.14 ? 280 GLU B CG  1 
ATOM   900  C CD  . GLU B 1 33 ? -0.510  -15.123 19.719  1.00 36.37 ? 280 GLU B CD  1 
ATOM   901  O OE1 . GLU B 1 33 ? -0.309  -16.312 19.401  1.00 36.04 ? 280 GLU B OE1 1 
ATOM   902  O OE2 . GLU B 1 33 ? -1.635  -14.694 20.067  1.00 37.40 ? 280 GLU B OE2 1 
ATOM   903  N N   . ALA B 1 34 ? 0.691   -9.712  21.053  1.00 37.20 ? 281 ALA B N   1 
ATOM   904  C CA  . ALA B 1 34 ? 0.333   -8.288  21.045  1.00 38.24 ? 281 ALA B CA  1 
ATOM   905  C C   . ALA B 1 34 ? 1.588   -7.457  20.845  1.00 39.15 ? 281 ALA B C   1 
ATOM   906  O O   . ALA B 1 34 ? 1.559   -6.392  20.233  1.00 39.05 ? 281 ALA B O   1 
ATOM   907  C CB  . ALA B 1 34 ? -0.359  -7.894  22.341  1.00 37.90 ? 281 ALA B CB  1 
ATOM   908  N N   . GLU B 1 35 ? 2.692   -7.967  21.373  1.00 40.58 ? 282 GLU B N   1 
ATOM   909  C CA  . GLU B 1 35 ? 4.002   -7.370  21.186  1.00 42.21 ? 282 GLU B CA  1 
ATOM   910  C C   . GLU B 1 35 ? 4.451   -7.450  19.710  1.00 42.54 ? 282 GLU B C   1 
ATOM   911  O O   . GLU B 1 35 ? 4.753   -6.430  19.098  1.00 42.76 ? 282 GLU B O   1 
ATOM   912  C CB  . GLU B 1 35 ? 5.005   -8.055  22.110  1.00 42.42 ? 282 GLU B CB  1 
ATOM   913  C CG  . GLU B 1 35 ? 5.984   -7.119  22.745  1.00 45.41 ? 282 GLU B CG  1 
ATOM   914  C CD  . GLU B 1 35 ? 7.361   -7.730  22.884  1.00 50.39 ? 282 GLU B CD  1 
ATOM   915  O OE1 . GLU B 1 35 ? 8.359   -6.988  22.660  1.00 52.65 ? 282 GLU B OE1 1 
ATOM   916  O OE2 . GLU B 1 35 ? 7.448   -8.944  23.208  1.00 51.07 ? 282 GLU B OE2 1 
ATOM   917  N N   . GLN B 1 36 ? 4.483   -8.659  19.149  1.00 43.14 ? 283 GLN B N   1 
ATOM   918  C CA  . GLN B 1 36 ? 4.720   -8.857  17.722  1.00 43.89 ? 283 GLN B CA  1 
ATOM   919  C C   . GLN B 1 36 ? 3.811   -7.983  16.862  1.00 44.13 ? 283 GLN B C   1 
ATOM   920  O O   . GLN B 1 36 ? 4.264   -7.392  15.889  1.00 44.12 ? 283 GLN B O   1 
ATOM   921  C CB  . GLN B 1 36 ? 4.541   -10.328 17.342  1.00 43.86 ? 283 GLN B CB  1 
ATOM   922  C CG  . GLN B 1 36 ? 5.811   -11.148 17.471  1.00 45.03 ? 283 GLN B CG  1 
ATOM   923  C CD  . GLN B 1 36 ? 5.565   -12.589 17.917  1.00 46.94 ? 283 GLN B CD  1 
ATOM   924  O OE1 . GLN B 1 36 ? 6.453   -13.212 18.495  1.00 47.66 ? 283 GLN B OE1 1 
ATOM   925  N NE2 . GLN B 1 36 ? 4.361   -13.121 17.657  1.00 47.04 ? 283 GLN B NE2 1 
ATOM   926  N N   . HIS B 1 37 ? 2.534   -7.898  17.226  1.00 44.68 ? 284 HIS B N   1 
ATOM   927  C CA  . HIS B 1 37 ? 1.619   -7.040  16.499  1.00 45.31 ? 284 HIS B CA  1 
ATOM   928  C C   . HIS B 1 37 ? 2.104   -5.608  16.549  1.00 45.22 ? 284 HIS B C   1 
ATOM   929  O O   . HIS B 1 37 ? 2.098   -4.921  15.529  1.00 45.47 ? 284 HIS B O   1 
ATOM   930  C CB  . HIS B 1 37 ? 0.178   -7.111  17.013  1.00 45.57 ? 284 HIS B CB  1 
ATOM   931  C CG  . HIS B 1 37 ? -0.704  -6.059  16.409  1.00 47.67 ? 284 HIS B CG  1 
ATOM   932  N ND1 . HIS B 1 37 ? -0.974  -4.859  17.037  1.00 49.50 ? 284 HIS B ND1 1 
ATOM   933  C CD2 . HIS B 1 37 ? -1.311  -5.994  15.199  1.00 48.78 ? 284 HIS B CD2 1 
ATOM   934  C CE1 . HIS B 1 37 ? -1.736  -4.115  16.253  1.00 49.52 ? 284 HIS B CE1 1 
ATOM   935  N NE2 . HIS B 1 37 ? -1.957  -4.783  15.134  1.00 49.76 ? 284 HIS B NE2 1 
ATOM   936  N N   . ASN B 1 38 ? 2.517   -5.163  17.733  1.00 45.32 ? 285 ASN B N   1 
ATOM   937  C CA  . ASN B 1 38 ? 3.047   -3.809  17.909  1.00 45.41 ? 285 ASN B CA  1 
ATOM   938  C C   . ASN B 1 38 ? 4.295   -3.486  17.079  1.00 45.70 ? 285 ASN B C   1 
ATOM   939  O O   . ASN B 1 38 ? 4.433   -2.362  16.595  1.00 45.47 ? 285 ASN B O   1 
ATOM   940  C CB  . ASN B 1 38 ? 3.304   -3.516  19.379  1.00 44.96 ? 285 ASN B CB  1 
ATOM   941  C CG  . ASN B 1 38 ? 2.036   -3.195  20.136  1.00 44.78 ? 285 ASN B CG  1 
ATOM   942  O OD1 . ASN B 1 38 ? 1.104   -2.591  19.598  1.00 43.80 ? 285 ASN B OD1 1 
ATOM   943  N ND2 . ASN B 1 38 ? 1.995   -3.592  21.402  1.00 44.58 ? 285 ASN B ND2 1 
ATOM   944  N N   . ILE B 1 39 ? 5.194   -4.457  16.901  1.00 46.02 ? 286 ILE B N   1 
ATOM   945  C CA  . ILE B 1 39 ? 6.385   -4.195  16.096  1.00 46.68 ? 286 ILE B CA  1 
ATOM   946  C C   . ILE B 1 39 ? 5.985   -4.019  14.625  1.00 47.04 ? 286 ILE B C   1 
ATOM   947  O O   . ILE B 1 39 ? 6.203   -2.965  14.020  1.00 46.77 ? 286 ILE B O   1 
ATOM   948  C CB  . ILE B 1 39 ? 7.554   -5.240  16.309  1.00 46.67 ? 286 ILE B CB  1 
ATOM   949  C CG1 . ILE B 1 39 ? 7.539   -6.374  15.276  1.00 47.26 ? 286 ILE B CG1 1 
ATOM   950  C CG2 . ILE B 1 39 ? 7.612   -5.750  17.752  1.00 46.28 ? 286 ILE B CG2 1 
ATOM   951  C CD1 . ILE B 1 39 ? 8.401   -6.089  14.030  1.00 48.50 ? 286 ILE B CD1 1 
ATOM   952  N N   . VAL B 1 40 ? 5.355   -5.048  14.079  1.00 47.87 ? 287 VAL B N   1 
ATOM   953  C CA  . VAL B 1 40 ? 4.901   -5.051  12.697  1.00 48.47 ? 287 VAL B CA  1 
ATOM   954  C C   . VAL B 1 40 ? 4.070   -3.801  12.404  1.00 48.62 ? 287 VAL B C   1 
ATOM   955  O O   . VAL B 1 40 ? 4.062   -3.308  11.285  1.00 48.85 ? 287 VAL B O   1 
ATOM   956  C CB  . VAL B 1 40 ? 4.096   -6.327  12.386  1.00 48.43 ? 287 VAL B CB  1 
ATOM   957  C CG1 . VAL B 1 40 ? 3.549   -6.276  10.982  1.00 49.11 ? 287 VAL B CG1 1 
ATOM   958  C CG2 . VAL B 1 40 ? 4.979   -7.560  12.557  1.00 48.74 ? 287 VAL B CG2 1 
ATOM   959  N N   . MET B 1 41 ? 3.394   -3.275  13.418  1.00 48.84 ? 288 MET B N   1 
ATOM   960  C CA  . MET B 1 41 ? 2.568   -2.093  13.228  1.00 49.05 ? 288 MET B CA  1 
ATOM   961  C C   . MET B 1 41 ? 3.384   -0.802  13.113  1.00 49.20 ? 288 MET B C   1 
ATOM   962  O O   . MET B 1 41 ? 2.920   0.180   12.527  1.00 49.31 ? 288 MET B O   1 
ATOM   963  C CB  . MET B 1 41 ? 1.521   -1.982  14.326  1.00 48.87 ? 288 MET B CB  1 
ATOM   964  C CG  . MET B 1 41 ? 0.250   -1.323  13.849  1.00 49.64 ? 288 MET B CG  1 
ATOM   965  S SD  . MET B 1 41 ? -0.934  -2.393  12.993  1.00 50.35 ? 288 MET B SD  1 
ATOM   966  C CE  . MET B 1 41 ? 0.066   -3.476  11.966  1.00 48.60 ? 288 MET B CE  1 
ATOM   967  N N   . GLU B 1 42 ? 4.598   -0.807  13.664  1.00 49.17 ? 289 GLU B N   1 
ATOM   968  C CA  . GLU B 1 42 ? 5.513   0.326   13.506  1.00 49.21 ? 289 GLU B CA  1 
ATOM   969  C C   . GLU B 1 42 ? 5.954   0.474   12.044  1.00 48.72 ? 289 GLU B C   1 
ATOM   970  O O   . GLU B 1 42 ? 6.399   1.552   11.621  1.00 48.81 ? 289 GLU B O   1 
ATOM   971  C CB  . GLU B 1 42 ? 6.728   0.184   14.426  1.00 49.05 ? 289 GLU B CB  1 
ATOM   972  C CG  . GLU B 1 42 ? 6.481   0.692   15.842  1.00 50.06 ? 289 GLU B CG  1 
ATOM   973  C CD  . GLU B 1 42 ? 7.586   0.306   16.829  1.00 50.08 ? 289 GLU B CD  1 
ATOM   974  O OE1 . GLU B 1 42 ? 8.007   1.178   17.619  1.00 50.44 ? 289 GLU B OE1 1 
ATOM   975  O OE2 . GLU B 1 42 ? 8.017   -0.868  16.828  1.00 51.19 ? 289 GLU B OE2 1 
ATOM   976  N N   . THR B 1 43 ? 5.810   -0.613  11.284  1.00 47.89 ? 290 THR B N   1 
ATOM   977  C CA  . THR B 1 43 ? 6.182   -0.655  9.879   1.00 47.01 ? 290 THR B CA  1 
ATOM   978  C C   . THR B 1 43 ? 5.167   0.088   8.981   1.00 46.44 ? 290 THR B C   1 
ATOM   979  O O   . THR B 1 43 ? 5.508   0.521   7.877   1.00 46.55 ? 290 THR B O   1 
ATOM   980  C CB  . THR B 1 43 ? 6.417   -2.118  9.419   1.00 46.78 ? 290 THR B CB  1 
ATOM   981  O OG1 . THR B 1 43 ? 7.480   -2.158  8.468   1.00 48.26 ? 290 THR B OG1 1 
ATOM   982  C CG2 . THR B 1 43 ? 5.180   -2.731  8.804   1.00 46.37 ? 290 THR B CG2 1 
ATOM   983  N N   . VAL B 1 44 ? 3.937   0.253   9.477   1.00 45.47 ? 291 VAL B N   1 
ATOM   984  C CA  . VAL B 1 44 ? 2.840   0.895   8.735   1.00 44.15 ? 291 VAL B CA  1 
ATOM   985  C C   . VAL B 1 44 ? 3.134   2.325   8.281   1.00 43.32 ? 291 VAL B C   1 
ATOM   986  O O   . VAL B 1 44 ? 2.910   2.636   7.116   1.00 43.28 ? 291 VAL B O   1 
ATOM   987  C CB  . VAL B 1 44 ? 1.517   0.867   9.532   1.00 44.12 ? 291 VAL B CB  1 
ATOM   988  C CG1 . VAL B 1 44 ? 0.406   1.614   8.786   1.00 43.89 ? 291 VAL B CG1 1 
ATOM   989  C CG2 . VAL B 1 44 ? 1.114   -0.560  9.798   1.00 44.07 ? 291 VAL B CG2 1 
ATOM   990  N N   . PRO B 1 45 ? 3.613   3.204   9.190   1.00 42.50 ? 292 PRO B N   1 
ATOM   991  C CA  . PRO B 1 45 ? 3.976   4.561   8.734   1.00 41.65 ? 292 PRO B CA  1 
ATOM   992  C C   . PRO B 1 45 ? 4.871   4.583   7.478   1.00 40.48 ? 292 PRO B C   1 
ATOM   993  O O   . PRO B 1 45 ? 4.551   5.298   6.525   1.00 40.61 ? 292 PRO B O   1 
ATOM   994  C CB  . PRO B 1 45 ? 4.719   5.160   9.936   1.00 41.68 ? 292 PRO B CB  1 
ATOM   995  C CG  . PRO B 1 45 ? 4.168   4.433   11.108  1.00 42.37 ? 292 PRO B CG  1 
ATOM   996  C CD  . PRO B 1 45 ? 3.839   3.036   10.638  1.00 42.34 ? 292 PRO B CD  1 
ATOM   997  N N   . VAL B 1 46 ? 5.961   3.808   7.460   1.00 38.84 ? 293 VAL B N   1 
ATOM   998  C CA  . VAL B 1 46 ? 6.797   3.727   6.246   1.00 37.18 ? 293 VAL B CA  1 
ATOM   999  C C   . VAL B 1 46 ? 6.004   3.218   5.028   1.00 36.32 ? 293 VAL B C   1 
ATOM   1000 O O   . VAL B 1 46 ? 5.987   3.877   3.994   1.00 36.36 ? 293 VAL B O   1 
ATOM   1001 C CB  . VAL B 1 46 ? 8.210   3.022   6.443   1.00 36.91 ? 293 VAL B CB  1 
ATOM   1002 C CG1 . VAL B 1 46 ? 8.288   2.230   7.735   1.00 36.43 ? 293 VAL B CG1 1 
ATOM   1003 C CG2 . VAL B 1 46 ? 8.611   2.193   5.217   1.00 35.60 ? 293 VAL B CG2 1 
ATOM   1004 N N   . LEU B 1 47 ? 5.317   2.090   5.167   1.00 35.00 ? 294 LEU B N   1 
ATOM   1005 C CA  . LEU B 1 47 ? 4.498   1.563   4.073   1.00 34.09 ? 294 LEU B CA  1 
ATOM   1006 C C   . LEU B 1 47 ? 3.469   2.567   3.557   1.00 33.35 ? 294 LEU B C   1 
ATOM   1007 O O   . LEU B 1 47 ? 3.294   2.707   2.350   1.00 33.62 ? 294 LEU B O   1 
ATOM   1008 C CB  . LEU B 1 47 ? 3.852   0.226   4.456   1.00 33.86 ? 294 LEU B CB  1 
ATOM   1009 C CG  . LEU B 1 47 ? 4.926   -0.882  4.460   1.00 34.70 ? 294 LEU B CG  1 
ATOM   1010 C CD1 . LEU B 1 47 ? 4.795   -1.846  5.623   1.00 34.45 ? 294 LEU B CD1 1 
ATOM   1011 C CD2 . LEU B 1 47 ? 4.983   -1.642  3.135   1.00 35.44 ? 294 LEU B CD2 1 
ATOM   1012 N N   . LYS B 1 48 ? 2.808   3.274   4.468   1.00 32.37 ? 295 LYS B N   1 
ATOM   1013 C CA  . LYS B 1 48 ? 1.856   4.322   4.101   1.00 31.35 ? 295 LYS B CA  1 
ATOM   1014 C C   . LYS B 1 48 ? 2.545   5.437   3.303   1.00 30.50 ? 295 LYS B C   1 
ATOM   1015 O O   . LYS B 1 48 ? 2.026   5.885   2.275   1.00 30.09 ? 295 LYS B O   1 
ATOM   1016 C CB  . LYS B 1 48 ? 1.146   4.878   5.354   1.00 31.54 ? 295 LYS B CB  1 
ATOM   1017 C CG  . LYS B 1 48 ? 0.103   5.966   5.109   1.00 31.59 ? 295 LYS B CG  1 
ATOM   1018 C CD  . LYS B 1 48 ? -1.004  5.469   4.182   1.00 33.96 ? 295 LYS B CD  1 
ATOM   1019 C CE  . LYS B 1 48 ? -1.867  6.622   3.671   1.00 35.15 ? 295 LYS B CE  1 
ATOM   1020 N NZ  . LYS B 1 48 ? -2.721  6.193   2.521   1.00 36.24 ? 295 LYS B NZ  1 
ATOM   1021 N N   . ALA B 1 49 ? 3.709   5.872   3.772   1.00 29.44 ? 296 ALA B N   1 
ATOM   1022 C CA  . ALA B 1 49 ? 4.479   6.883   3.064   1.00 28.90 ? 296 ALA B CA  1 
ATOM   1023 C C   . ALA B 1 49 ? 4.851   6.416   1.652   1.00 28.39 ? 296 ALA B C   1 
ATOM   1024 O O   . ALA B 1 49 ? 4.554   7.090   0.664   1.00 28.39 ? 296 ALA B O   1 
ATOM   1025 C CB  . ALA B 1 49 ? 5.713   7.248   3.853   1.00 29.08 ? 296 ALA B CB  1 
ATOM   1026 N N   . GLN B 1 50 ? 5.485   5.250   1.564   1.00 27.84 ? 297 GLN B N   1 
ATOM   1027 C CA  . GLN B 1 50 ? 5.863   4.669   0.283   1.00 27.36 ? 297 GLN B CA  1 
ATOM   1028 C C   . GLN B 1 50 ? 4.688   4.589   -0.674  1.00 26.98 ? 297 GLN B C   1 
ATOM   1029 O O   . GLN B 1 50 ? 4.793   5.055   -1.795  1.00 27.52 ? 297 GLN B O   1 
ATOM   1030 C CB  . GLN B 1 50 ? 6.487   3.296   0.465   1.00 27.17 ? 297 GLN B CB  1 
ATOM   1031 C CG  . GLN B 1 50 ? 7.746   3.316   1.302   1.00 28.51 ? 297 GLN B CG  1 
ATOM   1032 C CD  . GLN B 1 50 ? 8.456   1.978   1.322   1.00 30.40 ? 297 GLN B CD  1 
ATOM   1033 O OE1 . GLN B 1 50 ? 7.829   0.915   1.389   1.00 31.13 ? 297 GLN B OE1 1 
ATOM   1034 N NE2 . GLN B 1 50 ? 9.778   2.025   1.259   1.00 31.65 ? 297 GLN B NE2 1 
ATOM   1035 N N   . ALA B 1 51 ? 3.571   4.029   -0.226  1.00 26.53 ? 298 ALA B N   1 
ATOM   1036 C CA  . ALA B 1 51 ? 2.388   3.866   -1.061  1.00 26.41 ? 298 ALA B CA  1 
ATOM   1037 C C   . ALA B 1 51 ? 1.859   5.202   -1.580  1.00 26.69 ? 298 ALA B C   1 
ATOM   1038 O O   . ALA B 1 51 ? 1.427   5.298   -2.721  1.00 26.32 ? 298 ALA B O   1 
ATOM   1039 C CB  . ALA B 1 51 ? 1.310   3.122   -0.290  1.00 26.29 ? 298 ALA B CB  1 
ATOM   1040 N N   . ASP B 1 52 ? 1.929   6.229   -0.736  1.00 27.47 ? 299 ASP B N   1 
ATOM   1041 C CA  . ASP B 1 52 ? 1.438   7.570   -1.047  1.00 28.07 ? 299 ASP B CA  1 
ATOM   1042 C C   . ASP B 1 52 ? 2.235   8.284   -2.112  1.00 27.74 ? 299 ASP B C   1 
ATOM   1043 O O   . ASP B 1 52 ? 1.658   8.843   -3.057  1.00 27.61 ? 299 ASP B O   1 
ATOM   1044 C CB  . ASP B 1 52 ? 1.455   8.439   0.207   1.00 28.60 ? 299 ASP B CB  1 
ATOM   1045 C CG  . ASP B 1 52 ? 0.221   8.245   1.071   1.00 31.57 ? 299 ASP B CG  1 
ATOM   1046 O OD1 . ASP B 1 52 ? -0.684  7.439   0.689   1.00 33.12 ? 299 ASP B OD1 1 
ATOM   1047 O OD2 . ASP B 1 52 ? 0.168   8.915   2.139   1.00 34.09 ? 299 ASP B OD2 1 
ATOM   1048 N N   . ILE B 1 53 ? 3.552   8.311   -1.953  1.00 27.26 ? 300 ILE B N   1 
ATOM   1049 C CA  . ILE B 1 53 ? 4.351   9.041   -2.921  1.00 27.50 ? 300 ILE B CA  1 
ATOM   1050 C C   . ILE B 1 53 ? 4.326   8.312   -4.282  1.00 27.36 ? 300 ILE B C   1 
ATOM   1051 O O   . ILE B 1 53 ? 4.184   8.949   -5.330  1.00 27.39 ? 300 ILE B O   1 
ATOM   1052 C CB  . ILE B 1 53 ? 5.812   9.402   -2.437  1.00 27.53 ? 300 ILE B CB  1 
ATOM   1053 C CG1 . ILE B 1 53 ? 6.836   8.418   -2.973  1.00 27.64 ? 300 ILE B CG1 1 
ATOM   1054 C CG2 . ILE B 1 53 ? 5.913   9.662   -0.926  1.00 27.11 ? 300 ILE B CG2 1 
ATOM   1055 C CD1 . ILE B 1 53 ? 7.232   8.774   -4.380  1.00 27.27 ? 300 ILE B CD1 1 
ATOM   1056 N N   . TYR B 1 54 ? 4.413   6.983   -4.250  1.00 27.08 ? 301 TYR B N   1 
ATOM   1057 C CA  . TYR B 1 54 ? 4.345   6.171   -5.468  1.00 27.02 ? 301 TYR B CA  1 
ATOM   1058 C C   . TYR B 1 54 ? 3.011   6.269   -6.194  1.00 27.09 ? 301 TYR B C   1 
ATOM   1059 O O   . TYR B 1 54 ? 2.953   6.026   -7.388  1.00 27.22 ? 301 TYR B O   1 
ATOM   1060 C CB  . TYR B 1 54 ? 4.610   4.703   -5.165  1.00 26.81 ? 301 TYR B CB  1 
ATOM   1061 C CG  . TYR B 1 54 ? 6.059   4.341   -4.951  1.00 26.82 ? 301 TYR B CG  1 
ATOM   1062 C CD1 . TYR B 1 54 ? 7.049   4.790   -5.823  1.00 26.44 ? 301 TYR B CD1 1 
ATOM   1063 C CD2 . TYR B 1 54 ? 6.433   3.509   -3.895  1.00 25.24 ? 301 TYR B CD2 1 
ATOM   1064 C CE1 . TYR B 1 54 ? 8.378   4.435   -5.625  1.00 27.38 ? 301 TYR B CE1 1 
ATOM   1065 C CE2 . TYR B 1 54 ? 7.747   3.145   -3.693  1.00 25.41 ? 301 TYR B CE2 1 
ATOM   1066 C CZ  . TYR B 1 54 ? 8.718   3.605   -4.556  1.00 26.68 ? 301 TYR B CZ  1 
ATOM   1067 O OH  . TYR B 1 54 ? 10.034  3.240   -4.355  1.00 26.61 ? 301 TYR B OH  1 
ATOM   1068 N N   . LYS B 1 55 ? 1.942   6.582   -5.469  1.00 27.35 ? 302 LYS B N   1 
ATOM   1069 C CA  . LYS B 1 55 ? 0.650   6.835   -6.090  1.00 27.75 ? 302 LYS B CA  1 
ATOM   1070 C C   . LYS B 1 55 ? 0.581   8.260   -6.664  1.00 27.66 ? 302 LYS B C   1 
ATOM   1071 O O   . LYS B 1 55 ? -0.013  8.476   -7.726  1.00 27.26 ? 302 LYS B O   1 
ATOM   1072 C CB  . LYS B 1 55 ? -0.504  6.565   -5.106  1.00 28.02 ? 302 LYS B CB  1 
ATOM   1073 C CG  . LYS B 1 55 ? -1.887  6.937   -5.651  1.00 29.58 ? 302 LYS B CG  1 
ATOM   1074 C CD  . LYS B 1 55 ? -3.004  6.061   -5.124  1.00 33.24 ? 302 LYS B CD  1 
ATOM   1075 C CE  . LYS B 1 55 ? -3.760  6.702   -3.943  1.00 34.76 ? 302 LYS B CE  1 
ATOM   1076 N NZ  . LYS B 1 55 ? -5.092  6.014   -3.796  1.00 35.50 ? 302 LYS B NZ  1 
ATOM   1077 N N   . ALA B 1 56 ? 1.180   9.224   -5.964  1.00 27.85 ? 303 ALA B N   1 
ATOM   1078 C CA  . ALA B 1 56 ? 1.218   10.603  -6.450  1.00 28.30 ? 303 ALA B CA  1 
ATOM   1079 C C   . ALA B 1 56 ? 2.066   10.712  -7.727  1.00 28.87 ? 303 ALA B C   1 
ATOM   1080 O O   . ALA B 1 56 ? 1.649   11.330  -8.703  1.00 29.06 ? 303 ALA B O   1 
ATOM   1081 C CB  . ALA B 1 56 ? 1.732   11.529  -5.381  1.00 28.24 ? 303 ALA B CB  1 
ATOM   1082 N N   . ASP B 1 57 ? 3.242   10.086  -7.727  1.00 29.09 ? 304 ASP B N   1 
ATOM   1083 C CA  . ASP B 1 57 ? 4.068   10.006  -8.927  1.00 29.36 ? 304 ASP B CA  1 
ATOM   1084 C C   . ASP B 1 57 ? 3.398   9.292   -10.083 1.00 30.26 ? 304 ASP B C   1 
ATOM   1085 O O   . ASP B 1 57 ? 3.483   9.751   -11.220 1.00 30.44 ? 304 ASP B O   1 
ATOM   1086 C CB  . ASP B 1 57 ? 5.365   9.281   -8.632  1.00 28.77 ? 304 ASP B CB  1 
ATOM   1087 C CG  . ASP B 1 57 ? 6.261   10.068  -7.744  1.00 27.19 ? 304 ASP B CG  1 
ATOM   1088 O OD1 . ASP B 1 57 ? 5.906   11.227  -7.406  1.00 24.78 ? 304 ASP B OD1 1 
ATOM   1089 O OD2 . ASP B 1 57 ? 7.316   9.514   -7.377  1.00 23.87 ? 304 ASP B OD2 1 
ATOM   1090 N N   . PHE B 1 58 ? 2.766   8.155   -9.810  1.00 30.99 ? 305 PHE B N   1 
ATOM   1091 C CA  . PHE B 1 58 ? 2.151   7.403   -10.885 1.00 31.97 ? 305 PHE B CA  1 
ATOM   1092 C C   . PHE B 1 58 ? 1.140   8.289   -11.568 1.00 32.59 ? 305 PHE B C   1 
ATOM   1093 O O   . PHE B 1 58 ? 1.030   8.282   -12.787 1.00 32.73 ? 305 PHE B O   1 
ATOM   1094 C CB  . PHE B 1 58 ? 1.466   6.121   -10.404 1.00 32.08 ? 305 PHE B CB  1 
ATOM   1095 C CG  . PHE B 1 58 ? 0.443   5.601   -11.373 1.00 32.48 ? 305 PHE B CG  1 
ATOM   1096 C CD1 . PHE B 1 58 ? 0.824   5.172   -12.647 1.00 33.57 ? 305 PHE B CD1 1 
ATOM   1097 C CD2 . PHE B 1 58 ? -0.900  5.581   -11.041 1.00 32.28 ? 305 PHE B CD2 1 
ATOM   1098 C CE1 . PHE B 1 58 ? -0.128  4.716   -13.561 1.00 33.11 ? 305 PHE B CE1 1 
ATOM   1099 C CE2 . PHE B 1 58 ? -1.848  5.125   -11.947 1.00 32.16 ? 305 PHE B CE2 1 
ATOM   1100 C CZ  . PHE B 1 58 ? -1.461  4.691   -13.206 1.00 32.24 ? 305 PHE B CZ  1 
ATOM   1101 N N   . GLN B 1 59 ? 0.408   9.057   -10.771 1.00 33.61 ? 306 GLN B N   1 
ATOM   1102 C CA  . GLN B 1 59 ? -0.628  9.924   -11.297 1.00 34.45 ? 306 GLN B CA  1 
ATOM   1103 C C   . GLN B 1 59 ? -0.049  11.108  -12.045 1.00 35.02 ? 306 GLN B C   1 
ATOM   1104 O O   . GLN B 1 59 ? -0.671  11.589  -12.984 1.00 35.36 ? 306 GLN B O   1 
ATOM   1105 C CB  . GLN B 1 59 ? -1.560  10.378  -10.186 1.00 34.09 ? 306 GLN B CB  1 
ATOM   1106 C CG  . GLN B 1 59 ? -2.731  9.450   -10.051 1.00 35.19 ? 306 GLN B CG  1 
ATOM   1107 C CD  . GLN B 1 59 ? -3.269  9.322   -8.634  1.00 35.61 ? 306 GLN B CD  1 
ATOM   1108 O OE1 . GLN B 1 59 ? -3.902  8.323   -8.309  1.00 37.17 ? 306 GLN B OE1 1 
ATOM   1109 N NE2 . GLN B 1 59 ? -3.022  10.317  -7.792  1.00 34.09 ? 306 GLN B NE2 1 
ATOM   1110 N N   . ALA B 1 60 ? 1.131   11.570  -11.629 1.00 35.71 ? 307 ALA B N   1 
ATOM   1111 C CA  . ALA B 1 60 ? 1.803   12.685  -12.291 1.00 36.64 ? 307 ALA B CA  1 
ATOM   1112 C C   . ALA B 1 60 ? 2.384   12.217  -13.631 1.00 37.63 ? 307 ALA B C   1 
ATOM   1113 O O   . ALA B 1 60 ? 2.250   12.912  -14.635 1.00 37.46 ? 307 ALA B O   1 
ATOM   1114 C CB  . ALA B 1 60 ? 2.873   13.292  -11.395 1.00 35.88 ? 307 ALA B CB  1 
ATOM   1115 N N   . GLU B 1 61 ? 2.993   11.026  -13.639 1.00 38.96 ? 308 GLU B N   1 
ATOM   1116 C CA  . GLU B 1 61 ? 3.477   10.383  -14.865 1.00 40.04 ? 308 GLU B CA  1 
ATOM   1117 C C   . GLU B 1 61 ? 2.375   10.269  -15.881 1.00 41.05 ? 308 GLU B C   1 
ATOM   1118 O O   . GLU B 1 61 ? 2.488   10.822  -16.967 1.00 41.77 ? 308 GLU B O   1 
ATOM   1119 C CB  . GLU B 1 61 ? 4.027   8.981   -14.603 1.00 39.68 ? 308 GLU B CB  1 
ATOM   1120 C CG  . GLU B 1 61 ? 5.463   8.928   -14.165 1.00 40.14 ? 308 GLU B CG  1 
ATOM   1121 C CD  . GLU B 1 61 ? 6.330   9.979   -14.827 1.00 41.24 ? 308 GLU B CD  1 
ATOM   1122 O OE1 . GLU B 1 61 ? 6.812   9.761   -15.962 1.00 41.77 ? 308 GLU B OE1 1 
ATOM   1123 O OE2 . GLU B 1 61 ? 6.548   11.032  -14.192 1.00 41.69 ? 308 GLU B OE2 1 
ATOM   1124 N N   . ARG B 1 62 ? 1.312   9.553   -15.520 1.00 42.12 ? 309 ARG B N   1 
ATOM   1125 C CA  . ARG B 1 62 ? 0.173   9.349   -16.401 1.00 43.24 ? 309 ARG B CA  1 
ATOM   1126 C C   . ARG B 1 62 ? -0.453  10.669  -16.827 1.00 43.96 ? 309 ARG B C   1 
ATOM   1127 O O   . ARG B 1 62 ? -0.957  10.775  -17.936 1.00 44.30 ? 309 ARG B O   1 
ATOM   1128 C CB  . ARG B 1 62 ? -0.869  8.451   -15.742 1.00 43.34 ? 309 ARG B CB  1 
ATOM   1129 C CG  . ARG B 1 62 ? -2.202  8.434   -16.461 1.00 43.83 ? 309 ARG B CG  1 
ATOM   1130 C CD  . ARG B 1 62 ? -3.063  7.286   -16.006 1.00 45.63 ? 309 ARG B CD  1 
ATOM   1131 N NE  . ARG B 1 62 ? -3.724  7.423   -14.691 1.00 47.42 ? 309 ARG B NE  1 
ATOM   1132 C CZ  . ARG B 1 62 ? -3.790  8.506   -13.903 1.00 47.65 ? 309 ARG B CZ  1 
ATOM   1133 N NH1 . ARG B 1 62 ? -3.219  9.670   -14.228 1.00 47.47 ? 309 ARG B NH1 1 
ATOM   1134 N NH2 . ARG B 1 62 ? -4.441  8.405   -12.749 1.00 46.94 ? 309 ARG B NH2 1 
ATOM   1135 N N   . HIS B 1 63 ? -0.410  11.667  -15.952 1.00 44.63 ? 310 HIS B N   1 
ATOM   1136 C CA  . HIS B 1 63 ? -0.894  12.992  -16.285 1.00 45.54 ? 310 HIS B CA  1 
ATOM   1137 C C   . HIS B 1 63 ? -0.050  13.576  -17.413 1.00 45.87 ? 310 HIS B C   1 
ATOM   1138 O O   . HIS B 1 63 ? -0.559  13.891  -18.480 1.00 45.91 ? 310 HIS B O   1 
ATOM   1139 C CB  . HIS B 1 63 ? -0.866  13.890  -15.045 1.00 45.74 ? 310 HIS B CB  1 
ATOM   1140 C CG  . HIS B 1 63 ? -1.294  15.299  -15.301 1.00 48.04 ? 310 HIS B CG  1 
ATOM   1141 N ND1 . HIS B 1 63 ? -2.412  15.617  -16.046 1.00 50.72 ? 310 HIS B ND1 1 
ATOM   1142 C CD2 . HIS B 1 63 ? -0.764  16.479  -14.896 1.00 49.90 ? 310 HIS B CD2 1 
ATOM   1143 C CE1 . HIS B 1 63 ? -2.541  16.932  -16.101 1.00 51.28 ? 310 HIS B CE1 1 
ATOM   1144 N NE2 . HIS B 1 63 ? -1.556  17.479  -15.409 1.00 51.07 ? 310 HIS B NE2 1 
ATOM   1145 N N   . ALA B 1 64 ? 1.252   13.678  -17.181 1.00 46.63 ? 311 ALA B N   1 
ATOM   1146 C CA  . ALA B 1 64 ? 2.170   14.298  -18.123 1.00 47.28 ? 311 ALA B CA  1 
ATOM   1147 C C   . ALA B 1 64 ? 2.239   13.530  -19.439 1.00 47.99 ? 311 ALA B C   1 
ATOM   1148 O O   . ALA B 1 64 ? 2.608   14.095  -20.474 1.00 48.09 ? 311 ALA B O   1 
ATOM   1149 C CB  . ALA B 1 64 ? 3.553   14.418  -17.500 1.00 47.13 ? 311 ALA B CB  1 
ATOM   1150 N N   . ARG B 1 65 ? 1.886   12.246  -19.390 1.00 48.78 ? 312 ARG B N   1 
ATOM   1151 C CA  . ARG B 1 65 ? 1.854   11.394  -20.572 1.00 49.63 ? 312 ARG B CA  1 
ATOM   1152 C C   . ARG B 1 65 ? 0.573   11.572  -21.369 1.00 50.59 ? 312 ARG B C   1 
ATOM   1153 O O   . ARG B 1 65 ? 0.593   11.469  -22.593 1.00 50.66 ? 312 ARG B O   1 
ATOM   1154 C CB  . ARG B 1 65 ? 1.988   9.932   -20.194 1.00 49.34 ? 312 ARG B CB  1 
ATOM   1155 C CG  . ARG B 1 65 ? 2.305   9.072   -21.386 1.00 49.85 ? 312 ARG B CG  1 
ATOM   1156 C CD  . ARG B 1 65 ? 1.563   7.761   -21.362 1.00 51.01 ? 312 ARG B CD  1 
ATOM   1157 N NE  . ARG B 1 65 ? 0.113   7.932   -21.352 1.00 51.56 ? 312 ARG B NE  1 
ATOM   1158 C CZ  . ARG B 1 65 ? -0.743  6.917   -21.402 1.00 52.68 ? 312 ARG B CZ  1 
ATOM   1159 N NH1 . ARG B 1 65 ? -2.052  7.149   -21.380 1.00 52.91 ? 312 ARG B NH1 1 
ATOM   1160 N NH2 . ARG B 1 65 ? -0.285  5.667   -21.477 1.00 52.94 ? 312 ARG B NH2 1 
ATOM   1161 N N   . GLU B 1 66 ? -0.542  11.804  -20.670 1.00 51.88 ? 313 GLU B N   1 
ATOM   1162 C CA  . GLU B 1 66 ? -1.817  12.142  -21.303 1.00 53.16 ? 313 GLU B CA  1 
ATOM   1163 C C   . GLU B 1 66 ? -1.614  13.398  -22.137 1.00 53.62 ? 313 GLU B C   1 
ATOM   1164 O O   . GLU B 1 66 ? -2.078  13.483  -23.280 1.00 53.91 ? 313 GLU B O   1 
ATOM   1165 C CB  . GLU B 1 66 ? -2.887  12.445  -20.251 1.00 52.87 ? 313 GLU B CB  1 
ATOM   1166 C CG  . GLU B 1 66 ? -3.486  11.241  -19.538 1.00 53.91 ? 313 GLU B CG  1 
ATOM   1167 C CD  . GLU B 1 66 ? -4.186  11.614  -18.215 1.00 54.52 ? 313 GLU B CD  1 
ATOM   1168 O OE1 . GLU B 1 66 ? -4.158  12.806  -17.798 1.00 56.05 ? 313 GLU B OE1 1 
ATOM   1169 O OE2 . GLU B 1 66 ? -4.765  10.701  -17.584 1.00 56.60 ? 313 GLU B OE2 1 
ATOM   1170 N N   . LYS B 1 67 ? -0.897  14.350  -21.537 1.00 54.06 ? 314 LYS B N   1 
ATOM   1171 C CA  . LYS B 1 67 ? -0.601  15.659  -22.098 1.00 54.59 ? 314 LYS B CA  1 
ATOM   1172 C C   . LYS B 1 67 ? 0.345   15.578  -23.308 1.00 55.04 ? 314 LYS B C   1 
ATOM   1173 O O   . LYS B 1 67 ? 0.314   16.434  -24.197 1.00 55.07 ? 314 LYS B O   1 
ATOM   1174 C CB  . LYS B 1 67 ? 0.020   16.509  -20.997 1.00 54.47 ? 314 LYS B CB  1 
ATOM   1175 C CG  . LYS B 1 67 ? -0.054  17.995  -21.222 1.00 55.43 ? 314 LYS B CG  1 
ATOM   1176 C CD  . LYS B 1 67 ? 1.201   18.690  -20.686 1.00 56.80 ? 314 LYS B CD  1 
ATOM   1177 C CE  . LYS B 1 67 ? 1.414   18.427  -19.198 1.00 57.28 ? 314 LYS B CE  1 
ATOM   1178 N NZ  . LYS B 1 67 ? 0.411   19.165  -18.372 1.00 58.05 ? 314 LYS B NZ  1 
ATOM   1179 N N   . LEU B 1 68 ? 1.197   14.554  -23.322 1.00 55.74 ? 315 LEU B N   1 
ATOM   1180 C CA  . LEU B 1 68 ? 2.025   14.248  -24.480 1.00 56.30 ? 315 LEU B CA  1 
ATOM   1181 C C   . LEU B 1 68 ? 1.172   13.797  -25.652 1.00 56.93 ? 315 LEU B C   1 
ATOM   1182 O O   . LEU B 1 68 ? 1.379   14.263  -26.770 1.00 57.22 ? 315 LEU B O   1 
ATOM   1183 C CB  . LEU B 1 68 ? 3.068   13.163  -24.172 1.00 56.18 ? 315 LEU B CB  1 
ATOM   1184 C CG  . LEU B 1 68 ? 4.578   13.472  -24.180 1.00 56.07 ? 315 LEU B CG  1 
ATOM   1185 C CD1 . LEU B 1 68 ? 4.954   14.637  -25.103 1.00 55.24 ? 315 LEU B CD1 1 
ATOM   1186 C CD2 . LEU B 1 68 ? 5.109   13.717  -22.781 1.00 55.86 ? 315 LEU B CD2 1 
ATOM   1187 N N   . VAL B 1 69 ? 0.224   12.891  -25.401 1.00 57.71 ? 316 VAL B N   1 
ATOM   1188 C CA  . VAL B 1 69 ? -0.652  12.379  -26.461 1.00 58.43 ? 316 VAL B CA  1 
ATOM   1189 C C   . VAL B 1 69 ? -1.364  13.523  -27.173 1.00 58.98 ? 316 VAL B C   1 
ATOM   1190 O O   . VAL B 1 69 ? -1.343  13.574  -28.399 1.00 59.21 ? 316 VAL B O   1 
ATOM   1191 C CB  . VAL B 1 69 ? -1.658  11.295  -25.961 1.00 58.49 ? 316 VAL B CB  1 
ATOM   1192 C CG1 . VAL B 1 69 ? -2.851  11.152  -26.915 1.00 58.23 ? 316 VAL B CG1 1 
ATOM   1193 C CG2 . VAL B 1 69 ? -0.960  9.948   -25.799 1.00 58.17 ? 316 VAL B CG2 1 
ATOM   1194 N N   . GLU B 1 70 ? -1.942  14.454  -26.409 1.00 59.67 ? 317 GLU B N   1 
ATOM   1195 C CA  . GLU B 1 70 ? -2.625  15.619  -26.985 1.00 60.58 ? 317 GLU B CA  1 
ATOM   1196 C C   . GLU B 1 70 ? -1.674  16.549  -27.764 1.00 60.72 ? 317 GLU B C   1 
ATOM   1197 O O   . GLU B 1 70 ? -2.032  17.042  -28.832 1.00 60.92 ? 317 GLU B O   1 
ATOM   1198 C CB  . GLU B 1 70 ? -3.453  16.377  -25.928 1.00 60.42 ? 317 GLU B CB  1 
ATOM   1199 C CG  . GLU B 1 70 ? -2.729  17.501  -25.174 1.00 61.26 ? 317 GLU B CG  1 
ATOM   1200 C CD  . GLU B 1 70 ? -3.455  17.938  -23.891 1.00 61.65 ? 317 GLU B CD  1 
ATOM   1201 O OE1 . GLU B 1 70 ? -3.250  19.102  -23.465 1.00 62.12 ? 317 GLU B OE1 1 
ATOM   1202 O OE2 . GLU B 1 70 ? -4.216  17.118  -23.307 1.00 62.73 ? 317 GLU B OE2 1 
ATOM   1203 N N   . LYS B 1 71 ? -0.463  16.761  -27.248 1.00 60.98 ? 318 LYS B N   1 
ATOM   1204 C CA  . LYS B 1 71 ? 0.536   17.573  -27.949 1.00 61.17 ? 318 LYS B CA  1 
ATOM   1205 C C   . LYS B 1 71 ? 1.110   16.884  -29.211 1.00 61.39 ? 318 LYS B C   1 
ATOM   1206 O O   . LYS B 1 71 ? 1.671   17.547  -30.092 1.00 61.27 ? 318 LYS B O   1 
ATOM   1207 C CB  . LYS B 1 71 ? 1.643   18.027  -26.984 1.00 61.06 ? 318 LYS B CB  1 
ATOM   1208 C CG  . LYS B 1 71 ? 2.726   18.871  -27.644 1.00 61.17 ? 318 LYS B CG  1 
ATOM   1209 C CD  . LYS B 1 71 ? 3.323   19.940  -26.736 1.00 60.80 ? 318 LYS B CD  1 
ATOM   1210 C CE  . LYS B 1 71 ? 4.463   20.687  -27.457 1.00 61.11 ? 318 LYS B CE  1 
ATOM   1211 N NZ  . LYS B 1 71 ? 4.232   20.944  -28.933 1.00 59.48 ? 318 LYS B NZ  1 
ATOM   1212 N N   . LYS B 1 72 ? 0.938   15.566  -29.303 1.00 61.64 ? 319 LYS B N   1 
ATOM   1213 C CA  . LYS B 1 72 ? 1.431   14.782  -30.437 1.00 61.80 ? 319 LYS B CA  1 
ATOM   1214 C C   . LYS B 1 72 ? 0.369   14.606  -31.527 1.00 62.37 ? 319 LYS B C   1 
ATOM   1215 O O   . LYS B 1 72 ? 0.714   14.476  -32.703 1.00 62.40 ? 319 LYS B O   1 
ATOM   1216 C CB  . LYS B 1 72 ? 1.996   13.440  -29.948 1.00 61.51 ? 319 LYS B CB  1 
ATOM   1217 C CG  . LYS B 1 72 ? 2.218   12.366  -30.998 1.00 60.77 ? 319 LYS B CG  1 
ATOM   1218 C CD  . LYS B 1 72 ? 1.060   11.384  -31.018 1.00 59.75 ? 319 LYS B CD  1 
ATOM   1219 C CE  . LYS B 1 72 ? 1.459   10.055  -31.623 1.00 59.53 ? 319 LYS B CE  1 
ATOM   1220 N NZ  . LYS B 1 72 ? 0.353   9.055   -31.553 1.00 59.53 ? 319 LYS B NZ  1 
ATOM   1221 N N   . GLU B 1 73 ? -0.912  14.600  -31.143 1.00 63.00 ? 320 GLU B N   1 
ATOM   1222 C CA  . GLU B 1 73 ? -2.007  14.580  -32.124 1.00 63.61 ? 320 GLU B CA  1 
ATOM   1223 C C   . GLU B 1 73 ? -1.917  15.876  -32.917 1.00 63.83 ? 320 GLU B C   1 
ATOM   1224 O O   . GLU B 1 73 ? -2.052  15.881  -34.136 1.00 63.88 ? 320 GLU B O   1 
ATOM   1225 C CB  . GLU B 1 73 ? -3.401  14.518  -31.468 1.00 63.69 ? 320 GLU B CB  1 
ATOM   1226 C CG  . GLU B 1 73 ? -3.555  13.689  -30.186 1.00 64.52 ? 320 GLU B CG  1 
ATOM   1227 C CD  . GLU B 1 73 ? -4.092  12.271  -30.407 1.00 65.52 ? 320 GLU B CD  1 
ATOM   1228 O OE1 . GLU B 1 73 ? -3.295  11.359  -30.739 1.00 65.73 ? 320 GLU B OE1 1 
ATOM   1229 O OE2 . GLU B 1 73 ? -5.313  12.063  -30.210 1.00 65.59 ? 320 GLU B OE2 1 
ATOM   1230 N N   . TYR B 1 74 ? -1.668  16.961  -32.188 1.00 64.18 ? 321 TYR B N   1 
ATOM   1231 C CA  . TYR B 1 74 ? -1.564  18.317  -32.708 1.00 64.70 ? 321 TYR B CA  1 
ATOM   1232 C C   . TYR B 1 74 ? -0.452  18.479  -33.744 1.00 64.78 ? 321 TYR B C   1 
ATOM   1233 O O   . TYR B 1 74 ? -0.616  19.176  -34.750 1.00 64.59 ? 321 TYR B O   1 
ATOM   1234 C CB  . TYR B 1 74 ? -1.318  19.261  -31.530 1.00 65.06 ? 321 TYR B CB  1 
ATOM   1235 C CG  . TYR B 1 74 ? -1.052  20.701  -31.894 1.00 66.06 ? 321 TYR B CG  1 
ATOM   1236 C CD1 . TYR B 1 74 ? 0.242   21.235  -31.813 1.00 67.09 ? 321 TYR B CD1 1 
ATOM   1237 C CD2 . TYR B 1 74 ? -2.094  21.541  -32.299 1.00 66.87 ? 321 TYR B CD2 1 
ATOM   1238 C CE1 . TYR B 1 74 ? 0.494   22.580  -32.137 1.00 67.44 ? 321 TYR B CE1 1 
ATOM   1239 C CE2 . TYR B 1 74 ? -1.857  22.883  -32.626 1.00 67.49 ? 321 TYR B CE2 1 
ATOM   1240 C CZ  . TYR B 1 74 ? -0.563  23.399  -32.543 1.00 67.06 ? 321 TYR B CZ  1 
ATOM   1241 O OH  . TYR B 1 74 ? -0.335  24.724  -32.869 1.00 66.32 ? 321 TYR B OH  1 
ATOM   1242 N N   . LEU B 1 75 ? 0.677   17.830  -33.478 1.00 65.11 ? 322 LEU B N   1 
ATOM   1243 C CA  . LEU B 1 75 ? 1.868   17.931  -34.313 1.00 65.13 ? 322 LEU B CA  1 
ATOM   1244 C C   . LEU B 1 75 ? 1.706   17.082  -35.569 1.00 65.58 ? 322 LEU B C   1 
ATOM   1245 O O   . LEU B 1 75 ? 2.390   17.306  -36.558 1.00 65.65 ? 322 LEU B O   1 
ATOM   1246 C CB  . LEU B 1 75 ? 3.109   17.502  -33.513 1.00 64.98 ? 322 LEU B CB  1 
ATOM   1247 C CG  . LEU B 1 75 ? 4.323   18.439  -33.417 1.00 64.56 ? 322 LEU B CG  1 
ATOM   1248 C CD1 . LEU B 1 75 ? 3.943   19.814  -32.897 1.00 64.08 ? 322 LEU B CD1 1 
ATOM   1249 C CD2 . LEU B 1 75 ? 5.379   17.841  -32.522 1.00 64.68 ? 322 LEU B CD2 1 
ATOM   1250 N N   . GLN B 1 76 ? 0.784   16.121  -35.523 1.00 66.21 ? 323 GLN B N   1 
ATOM   1251 C CA  . GLN B 1 76 ? 0.515   15.216  -36.645 1.00 66.79 ? 323 GLN B CA  1 
ATOM   1252 C C   . GLN B 1 76 ? -0.367  15.899  -37.692 1.00 67.23 ? 323 GLN B C   1 
ATOM   1253 O O   . GLN B 1 76 ? -0.396  15.493  -38.858 1.00 67.15 ? 323 GLN B O   1 
ATOM   1254 C CB  . GLN B 1 76 ? -0.145  13.930  -36.135 1.00 66.74 ? 323 GLN B CB  1 
ATOM   1255 C CG  . GLN B 1 76 ? 0.511   12.648  -36.639 1.00 67.03 ? 323 GLN B CG  1 
ATOM   1256 C CD  . GLN B 1 76 ? 0.823   11.652  -35.510 1.00 67.54 ? 323 GLN B CD  1 
ATOM   1257 O OE1 . GLN B 1 76 ? 0.035   11.473  -34.573 1.00 67.40 ? 323 GLN B OE1 1 
ATOM   1258 N NE2 . GLN B 1 76 ? 1.979   10.999  -35.605 1.00 67.05 ? 323 GLN B NE2 1 
ATOM   1259 N N   . GLU B 1 77 ? -1.074  16.940  -37.253 1.00 67.83 ? 324 GLU B N   1 
ATOM   1260 C CA  . GLU B 1 77 ? -1.939  17.753  -38.106 1.00 68.45 ? 324 GLU B CA  1 
ATOM   1261 C C   . GLU B 1 77 ? -1.246  19.066  -38.464 1.00 68.80 ? 324 GLU B C   1 
ATOM   1262 O O   . GLU B 1 77 ? -1.810  19.913  -39.170 1.00 69.01 ? 324 GLU B O   1 
ATOM   1263 C CB  . GLU B 1 77 ? -3.260  18.057  -37.395 1.00 68.46 ? 324 GLU B CB  1 
ATOM   1264 C CG  . GLU B 1 77 ? -4.043  16.836  -36.926 1.00 68.68 ? 324 GLU B CG  1 
ATOM   1265 C CD  . GLU B 1 77 ? -5.095  17.192  -35.893 1.00 68.95 ? 324 GLU B CD  1 
ATOM   1266 O OE1 . GLU B 1 77 ? -5.313  18.403  -35.660 1.00 69.29 ? 324 GLU B OE1 1 
ATOM   1267 O OE2 . GLU B 1 77 ? -5.700  16.265  -35.312 1.00 69.10 ? 324 GLU B OE2 1 
ATOM   1268 N N   . GLN B 1 78 ? -0.038  19.246  -37.945 1.00 69.04 ? 325 GLN B N   1 
ATOM   1269 C CA  . GLN B 1 78 ? 0.794   20.360  -38.345 1.00 69.48 ? 325 GLN B CA  1 
ATOM   1270 C C   . GLN B 1 78 ? 1.643   19.893  -39.513 1.00 69.55 ? 325 GLN B C   1 
ATOM   1271 O O   . GLN B 1 78 ? 2.003   20.685  -40.379 1.00 69.63 ? 325 GLN B O   1 
ATOM   1272 C CB  . GLN B 1 78 ? 1.679   20.816  -37.190 1.00 69.66 ? 325 GLN B CB  1 
ATOM   1273 C CG  . GLN B 1 78 ? 1.642   22.309  -36.942 1.00 70.43 ? 325 GLN B CG  1 
ATOM   1274 C CD  . GLN B 1 78 ? 0.366   22.754  -36.231 1.00 72.16 ? 325 GLN B CD  1 
ATOM   1275 O OE1 . GLN B 1 78 ? -0.530  21.943  -35.952 1.00 72.42 ? 325 GLN B OE1 1 
ATOM   1276 N NE2 . GLN B 1 78 ? 0.279   24.051  -35.931 1.00 72.51 ? 325 GLN B NE2 1 
ATOM   1277 N N   . LEU B 1 79 ? 1.961   18.600  -39.519 1.00 69.54 ? 326 LEU B N   1 
ATOM   1278 C CA  . LEU B 1 79 ? 2.606   17.962  -40.653 1.00 69.72 ? 326 LEU B CA  1 
ATOM   1279 C C   . LEU B 1 79 ? 1.601   17.736  -41.769 1.00 69.94 ? 326 LEU B C   1 
ATOM   1280 O O   . LEU B 1 79 ? 1.857   18.094  -42.920 1.00 70.05 ? 326 LEU B O   1 
ATOM   1281 C CB  . LEU B 1 79 ? 3.211   16.617  -40.258 1.00 69.57 ? 326 LEU B CB  1 
ATOM   1282 C CG  . LEU B 1 79 ? 4.707   16.460  -39.983 1.00 69.86 ? 326 LEU B CG  1 
ATOM   1283 C CD1 . LEU B 1 79 ? 5.080   15.006  -40.275 1.00 69.77 ? 326 LEU B CD1 1 
ATOM   1284 C CD2 . LEU B 1 79 ? 5.589   17.418  -40.796 1.00 69.47 ? 326 LEU B CD2 1 
ATOM   1285 N N   . GLU B 1 80 ? 0.465   17.131  -41.418 1.00 70.14 ? 327 GLU B N   1 
ATOM   1286 C CA  . GLU B 1 80 ? -0.588  16.814  -42.374 1.00 70.30 ? 327 GLU B CA  1 
ATOM   1287 C C   . GLU B 1 80 ? -0.957  18.057  -43.190 1.00 70.15 ? 327 GLU B C   1 
ATOM   1288 O O   . GLU B 1 80 ? -1.077  17.987  -44.410 1.00 70.00 ? 327 GLU B O   1 
ATOM   1289 C CB  . GLU B 1 80 ? -1.825  16.261  -41.650 1.00 70.48 ? 327 GLU B CB  1 
ATOM   1290 C CG  . GLU B 1 80 ? -2.505  15.078  -42.349 1.00 71.26 ? 327 GLU B CG  1 
ATOM   1291 C CD  . GLU B 1 80 ? -2.099  13.720  -41.769 1.00 72.98 ? 327 GLU B CD  1 
ATOM   1292 O OE1 . GLU B 1 80 ? -2.419  13.455  -40.583 1.00 73.89 ? 327 GLU B OE1 1 
ATOM   1293 O OE2 . GLU B 1 80 ? -1.481  12.910  -42.498 1.00 72.79 ? 327 GLU B OE2 1 
ATOM   1294 N N   . GLN B 1 81 ? -1.102  19.187  -42.502 1.00 70.16 ? 328 GLN B N   1 
ATOM   1295 C CA  . GLN B 1 81 ? -1.476  20.453  -43.130 1.00 70.24 ? 328 GLN B CA  1 
ATOM   1296 C C   . GLN B 1 81 ? -0.326  21.112  -43.900 1.00 70.03 ? 328 GLN B C   1 
ATOM   1297 O O   . GLN B 1 81 ? -0.568  21.829  -44.877 1.00 70.19 ? 328 GLN B O   1 
ATOM   1298 C CB  . GLN B 1 81 ? -2.053  21.422  -42.090 1.00 70.21 ? 328 GLN B CB  1 
ATOM   1299 C CG  . GLN B 1 81 ? -2.629  22.711  -42.678 1.00 70.55 ? 328 GLN B CG  1 
ATOM   1300 C CD  . GLN B 1 81 ? -3.516  23.464  -41.701 1.00 70.59 ? 328 GLN B CD  1 
ATOM   1301 O OE1 . GLN B 1 81 ? -3.385  23.323  -40.477 1.00 71.17 ? 328 GLN B OE1 1 
ATOM   1302 N NE2 . GLN B 1 81 ? -4.430  24.266  -42.237 1.00 70.54 ? 328 GLN B NE2 1 
ATOM   1303 N N   . LEU B 1 82 ? 0.912   20.883  -43.464 1.00 69.67 ? 329 LEU B N   1 
ATOM   1304 C CA  . LEU B 1 82 ? 2.064   21.462  -44.153 1.00 69.48 ? 329 LEU B CA  1 
ATOM   1305 C C   . LEU B 1 82 ? 2.437   20.679  -45.408 1.00 69.34 ? 329 LEU B C   1 
ATOM   1306 O O   . LEU B 1 82 ? 3.009   21.241  -46.342 1.00 69.48 ? 329 LEU B O   1 
ATOM   1307 C CB  . LEU B 1 82 ? 3.281   21.592  -43.234 1.00 69.41 ? 329 LEU B CB  1 
ATOM   1308 C CG  . LEU B 1 82 ? 4.401   22.477  -43.802 1.00 69.63 ? 329 LEU B CG  1 
ATOM   1309 C CD1 . LEU B 1 82 ? 4.128   23.960  -43.545 1.00 69.30 ? 329 LEU B CD1 1 
ATOM   1310 C CD2 . LEU B 1 82 ? 5.769   22.068  -43.265 1.00 69.86 ? 329 LEU B CD2 1 
ATOM   1311 N N   . GLN B 1 83 ? 2.119   19.388  -45.420 1.00 69.08 ? 330 GLN B N   1 
ATOM   1312 C CA  . GLN B 1 83 ? 2.345   18.547  -46.591 1.00 68.71 ? 330 GLN B CA  1 
ATOM   1313 C C   . GLN B 1 83 ? 1.344   18.857  -47.704 1.00 68.38 ? 330 GLN B C   1 
ATOM   1314 O O   . GLN B 1 83 ? 1.695   18.826  -48.880 1.00 68.04 ? 330 GLN B O   1 
ATOM   1315 C CB  . GLN B 1 83 ? 2.296   17.072  -46.202 1.00 68.76 ? 330 GLN B CB  1 
ATOM   1316 C CG  . GLN B 1 83 ? 3.666   16.455  -45.958 1.00 69.28 ? 330 GLN B CG  1 
ATOM   1317 C CD  . GLN B 1 83 ? 4.178   15.658  -47.152 1.00 70.29 ? 330 GLN B CD  1 
ATOM   1318 O OE1 . GLN B 1 83 ? 5.324   15.821  -47.582 1.00 70.60 ? 330 GLN B OE1 1 
ATOM   1319 N NE2 . GLN B 1 83 ? 3.325   14.786  -47.694 1.00 70.44 ? 330 GLN B NE2 1 
ATOM   1320 N N   . ARG B 1 84 ? 0.106   19.171  -47.326 1.00 68.24 ? 331 ARG B N   1 
ATOM   1321 C CA  . ARG B 1 84 ? -0.923  19.529  -48.302 1.00 68.22 ? 331 ARG B CA  1 
ATOM   1322 C C   . ARG B 1 84 ? -0.792  20.965  -48.813 1.00 67.86 ? 331 ARG B C   1 
ATOM   1323 O O   . ARG B 1 84 ? -1.166  21.266  -49.953 1.00 67.85 ? 331 ARG B O   1 
ATOM   1324 C CB  . ARG B 1 84 ? -2.346  19.228  -47.794 1.00 68.41 ? 331 ARG B CB  1 
ATOM   1325 C CG  . ARG B 1 84 ? -2.696  19.756  -46.421 1.00 69.44 ? 331 ARG B CG  1 
ATOM   1326 C CD  . ARG B 1 84 ? -4.203  19.822  -46.230 1.00 71.04 ? 331 ARG B CD  1 
ATOM   1327 N NE  . ARG B 1 84 ? -4.725  21.100  -46.709 1.00 72.52 ? 331 ARG B NE  1 
ATOM   1328 C CZ  . ARG B 1 84 ? -5.935  21.281  -47.237 1.00 73.25 ? 331 ARG B CZ  1 
ATOM   1329 N NH1 . ARG B 1 84 ? -6.777  20.257  -47.374 1.00 73.89 ? 331 ARG B NH1 1 
ATOM   1330 N NH2 . ARG B 1 84 ? -6.300  22.492  -47.641 1.00 72.79 ? 331 ARG B NH2 1 
ATOM   1331 N N   . GLU B 1 85 ? -0.263  21.846  -47.967 1.00 67.31 ? 332 GLU B N   1 
ATOM   1332 C CA  . GLU B 1 85 ? 0.057   23.203  -48.378 1.00 66.67 ? 332 GLU B CA  1 
ATOM   1333 C C   . GLU B 1 85 ? 1.284   23.181  -49.291 1.00 66.06 ? 332 GLU B C   1 
ATOM   1334 O O   . GLU B 1 85 ? 1.392   23.977  -50.218 1.00 66.13 ? 332 GLU B O   1 
ATOM   1335 C CB  . GLU B 1 85 ? 0.302   24.085  -47.156 1.00 66.69 ? 332 GLU B CB  1 
ATOM   1336 C CG  . GLU B 1 85 ? 0.091   25.574  -47.407 1.00 67.88 ? 332 GLU B CG  1 
ATOM   1337 C CD  . GLU B 1 85 ? -1.381  25.965  -47.501 1.00 69.54 ? 332 GLU B CD  1 
ATOM   1338 O OE1 . GLU B 1 85 ? -2.085  25.920  -46.470 1.00 70.89 ? 332 GLU B OE1 1 
ATOM   1339 O OE2 . GLU B 1 85 ? -1.837  26.338  -48.603 1.00 69.68 ? 332 GLU B OE2 1 
ATOM   1340 N N   . PHE B 1 86 ? 2.186   22.244  -49.028 1.00 65.35 ? 333 PHE B N   1 
ATOM   1341 C CA  . PHE B 1 86 ? 3.434   22.094  -49.774 1.00 64.80 ? 333 PHE B CA  1 
ATOM   1342 C C   . PHE B 1 86 ? 3.239   21.392  -51.116 1.00 64.72 ? 333 PHE B C   1 
ATOM   1343 O O   . PHE B 1 86 ? 3.867   21.760  -52.113 1.00 64.77 ? 333 PHE B O   1 
ATOM   1344 C CB  . PHE B 1 86 ? 4.439   21.318  -48.916 1.00 64.55 ? 333 PHE B CB  1 
ATOM   1345 C CG  . PHE B 1 86 ? 5.744   21.014  -49.597 1.00 63.88 ? 333 PHE B CG  1 
ATOM   1346 C CD1 . PHE B 1 86 ? 6.802   21.924  -49.541 1.00 63.28 ? 333 PHE B CD1 1 
ATOM   1347 C CD2 . PHE B 1 86 ? 5.934   19.796  -50.254 1.00 63.14 ? 333 PHE B CD2 1 
ATOM   1348 C CE1 . PHE B 1 86 ? 8.028   21.639  -50.154 1.00 63.03 ? 333 PHE B CE1 1 
ATOM   1349 C CE2 . PHE B 1 86 ? 7.150   19.500  -50.872 1.00 63.38 ? 333 PHE B CE2 1 
ATOM   1350 C CZ  . PHE B 1 86 ? 8.201   20.424  -50.821 1.00 63.40 ? 333 PHE B CZ  1 
ATOM   1351 N N   . ASN B 1 87 ? 2.384   20.371  -51.132 1.00 64.52 ? 334 ASN B N   1 
ATOM   1352 C CA  . ASN B 1 87 ? 2.158   19.557  -52.327 1.00 64.09 ? 334 ASN B CA  1 
ATOM   1353 C C   . ASN B 1 87 ? 1.500   20.327  -53.476 1.00 63.94 ? 334 ASN B C   1 
ATOM   1354 O O   . ASN B 1 87 ? 1.777   20.061  -54.654 1.00 63.64 ? 334 ASN B O   1 
ATOM   1355 C CB  . ASN B 1 87 ? 1.366   18.292  -51.978 1.00 63.99 ? 334 ASN B CB  1 
ATOM   1356 C CG  . ASN B 1 87 ? 2.269   17.108  -51.643 1.00 64.05 ? 334 ASN B CG  1 
ATOM   1357 O OD1 . ASN B 1 87 ? 2.048   15.995  -52.122 1.00 64.44 ? 334 ASN B OD1 1 
ATOM   1358 N ND2 . ASN B 1 87 ? 3.299   17.346  -50.832 1.00 64.32 ? 334 ASN B ND2 1 
ATOM   1359 N N   . LYS B 1 88 ? 0.655   21.294  -53.117 1.00 63.79 ? 335 LYS B N   1 
ATOM   1360 C CA  . LYS B 1 88 ? -0.007  22.157  -54.094 1.00 63.66 ? 335 LYS B CA  1 
ATOM   1361 C C   . LYS B 1 88 ? 0.950   23.075  -54.883 1.00 63.64 ? 335 LYS B C   1 
ATOM   1362 O O   . LYS B 1 88 ? 0.538   23.682  -55.873 1.00 63.51 ? 335 LYS B O   1 
ATOM   1363 C CB  . LYS B 1 88 ? -1.181  22.922  -53.456 1.00 63.65 ? 335 LYS B CB  1 
ATOM   1364 C CG  . LYS B 1 88 ? -0.833  24.156  -52.656 1.00 63.62 ? 335 LYS B CG  1 
ATOM   1365 C CD  . LYS B 1 88 ? -2.109  24.883  -52.248 1.00 63.80 ? 335 LYS B CD  1 
ATOM   1366 C CE  . LYS B 1 88 ? -1.820  26.300  -51.764 1.00 64.27 ? 335 LYS B CE  1 
ATOM   1367 N NZ  . LYS B 1 88 ? -3.048  27.009  -51.282 1.00 64.18 ? 335 LYS B NZ  1 
ATOM   1368 N N   . LEU B 1 89 ? 2.217   23.152  -54.461 1.00 63.61 ? 336 LEU B N   1 
ATOM   1369 C CA  . LEU B 1 89 ? 3.261   23.862  -55.221 1.00 63.57 ? 336 LEU B CA  1 
ATOM   1370 C C   . LEU B 1 89 ? 4.186   22.924  -56.032 1.00 63.71 ? 336 LEU B C   1 
ATOM   1371 O O   . LEU B 1 89 ? 4.104   22.882  -57.266 1.00 63.86 ? 336 LEU B O   1 
ATOM   1372 C CB  . LEU B 1 89 ? 4.050   24.817  -54.323 1.00 63.35 ? 336 LEU B CB  1 
ATOM   1373 C CG  . LEU B 1 89 ? 3.320   26.126  -54.002 1.00 63.50 ? 336 LEU B CG  1 
ATOM   1374 C CD1 . LEU B 1 89 ? 2.494   26.023  -52.728 1.00 63.64 ? 336 LEU B CD1 1 
ATOM   1375 C CD2 . LEU B 1 89 ? 4.307   27.270  -53.887 1.00 63.78 ? 336 LEU B CD2 1 
ATOM   1376 N N   . LYS B 1 90 ? 5.059   22.183  -55.349 1.00 63.65 ? 337 LYS B N   1 
ATOM   1377 C CA  . LYS B 1 90 ? 5.842   21.108  -55.975 1.00 63.69 ? 337 LYS B CA  1 
ATOM   1378 C C   . LYS B 1 90 ? 6.466   21.495  -57.327 1.00 63.68 ? 337 LYS B C   1 
ATOM   1379 O O   . LYS B 1 90 ? 5.980   21.110  -58.399 1.00 63.65 ? 337 LYS B O   1 
ATOM   1380 C CB  . LYS B 1 90 ? 4.972   19.854  -56.114 1.00 63.66 ? 337 LYS B CB  1 
ATOM   1381 C CG  . LYS B 1 90 ? 5.735   18.540  -56.199 1.00 63.62 ? 337 LYS B CG  1 
ATOM   1382 C CD  . LYS B 1 90 ? 4.782   17.339  -56.103 1.00 63.92 ? 337 LYS B CD  1 
ATOM   1383 C CE  . LYS B 1 90 ? 4.146   17.196  -54.707 1.00 64.04 ? 337 LYS B CE  1 
ATOM   1384 N NZ  . LYS B 1 90 ? 5.146   17.128  -53.581 1.00 63.12 ? 337 LYS B NZ  1 
HETATM 1385 O O   . HOH C 2 .  ? 13.391  5.242   -10.548 1.00 3.36  ? 4   HOH A O   1 
HETATM 1386 O O   . HOH C 2 .  ? 12.191  1.344   -28.662 1.00 59.42 ? 5   HOH A O   1 
HETATM 1387 O O   . HOH C 2 .  ? 6.934   -4.310  -0.714  1.00 34.75 ? 6   HOH A O   1 
HETATM 1388 O O   . HOH C 2 .  ? -13.994 -11.475 19.051  1.00 63.50 ? 7   HOH A O   1 
HETATM 1389 O O   . HOH C 2 .  ? 5.182   -9.684  -0.457  1.00 44.87 ? 10  HOH A O   1 
HETATM 1390 O O   . HOH C 2 .  ? 6.142   15.632  -20.758 1.00 33.91 ? 13  HOH A O   1 
HETATM 1391 O O   . HOH C 2 .  ? -10.501 -11.252 7.393   1.00 33.26 ? 16  HOH A O   1 
HETATM 1392 O O   . HOH C 2 .  ? -3.437  0.457   -11.436 1.00 42.90 ? 17  HOH A O   1 
HETATM 1393 O O   . HOH C 2 .  ? -7.466  -20.720 23.393  1.00 53.39 ? 18  HOH A O   1 
HETATM 1394 O O   . HOH C 2 .  ? 4.911   6.661   -31.840 1.00 39.37 ? 19  HOH A O   1 
HETATM 1395 O O   . HOH C 2 .  ? -2.890  -1.782  20.530  1.00 36.96 ? 20  HOH A O   1 
HETATM 1396 O O   . HOH C 2 .  ? -13.621 -9.688  48.759  1.00 59.13 ? 27  HOH A O   1 
HETATM 1397 O O   . HOH C 2 .  ? 10.844  16.548  -27.125 1.00 43.22 ? 31  HOH A O   1 
HETATM 1398 O O   . HOH C 2 .  ? -13.423 -15.956 44.776  1.00 61.46 ? 32  HOH A O   1 
HETATM 1399 O O   . HOH C 2 .  ? 17.204  14.361  -30.682 1.00 65.46 ? 33  HOH A O   1 
HETATM 1400 O O   . HOH C 2 .  ? -14.017 -12.502 42.048  1.00 44.93 ? 36  HOH A O   1 
HETATM 1401 O O   . HOH C 2 .  ? -6.097  -13.009 11.385  1.00 41.02 ? 39  HOH A O   1 
HETATM 1402 O O   . HOH C 2 .  ? 9.380   7.129   -41.353 1.00 50.42 ? 40  HOH A O   1 
HETATM 1403 O O   . HOH C 2 .  ? 8.513   21.103  -27.157 1.00 45.12 ? 41  HOH A O   1 
HETATM 1404 O O   . HOH C 2 .  ? 7.781   15.963  -14.669 1.00 28.67 ? 42  HOH A O   1 
HETATM 1405 O O   . HOH C 2 .  ? 12.853  3.566   -7.912  1.00 53.99 ? 44  HOH A O   1 
HETATM 1406 O O   . HOH C 2 .  ? 14.233  1.498   -7.971  1.00 31.11 ? 45  HOH A O   1 
HETATM 1407 O O   . HOH C 2 .  ? 10.454  3.872   -16.891 1.00 24.55 ? 48  HOH A O   1 
HETATM 1408 O O   . HOH C 2 .  ? 15.984  25.530  -46.358 1.00 48.08 ? 50  HOH A O   1 
HETATM 1409 O O   . HOH C 2 .  ? 13.039  23.907  -51.287 1.00 51.33 ? 51  HOH A O   1 
HETATM 1410 O O   . HOH C 2 .  ? -5.609  -2.675  16.735  1.00 50.83 ? 54  HOH A O   1 
HETATM 1411 O O   . HOH C 2 .  ? -15.417 -8.850  26.997  1.00 43.56 ? 55  HOH A O   1 
HETATM 1412 O O   . HOH C 2 .  ? -15.055 -10.567 34.533  0.50 2.00  ? 57  HOH A O   1 
HETATM 1413 O O   . HOH C 2 .  ? -0.200  1.825   -16.061 1.00 53.60 ? 58  HOH A O   1 
HETATM 1414 O O   . HOH C 2 .  ? -0.595  -3.494  -12.687 1.00 39.88 ? 60  HOH A O   1 
HETATM 1415 O O   . HOH C 2 .  ? 13.735  3.117   -24.951 1.00 57.21 ? 61  HOH A O   1 
HETATM 1416 O O   . HOH C 2 .  ? -14.803 -14.211 27.909  1.00 27.64 ? 62  HOH A O   1 
HETATM 1417 O O   . HOH C 2 .  ? -4.059  -8.834  22.555  1.00 22.06 ? 63  HOH A O   1 
HETATM 1418 O O   . HOH C 2 .  ? -17.349 -26.306 51.263  1.00 48.79 ? 64  HOH A O   1 
HETATM 1419 O O   . HOH C 2 .  ? -4.942  2.413   5.271   1.00 38.57 ? 65  HOH A O   1 
HETATM 1420 O O   . HOH C 2 .  ? -5.906  -21.192 58.640  1.00 40.04 ? 67  HOH A O   1 
HETATM 1421 O O   . HOH C 2 .  ? -12.250 -16.250 49.804  1.00 47.53 ? 68  HOH A O   1 
HETATM 1422 O O   . HOH C 2 .  ? -7.361  -27.492 57.889  1.00 53.50 ? 69  HOH A O   1 
HETATM 1423 O O   . HOH D 2 .  ? 10.360  1.881   -1.983  1.00 31.14 ? 1   HOH B O   1 
HETATM 1424 O O   . HOH D 2 .  ? -8.371  -32.927 39.762  1.00 46.72 ? 2   HOH B O   1 
HETATM 1425 O O   . HOH D 2 .  ? 8.142   7.387   -8.167  1.00 18.48 ? 3   HOH B O   1 
HETATM 1426 O O   . HOH D 2 .  ? 8.412   10.542  -14.255 1.00 15.89 ? 8   HOH B O   1 
HETATM 1427 O O   . HOH D 2 .  ? -4.457  11.257  -11.911 1.00 41.04 ? 9   HOH B O   1 
HETATM 1428 O O   . HOH D 2 .  ? -2.492  4.894   -0.307  1.00 24.29 ? 11  HOH B O   1 
HETATM 1429 O O   . HOH D 2 .  ? -6.816  3.523   -4.387  1.00 36.64 ? 12  HOH B O   1 
HETATM 1430 O O   . HOH D 2 .  ? -1.776  -9.923  17.525  1.00 20.52 ? 14  HOH B O   1 
HETATM 1431 O O   . HOH D 2 .  ? -3.362  -17.591 20.852  1.00 25.30 ? 15  HOH B O   1 
HETATM 1432 O O   . HOH D 2 .  ? -1.070  9.471   -2.737  1.00 46.31 ? 21  HOH B O   1 
HETATM 1433 O O   . HOH D 2 .  ? -5.675  13.939  -26.274 1.00 56.31 ? 22  HOH B O   1 
HETATM 1434 O O   . HOH D 2 .  ? 2.448   -6.262  24.021  1.00 40.81 ? 23  HOH B O   1 
HETATM 1435 O O   . HOH D 2 .  ? 0.549   13.625  -8.073  1.00 22.09 ? 24  HOH B O   1 
HETATM 1436 O O   . HOH D 2 .  ? 0.936   24.413  -43.078 1.00 46.53 ? 25  HOH B O   1 
HETATM 1437 O O   . HOH D 2 .  ? -5.335  -31.747 44.550  1.00 45.00 ? 26  HOH B O   1 
HETATM 1438 O O   . HOH D 2 .  ? 1.346   -6.338  26.052  1.00 36.61 ? 28  HOH B O   1 
HETATM 1439 O O   . HOH D 2 .  ? -12.288 -35.896 41.268  1.00 61.34 ? 29  HOH B O   1 
HETATM 1440 O O   . HOH D 2 .  ? -8.256  -22.605 30.118  1.00 50.68 ? 30  HOH B O   1 
HETATM 1441 O O   . HOH D 2 .  ? -13.519 -35.752 46.095  1.00 26.90 ? 34  HOH B O   1 
HETATM 1442 O O   . HOH D 2 .  ? -0.820  15.220  -54.133 1.00 78.90 ? 35  HOH B O   1 
HETATM 1443 O O   . HOH D 2 .  ? 2.290   -14.125 37.494  1.00 31.37 ? 37  HOH B O   1 
HETATM 1444 O O   . HOH D 2 .  ? -0.227  -7.943  13.423  1.00 23.72 ? 38  HOH B O   1 
HETATM 1445 O O   . HOH D 2 .  ? 2.566   15.670  -14.077 1.00 25.07 ? 43  HOH B O   1 
HETATM 1446 O O   . HOH D 2 .  ? -4.568  5.307   -9.503  1.00 30.35 ? 46  HOH B O   1 
HETATM 1447 O O   . HOH D 2 .  ? -4.799  5.514   -13.877 1.00 32.92 ? 47  HOH B O   1 
HETATM 1448 O O   . HOH D 2 .  ? 8.971   19.305  -55.815 1.00 46.03 ? 49  HOH B O   1 
HETATM 1449 O O   . HOH D 2 .  ? 1.212   5.867   -24.352 1.00 71.13 ? 52  HOH B O   1 
HETATM 1450 O O   . HOH D 2 .  ? -6.968  10.436  -15.912 1.00 40.26 ? 53  HOH B O   1 
HETATM 1451 O O   . HOH D 2 .  ? -11.787 -26.417 45.099  1.00 25.95 ? 56  HOH B O   1 
HETATM 1452 O O   . HOH D 2 .  ? -2.779  -10.767 20.901  1.00 21.33 ? 59  HOH B O   1 
HETATM 1453 O O   . HOH D 2 .  ? 2.633   -11.346 31.346  1.00 42.02 ? 66  HOH B O   1 
# 
